data_8JG5
#
_entry.id   8JG5
#
_cell.length_a   1.00
_cell.length_b   1.00
_cell.length_c   1.00
_cell.angle_alpha   90.00
_cell.angle_beta   90.00
_cell.angle_gamma   90.00
#
_symmetry.space_group_name_H-M   'P 1'
#
loop_
_entity.id
_entity.type
_entity.pdbx_description
1 polymer VP1
2 polymer VH,SARAH
3 polymer VL,SARAH
#
loop_
_entity_poly.entity_id
_entity_poly.type
_entity_poly.pdbx_seq_one_letter_code
_entity_poly.pdbx_strand_id
1 'polypeptide(L)'
;MASKDATPSADGATGAGQLVPEVNTADPIPIDPVAGSSTAAPVAGQVNLIDPWIINNFVQAPQGEFTISPNNTPGDVLFD
LQLGPHLNPFLSHLSQMYNGWVGNMRVRVVLAGNAFTAGKVIICCVPPGFQSRTLSIAQATLFPHVIADVRTLDPVEVPL
EDVRNVLYHNNDTQPTMRLLCMLYTPLRTGGASGGTDSFVVAGRVLTCPGPDFNFLFLVPPTVEQKTRPFTVPNIPLKYL
SNSRIPNPIEGMSLSPDQTQNVQFQNGRCTIDGQPLGTTPVSVSQLCKFRGRITSGQRVLNLTELDGSPFMAFAAPAPAG
FPDLGSCDWHIEMSKIPNSSTQNNPIVTNSVKPNSQQFVPHLSSITLDENVSSGGDYIGTIQWTSPPSDSGGANTNFWKI
PDYGSSLAEASQLAPAVYPPGFNEVIVYFMASIPGPNQSGSPNLVPCLLPQEYITHFISEQAPIQGEAALLHYVDPDTNR
NLGEFKLYPGGYLTCVPNSSSTGPQQLPLDGVFVFASWVSRFYQLKPVGTAGPARGRLGVRR
;
A,B,G
2 'polypeptide(L)'
;GSSGSSGEVQLVESGAEVKKPGASVKVSCKASGYTFTSLYMHWVRQAPGQGLEWMGMINPSGGGTWNAQKFQGRVTMTRD
TSTSTVYMELRSLRSDDTAMYYCARDSDQYSQGLGYWGQGTLVTVCSGSDYEFLKSWTVEDLQKRLLALDPMMEQEIEEI
RQKYQSKRQPILDAIEAK
;
C,E
3 'polypeptide(L)'
;GSSGSSGQSALTQPASVSGSPGQSITISCTGTSSDVGGYNYVSWYQQHPGKAPKLMIYDVSKRPSGVSNRFSGSKSGNTA
SLTISGLQAKDEADYYCSSYTSSSTWVFGGGTKLTVLGGSDYEFLKSWTVEDLQKRLLALDPMMEQEIEEIRQKYQCKRQ
PILDAIEAK
;
D,F
#
# COMPACT_ATOMS: atom_id res chain seq x y z
N ASN A 48 36.71 8.90 -35.21
CA ASN A 48 36.91 8.05 -34.05
C ASN A 48 37.37 6.68 -34.48
N LEU A 49 38.28 6.09 -33.72
CA LEU A 49 38.79 4.76 -33.99
C LEU A 49 38.48 3.83 -32.81
N ILE A 50 37.96 2.65 -33.13
CA ILE A 50 37.75 1.64 -32.10
C ILE A 50 39.09 1.09 -31.65
N ASP A 51 39.14 0.59 -30.43
CA ASP A 51 40.36 -0.03 -29.92
C ASP A 51 40.77 -1.18 -30.84
N PRO A 52 42.03 -1.24 -31.28
CA PRO A 52 42.42 -2.26 -32.25
C PRO A 52 42.19 -3.69 -31.78
N TRP A 53 42.25 -3.94 -30.48
CA TRP A 53 41.99 -5.30 -30.00
C TRP A 53 40.56 -5.73 -30.30
N ILE A 54 39.61 -4.81 -30.18
CA ILE A 54 38.22 -5.14 -30.52
C ILE A 54 38.10 -5.48 -31.99
N ILE A 55 38.81 -4.74 -32.84
CA ILE A 55 38.72 -4.96 -34.28
C ILE A 55 39.33 -6.31 -34.67
N ASN A 56 40.26 -6.83 -33.87
CA ASN A 56 40.99 -8.03 -34.24
C ASN A 56 40.59 -9.28 -33.47
N ASN A 57 39.70 -9.17 -32.48
CA ASN A 57 39.32 -10.31 -31.67
C ASN A 57 37.80 -10.45 -31.63
N PHE A 58 37.33 -11.68 -31.75
CA PHE A 58 35.91 -11.98 -31.64
C PHE A 58 35.53 -12.17 -30.19
N VAL A 59 34.36 -11.65 -29.81
CA VAL A 59 33.82 -11.83 -28.48
C VAL A 59 32.38 -12.33 -28.60
N GLN A 60 31.91 -12.98 -27.55
CA GLN A 60 30.58 -13.57 -27.57
C GLN A 60 29.51 -12.48 -27.56
N ALA A 61 28.57 -12.56 -28.48
CA ALA A 61 27.52 -11.58 -28.57
C ALA A 61 26.56 -11.72 -27.39
N PRO A 62 25.87 -10.63 -27.04
CA PRO A 62 24.77 -10.76 -26.06
C PRO A 62 23.65 -11.66 -26.53
N GLN A 63 23.57 -11.96 -27.83
CA GLN A 63 22.63 -12.94 -28.35
C GLN A 63 23.36 -14.19 -28.85
N GLY A 64 24.53 -14.48 -28.28
CA GLY A 64 25.35 -15.56 -28.81
C GLY A 64 25.09 -16.92 -28.20
N GLU A 65 23.84 -17.25 -27.90
CA GLU A 65 23.57 -18.63 -27.44
C GLU A 65 22.47 -19.23 -28.31
N PHE A 66 22.73 -20.37 -28.94
CA PHE A 66 21.67 -21.06 -29.71
C PHE A 66 21.88 -22.56 -29.59
N THR A 67 20.80 -23.34 -29.72
CA THR A 67 20.90 -24.80 -29.56
C THR A 67 20.26 -25.50 -30.75
N ILE A 68 20.95 -26.49 -31.33
CA ILE A 68 20.32 -27.29 -32.42
C ILE A 68 19.93 -28.61 -31.78
N SER A 69 18.64 -28.97 -31.84
CA SER A 69 18.17 -30.17 -31.11
C SER A 69 17.55 -31.17 -32.09
N PRO A 70 17.68 -32.49 -31.87
CA PRO A 70 17.04 -33.47 -32.73
C PRO A 70 15.62 -33.04 -33.09
N ASN A 71 14.89 -32.41 -32.15
CA ASN A 71 13.53 -32.02 -32.43
C ASN A 71 13.49 -30.63 -33.06
N ASN A 72 14.24 -30.44 -34.14
CA ASN A 72 14.27 -29.17 -34.86
C ASN A 72 14.18 -29.49 -36.34
N THR A 73 13.02 -29.22 -36.95
CA THR A 73 12.85 -29.47 -38.36
C THR A 73 13.71 -28.51 -39.18
N PRO A 74 14.08 -28.90 -40.40
CA PRO A 74 14.81 -27.96 -41.26
C PRO A 74 14.00 -26.70 -41.51
N GLY A 75 14.70 -25.57 -41.52
CA GLY A 75 14.07 -24.28 -41.68
C GLY A 75 13.81 -23.53 -40.39
N ASP A 76 13.93 -24.19 -39.25
CA ASP A 76 13.76 -23.51 -37.97
C ASP A 76 14.87 -22.50 -37.76
N VAL A 77 14.51 -21.33 -37.24
CA VAL A 77 15.47 -20.25 -37.05
C VAL A 77 16.19 -20.51 -35.72
N LEU A 78 17.47 -20.83 -35.80
CA LEU A 78 18.25 -21.04 -34.58
C LEU A 78 18.51 -19.74 -33.85
N PHE A 79 19.03 -18.75 -34.59
CA PHE A 79 19.32 -17.42 -34.01
C PHE A 79 19.10 -16.35 -35.08
N ASP A 80 18.45 -15.25 -34.71
CA ASP A 80 18.26 -14.13 -35.67
C ASP A 80 18.95 -12.91 -35.09
N LEU A 81 19.90 -12.34 -35.81
CA LEU A 81 20.68 -11.19 -35.28
C LEU A 81 20.48 -10.01 -36.22
N GLN A 82 20.08 -8.84 -35.69
CA GLN A 82 19.99 -7.65 -36.55
C GLN A 82 21.28 -6.85 -36.36
N LEU A 83 21.95 -6.47 -37.45
CA LEU A 83 23.23 -5.79 -37.37
C LEU A 83 23.12 -4.50 -36.58
N GLY A 84 24.05 -4.29 -35.66
CA GLY A 84 24.10 -3.11 -34.85
C GLY A 84 25.20 -3.19 -33.81
N PRO A 85 25.46 -2.08 -33.13
CA PRO A 85 26.49 -2.10 -32.08
C PRO A 85 26.14 -2.99 -30.92
N HIS A 86 24.86 -3.31 -30.72
CA HIS A 86 24.45 -4.16 -29.62
C HIS A 86 24.93 -5.60 -29.77
N LEU A 87 25.38 -5.98 -30.96
CA LEU A 87 25.86 -7.34 -31.17
C LEU A 87 27.16 -7.61 -30.41
N ASN A 88 27.87 -6.58 -29.99
CA ASN A 88 29.17 -6.76 -29.35
C ASN A 88 29.15 -6.09 -27.98
N PRO A 89 29.51 -6.80 -26.92
CA PRO A 89 29.51 -6.16 -25.58
C PRO A 89 30.39 -4.94 -25.50
N PHE A 90 31.56 -4.94 -26.13
CA PHE A 90 32.41 -3.73 -26.11
C PHE A 90 31.72 -2.61 -26.89
N LEU A 91 31.26 -2.97 -28.08
CA LEU A 91 30.58 -1.96 -28.91
C LEU A 91 29.30 -1.50 -28.21
N SER A 92 28.64 -2.30 -27.39
CA SER A 92 27.43 -1.77 -26.71
C SER A 92 27.78 -0.59 -25.79
N HIS A 93 28.86 -0.67 -25.02
CA HIS A 93 29.30 0.47 -24.17
C HIS A 93 29.67 1.62 -25.09
N LEU A 94 30.35 1.26 -26.17
CA LEU A 94 30.77 2.40 -27.00
C LEU A 94 29.51 3.09 -27.54
N SER A 95 28.45 2.36 -27.86
CA SER A 95 27.16 2.91 -28.38
C SER A 95 26.47 3.74 -27.31
N GLN A 96 26.51 3.27 -26.07
CA GLN A 96 25.93 4.04 -24.96
C GLN A 96 26.59 5.41 -24.97
N MET A 97 27.88 5.50 -25.33
CA MET A 97 28.46 6.89 -25.42
C MET A 97 28.24 7.64 -26.75
N TYR A 98 27.46 7.17 -27.73
CA TYR A 98 27.30 7.67 -29.07
C TYR A 98 25.83 7.64 -29.50
N ASN A 99 25.52 8.46 -30.50
CA ASN A 99 24.17 8.58 -31.02
C ASN A 99 23.95 7.81 -32.30
N GLY A 100 24.99 7.65 -33.11
CA GLY A 100 24.81 6.97 -34.40
C GLY A 100 25.94 6.03 -34.71
N TRP A 101 25.67 5.01 -35.53
CA TRP A 101 26.71 4.00 -35.87
C TRP A 101 26.64 3.71 -37.36
N VAL A 102 27.76 3.34 -37.96
CA VAL A 102 27.74 2.94 -39.39
C VAL A 102 28.80 1.86 -39.54
N GLY A 103 28.65 0.98 -40.52
CA GLY A 103 29.73 0.00 -40.76
C GLY A 103 29.30 -1.45 -40.69
N ASN A 104 30.16 -2.36 -41.13
CA ASN A 104 29.84 -3.80 -41.15
C ASN A 104 30.35 -4.48 -39.88
N MET A 105 29.94 -5.72 -39.64
CA MET A 105 30.45 -6.50 -38.50
C MET A 105 30.81 -7.88 -39.04
N ARG A 106 31.66 -8.63 -38.34
CA ARG A 106 32.04 -9.98 -38.78
C ARG A 106 31.52 -10.96 -37.72
N VAL A 107 30.82 -12.01 -38.13
CA VAL A 107 30.20 -12.94 -37.15
C VAL A 107 30.83 -14.32 -37.29
N ARG A 108 31.26 -14.92 -36.19
CA ARG A 108 31.80 -16.30 -36.23
C ARG A 108 30.88 -17.18 -35.38
N VAL A 109 30.51 -18.34 -35.89
CA VAL A 109 29.59 -19.25 -35.15
C VAL A 109 30.36 -20.52 -34.77
N VAL A 110 30.32 -20.93 -33.51
CA VAL A 110 31.04 -22.14 -33.06
C VAL A 110 30.00 -23.17 -32.67
N LEU A 111 30.04 -24.37 -33.26
CA LEU A 111 29.00 -25.39 -33.00
C LEU A 111 29.63 -26.56 -32.22
N ALA A 112 29.05 -26.93 -31.09
CA ALA A 112 29.63 -28.00 -30.25
C ALA A 112 28.88 -29.31 -30.48
N GLY A 113 29.45 -30.19 -31.30
CA GLY A 113 28.78 -31.43 -31.64
C GLY A 113 29.74 -32.58 -31.87
N ASN A 114 29.45 -33.72 -31.24
CA ASN A 114 30.27 -34.91 -31.45
C ASN A 114 30.11 -35.40 -32.88
N ALA A 115 30.95 -36.38 -33.24
CA ALA A 115 30.92 -36.91 -34.60
C ALA A 115 29.62 -37.62 -34.93
N PHE A 116 28.81 -37.95 -33.91
CA PHE A 116 27.54 -38.61 -34.16
C PHE A 116 26.56 -37.68 -34.86
N THR A 117 26.52 -36.43 -34.43
CA THR A 117 25.55 -35.46 -35.00
C THR A 117 25.93 -35.13 -36.42
N ALA A 118 25.10 -35.54 -37.39
CA ALA A 118 25.36 -35.15 -38.79
C ALA A 118 24.25 -34.22 -39.23
N GLY A 119 24.60 -32.98 -39.58
CA GLY A 119 23.61 -31.98 -40.01
C GLY A 119 24.32 -30.83 -40.68
N LYS A 120 23.59 -29.96 -41.37
CA LYS A 120 24.24 -28.75 -41.92
C LYS A 120 23.41 -27.55 -41.52
N VAL A 121 24.07 -26.44 -41.17
CA VAL A 121 23.34 -25.20 -40.81
C VAL A 121 23.69 -24.16 -41.87
N ILE A 122 22.69 -23.47 -42.41
CA ILE A 122 22.99 -22.38 -43.37
C ILE A 122 22.74 -21.05 -42.67
N ILE A 123 23.76 -20.20 -42.58
CA ILE A 123 23.58 -18.85 -41.99
C ILE A 123 23.47 -17.88 -43.16
N CYS A 124 22.34 -17.20 -43.30
CA CYS A 124 22.14 -16.33 -44.49
C CYS A 124 22.14 -14.86 -44.05
N CYS A 125 22.29 -13.94 -45.01
CA CYS A 125 22.28 -12.53 -44.69
C CYS A 125 21.14 -11.88 -45.48
N VAL A 126 19.96 -11.83 -44.89
CA VAL A 126 18.81 -11.24 -45.57
C VAL A 126 18.92 -9.72 -45.52
N PRO A 127 18.72 -9.02 -46.62
CA PRO A 127 18.81 -7.56 -46.61
C PRO A 127 17.58 -6.96 -45.97
N PRO A 128 17.67 -5.73 -45.45
CA PRO A 128 16.48 -5.07 -44.91
C PRO A 128 15.51 -4.72 -46.01
N GLY A 129 14.23 -4.65 -45.64
CA GLY A 129 13.19 -4.42 -46.61
C GLY A 129 12.71 -5.66 -47.33
N PHE A 130 13.06 -6.85 -46.85
CA PHE A 130 12.60 -8.09 -47.44
C PHE A 130 11.17 -8.36 -46.96
N GLN A 131 10.24 -8.40 -47.92
CA GLN A 131 8.82 -8.50 -47.55
C GLN A 131 8.46 -9.89 -47.04
N SER A 132 9.13 -10.93 -47.53
CA SER A 132 8.74 -12.30 -47.19
C SER A 132 9.11 -12.62 -45.75
N ARG A 133 8.18 -13.25 -45.03
CA ARG A 133 8.47 -13.71 -43.69
C ARG A 133 8.82 -15.20 -43.67
N THR A 134 8.14 -15.98 -44.50
CA THR A 134 8.41 -17.41 -44.61
C THR A 134 9.58 -17.62 -45.57
N LEU A 135 10.72 -18.00 -45.02
CA LEU A 135 11.93 -18.24 -45.80
C LEU A 135 12.23 -19.73 -45.78
N SER A 136 12.00 -20.39 -46.91
CA SER A 136 12.29 -21.81 -47.01
C SER A 136 13.79 -22.05 -47.02
N ILE A 137 14.18 -23.29 -46.71
CA ILE A 137 15.59 -23.65 -46.70
C ILE A 137 16.18 -23.52 -48.10
N ALA A 138 15.35 -23.70 -49.13
CA ALA A 138 15.84 -23.52 -50.50
C ALA A 138 16.08 -22.05 -50.80
N GLN A 139 15.19 -21.17 -50.34
CA GLN A 139 15.35 -19.75 -50.59
C GLN A 139 16.53 -19.16 -49.84
N ALA A 140 16.99 -19.79 -48.77
CA ALA A 140 18.10 -19.25 -48.01
C ALA A 140 19.39 -19.23 -48.83
N THR A 141 19.58 -20.26 -49.67
CA THR A 141 20.80 -20.33 -50.46
C THR A 141 20.90 -19.18 -51.46
N LEU A 142 19.79 -18.52 -51.77
CA LEU A 142 19.84 -17.40 -52.69
C LEU A 142 20.51 -16.18 -52.06
N PHE A 143 20.30 -15.98 -50.76
CA PHE A 143 20.95 -14.89 -50.06
C PHE A 143 22.43 -15.19 -49.86
N PRO A 144 23.24 -14.17 -49.60
CA PRO A 144 24.63 -14.42 -49.19
C PRO A 144 24.65 -15.30 -47.94
N HIS A 145 25.12 -16.54 -48.11
CA HIS A 145 25.03 -17.50 -47.00
C HIS A 145 26.27 -18.37 -46.89
N VAL A 146 26.53 -18.94 -45.72
CA VAL A 146 27.66 -19.89 -45.58
C VAL A 146 27.06 -21.18 -45.01
N ILE A 147 27.32 -22.32 -45.66
CA ILE A 147 26.72 -23.61 -45.20
C ILE A 147 27.78 -24.31 -44.36
N ALA A 148 27.45 -24.64 -43.12
CA ALA A 148 28.47 -25.22 -42.22
C ALA A 148 27.98 -26.53 -41.64
N ASP A 149 28.86 -27.53 -41.54
CA ASP A 149 28.47 -28.80 -40.90
C ASP A 149 28.44 -28.59 -39.40
N VAL A 150 27.56 -29.30 -38.70
CA VAL A 150 27.43 -29.17 -37.25
C VAL A 150 28.65 -29.72 -36.53
N ARG A 151 29.49 -30.50 -37.21
CA ARG A 151 30.72 -31.03 -36.64
C ARG A 151 31.95 -30.40 -37.29
N THR A 152 31.89 -29.08 -37.51
CA THR A 152 32.94 -28.39 -38.26
C THR A 152 34.26 -28.40 -37.50
N LEU A 153 34.22 -28.39 -36.17
CA LEU A 153 35.37 -28.41 -35.27
C LEU A 153 36.18 -27.12 -35.30
N ASP A 154 35.82 -26.18 -36.19
CA ASP A 154 36.50 -24.88 -36.27
C ASP A 154 35.44 -23.80 -36.49
N PRO A 155 35.64 -22.54 -36.03
CA PRO A 155 34.60 -21.53 -36.13
C PRO A 155 34.23 -21.21 -37.58
N VAL A 156 32.95 -20.97 -37.85
CA VAL A 156 32.51 -20.60 -39.23
C VAL A 156 32.24 -19.11 -39.25
N GLU A 157 32.85 -18.38 -40.19
CA GLU A 157 32.74 -16.89 -40.18
C GLU A 157 31.87 -16.42 -41.33
N VAL A 158 30.88 -15.57 -41.03
CA VAL A 158 30.00 -15.01 -42.09
C VAL A 158 30.08 -13.48 -41.99
N PRO A 159 30.36 -12.74 -43.09
CA PRO A 159 30.38 -11.29 -43.02
C PRO A 159 28.97 -10.70 -42.96
N LEU A 160 28.70 -9.83 -41.99
CA LEU A 160 27.39 -9.14 -41.92
C LEU A 160 27.58 -7.76 -42.50
N GLU A 161 27.19 -7.56 -43.76
CA GLU A 161 27.44 -6.26 -44.44
C GLU A 161 26.43 -5.22 -43.97
N ASP A 162 26.78 -3.94 -44.05
CA ASP A 162 25.78 -2.90 -43.74
C ASP A 162 25.13 -2.49 -45.04
N VAL A 163 23.93 -3.01 -45.33
CA VAL A 163 23.21 -2.54 -46.54
C VAL A 163 22.22 -1.51 -46.03
N ARG A 164 22.30 -0.28 -46.52
CA ARG A 164 21.44 0.77 -45.95
C ARG A 164 21.16 1.83 -47.01
N ASN A 165 19.96 2.40 -46.99
CA ASN A 165 19.64 3.50 -47.88
C ASN A 165 20.02 4.85 -47.29
N VAL A 166 20.17 4.93 -45.98
CA VAL A 166 20.48 6.17 -45.30
C VAL A 166 22.00 6.32 -45.18
N LEU A 167 22.44 7.55 -44.92
CA LEU A 167 23.88 7.81 -44.83
C LEU A 167 24.52 7.10 -43.64
N TYR A 168 23.84 7.10 -42.50
CA TYR A 168 24.33 6.41 -41.33
C TYR A 168 23.12 5.88 -40.56
N HIS A 169 23.38 5.18 -39.46
CA HIS A 169 22.35 4.53 -38.68
C HIS A 169 22.20 5.23 -37.34
N ASN A 170 20.98 5.65 -37.02
CA ASN A 170 20.71 6.17 -35.69
C ASN A 170 20.60 5.02 -34.70
N ASN A 171 20.55 5.38 -33.42
CA ASN A 171 20.48 4.37 -32.37
C ASN A 171 19.10 3.77 -32.20
N ASP A 172 18.10 4.27 -32.93
CA ASP A 172 16.75 3.76 -32.81
C ASP A 172 16.65 2.39 -33.48
N THR A 173 15.43 1.84 -33.49
CA THR A 173 15.16 0.53 -34.06
C THR A 173 14.67 0.70 -35.50
N GLN A 174 15.51 0.30 -36.45
CA GLN A 174 15.19 0.33 -37.86
C GLN A 174 15.62 -0.97 -38.51
N PRO A 175 14.99 -1.37 -39.60
CA PRO A 175 15.40 -2.61 -40.29
C PRO A 175 16.79 -2.46 -40.89
N THR A 176 17.74 -3.21 -40.35
CA THR A 176 19.09 -3.29 -40.89
C THR A 176 19.30 -4.70 -41.46
N MET A 177 20.55 -5.01 -41.79
CA MET A 177 20.85 -6.38 -42.29
C MET A 177 20.56 -7.37 -41.17
N ARG A 178 19.90 -8.48 -41.49
CA ARG A 178 19.55 -9.49 -40.46
C ARG A 178 20.30 -10.77 -40.78
N LEU A 179 20.98 -11.33 -39.78
CA LEU A 179 21.68 -12.62 -39.98
C LEU A 179 20.75 -13.72 -39.48
N LEU A 180 20.39 -14.65 -40.34
CA LEU A 180 19.42 -15.71 -39.94
C LEU A 180 20.16 -17.04 -40.03
N CYS A 181 20.17 -17.80 -38.95
CA CYS A 181 20.79 -19.15 -39.02
C CYS A 181 19.66 -20.17 -38.98
N MET A 182 19.56 -21.00 -40.00
CA MET A 182 18.47 -21.99 -40.09
C MET A 182 19.09 -23.37 -40.31
N LEU A 183 18.46 -24.42 -39.81
CA LEU A 183 18.96 -25.77 -39.99
C LEU A 183 18.76 -26.21 -41.43
N TYR A 184 19.86 -26.40 -42.16
CA TYR A 184 19.75 -26.72 -43.58
C TYR A 184 19.26 -28.13 -43.81
N THR A 185 19.85 -29.09 -43.10
CA THR A 185 19.47 -30.53 -43.26
C THR A 185 19.05 -31.04 -41.89
N PRO A 186 18.16 -32.05 -41.78
CA PRO A 186 17.67 -32.47 -40.47
C PRO A 186 18.86 -32.95 -39.62
N LEU A 187 18.88 -32.60 -38.33
CA LEU A 187 20.02 -33.00 -37.48
C LEU A 187 19.77 -34.43 -37.01
N ARG A 188 20.54 -35.37 -37.54
CA ARG A 188 20.30 -36.79 -37.20
C ARG A 188 21.42 -37.27 -36.29
N THR A 189 21.07 -37.74 -35.10
CA THR A 189 22.10 -38.28 -34.18
C THR A 189 22.03 -39.81 -34.23
N GLY A 190 22.12 -40.38 -35.44
CA GLY A 190 22.07 -41.82 -35.57
C GLY A 190 23.18 -42.51 -34.81
N GLY A 191 22.87 -43.71 -34.30
CA GLY A 191 23.82 -44.52 -33.58
C GLY A 191 23.89 -44.27 -32.09
N ALA A 192 23.14 -43.30 -31.57
CA ALA A 192 23.14 -42.97 -30.15
C ALA A 192 21.71 -43.07 -29.64
N SER A 193 21.46 -44.07 -28.77
CA SER A 193 20.14 -44.20 -28.16
C SER A 193 19.84 -43.01 -27.26
N GLY A 194 20.82 -42.58 -26.48
CA GLY A 194 20.64 -41.39 -25.65
C GLY A 194 20.89 -40.09 -26.37
N GLY A 195 21.63 -40.12 -27.48
CA GLY A 195 21.90 -38.90 -28.21
C GLY A 195 20.66 -38.32 -28.88
N THR A 196 19.79 -39.19 -29.40
CA THR A 196 18.63 -38.73 -30.13
C THR A 196 17.64 -37.94 -29.28
N ASP A 197 17.78 -37.99 -27.95
CA ASP A 197 16.86 -37.29 -27.06
C ASP A 197 17.50 -36.18 -26.26
N SER A 198 18.75 -36.33 -25.84
CA SER A 198 19.40 -35.35 -24.95
C SER A 198 20.81 -35.02 -25.44
N PHE A 199 20.92 -34.71 -26.75
CA PHE A 199 22.22 -34.29 -27.31
C PHE A 199 22.02 -33.02 -28.13
N VAL A 200 21.62 -31.93 -27.48
CA VAL A 200 21.50 -30.63 -28.20
C VAL A 200 22.92 -30.24 -28.63
N VAL A 201 23.08 -29.75 -29.87
CA VAL A 201 24.41 -29.26 -30.30
C VAL A 201 24.44 -27.78 -29.94
N ALA A 202 25.07 -27.44 -28.82
CA ALA A 202 25.09 -26.03 -28.36
C ALA A 202 25.92 -25.21 -29.34
N GLY A 203 25.48 -23.98 -29.60
CA GLY A 203 26.21 -23.13 -30.54
C GLY A 203 26.45 -21.76 -29.93
N ARG A 204 27.62 -21.19 -30.19
CA ARG A 204 27.93 -19.85 -29.65
C ARG A 204 28.14 -18.91 -30.84
N VAL A 205 27.62 -17.68 -30.73
CA VAL A 205 27.82 -16.67 -31.82
C VAL A 205 28.82 -15.64 -31.33
N LEU A 206 29.93 -15.49 -32.05
CA LEU A 206 30.99 -14.55 -31.64
C LEU A 206 31.04 -13.44 -32.69
N THR A 207 31.12 -12.19 -32.29
CA THR A 207 31.05 -11.08 -33.27
C THR A 207 32.22 -10.13 -33.12
N CYS A 208 32.68 -9.55 -34.23
CA CYS A 208 33.78 -8.56 -34.18
C CYS A 208 33.50 -7.50 -35.22
N PRO A 209 33.55 -6.19 -34.90
CA PRO A 209 33.38 -5.13 -35.89
C PRO A 209 34.44 -5.20 -36.97
N GLY A 210 34.04 -4.90 -38.19
CA GLY A 210 34.98 -4.77 -39.27
C GLY A 210 35.74 -3.47 -39.19
N PRO A 211 36.76 -3.33 -40.05
CA PRO A 211 37.50 -2.07 -40.08
C PRO A 211 36.67 -0.89 -40.50
N ASP A 212 35.49 -1.13 -41.07
CA ASP A 212 34.62 -0.04 -41.59
C ASP A 212 33.77 0.56 -40.46
N PHE A 213 33.58 -0.16 -39.35
CA PHE A 213 32.66 0.34 -38.31
C PHE A 213 33.15 1.66 -37.72
N ASN A 214 32.23 2.60 -37.49
CA ASN A 214 32.58 3.91 -36.87
C ASN A 214 31.37 4.37 -36.05
N PHE A 215 31.58 5.19 -35.03
CA PHE A 215 30.45 5.73 -34.22
C PHE A 215 30.30 7.21 -34.57
N LEU A 216 29.12 7.64 -35.02
CA LEU A 216 28.94 9.01 -35.54
C LEU A 216 28.99 10.21 -34.58
N PHE A 217 28.33 10.20 -33.43
CA PHE A 217 28.27 11.46 -32.64
C PHE A 217 28.38 11.24 -31.13
N LEU A 218 29.10 12.12 -30.40
CA LEU A 218 29.28 11.94 -28.97
C LEU A 218 28.03 12.39 -28.21
N VAL A 219 27.68 11.62 -27.19
CA VAL A 219 26.44 11.84 -26.44
C VAL A 219 26.67 11.46 -24.99
N PRO A 220 26.01 12.18 -24.07
CA PRO A 220 26.04 11.80 -22.66
C PRO A 220 25.84 10.31 -22.48
N PRO A 221 26.75 9.65 -21.79
CA PRO A 221 26.65 8.19 -21.64
C PRO A 221 25.41 7.77 -20.86
N THR A 222 24.85 6.64 -21.26
CA THR A 222 23.82 5.93 -20.49
C THR A 222 22.52 6.72 -20.33
N VAL A 223 22.42 7.90 -20.93
CA VAL A 223 21.18 8.65 -20.79
C VAL A 223 20.14 8.18 -21.81
N GLU A 224 20.59 7.67 -22.96
CA GLU A 224 19.65 7.17 -23.96
C GLU A 224 19.05 5.85 -23.47
N GLN A 225 17.94 5.47 -24.10
CA GLN A 225 17.21 4.30 -23.63
C GLN A 225 17.57 3.03 -24.39
N LYS A 226 17.61 3.09 -25.73
CA LYS A 226 17.77 1.86 -26.50
C LYS A 226 19.15 1.24 -26.31
N THR A 227 20.14 2.04 -25.90
CA THR A 227 21.48 1.50 -25.71
C THR A 227 21.66 0.84 -24.35
N ARG A 228 20.70 0.99 -23.44
CA ARG A 228 20.86 0.48 -22.09
C ARG A 228 20.86 -1.05 -22.11
N PRO A 229 21.88 -1.70 -21.57
CA PRO A 229 21.87 -3.16 -21.53
C PRO A 229 20.89 -3.68 -20.49
N PHE A 230 20.47 -4.94 -20.68
CA PHE A 230 19.47 -5.55 -19.78
C PHE A 230 20.18 -6.28 -18.65
N THR A 231 19.85 -5.95 -17.41
CA THR A 231 20.48 -6.62 -16.25
C THR A 231 19.40 -7.05 -15.26
N VAL A 232 19.66 -8.09 -14.48
CA VAL A 232 18.70 -8.52 -13.42
C VAL A 232 19.38 -8.26 -12.09
N PRO A 233 18.68 -7.82 -11.02
CA PRO A 233 19.36 -7.43 -9.78
C PRO A 233 20.28 -8.51 -9.23
N ASN A 234 21.48 -8.12 -8.81
CA ASN A 234 22.44 -9.09 -8.21
C ASN A 234 22.13 -9.21 -6.72
N ILE A 235 20.97 -9.75 -6.39
CA ILE A 235 20.60 -9.98 -4.96
C ILE A 235 20.11 -11.42 -4.87
N PRO A 236 20.65 -12.28 -3.98
CA PRO A 236 20.23 -13.68 -3.91
C PRO A 236 18.73 -13.79 -3.69
N LEU A 237 18.16 -14.90 -4.16
CA LEU A 237 16.71 -15.09 -4.10
C LEU A 237 16.19 -15.21 -2.68
N LYS A 238 17.07 -15.43 -1.70
CA LYS A 238 16.61 -15.58 -0.32
C LYS A 238 15.89 -14.32 0.16
N TYR A 239 16.47 -13.16 -0.11
CA TYR A 239 15.95 -11.90 0.39
C TYR A 239 14.86 -11.30 -0.49
N LEU A 240 14.69 -11.79 -1.72
CA LEU A 240 13.71 -11.21 -2.62
C LEU A 240 12.29 -11.47 -2.11
N SER A 241 11.39 -10.57 -2.50
CA SER A 241 10.01 -10.62 -2.04
C SER A 241 9.10 -11.19 -3.11
N ASN A 242 8.00 -11.79 -2.67
CA ASN A 242 6.96 -12.22 -3.59
C ASN A 242 6.26 -11.02 -4.18
N SER A 243 5.74 -11.17 -5.39
CA SER A 243 5.08 -10.08 -6.09
C SER A 243 3.57 -10.13 -5.98
N ARG A 244 3.00 -11.14 -5.33
CA ARG A 244 1.57 -11.19 -5.10
C ARG A 244 1.18 -10.97 -3.65
N ILE A 245 2.05 -11.29 -2.70
CA ILE A 245 1.88 -10.94 -1.30
C ILE A 245 3.21 -10.40 -0.79
N PRO A 246 3.21 -9.49 0.17
CA PRO A 246 4.48 -8.91 0.63
C PRO A 246 5.20 -9.79 1.64
N ASN A 247 5.55 -11.00 1.22
CA ASN A 247 6.25 -11.94 2.07
C ASN A 247 7.46 -12.51 1.35
N PRO A 248 8.50 -12.89 2.07
CA PRO A 248 9.72 -13.38 1.41
C PRO A 248 9.49 -14.71 0.71
N ILE A 249 10.26 -14.93 -0.35
CA ILE A 249 10.14 -16.14 -1.14
C ILE A 249 10.69 -17.33 -0.37
N GLU A 250 9.93 -18.42 -0.31
CA GLU A 250 10.38 -19.62 0.36
C GLU A 250 11.02 -20.62 -0.58
N GLY A 251 10.69 -20.60 -1.86
CA GLY A 251 11.32 -21.50 -2.81
C GLY A 251 10.59 -21.47 -4.13
N MET A 252 11.30 -21.93 -5.15
CA MET A 252 10.74 -22.05 -6.48
C MET A 252 9.96 -23.35 -6.61
N SER A 253 8.85 -23.30 -7.34
CA SER A 253 8.02 -24.48 -7.51
C SER A 253 7.23 -24.36 -8.79
N LEU A 254 6.74 -25.50 -9.26
CA LEU A 254 5.93 -25.59 -10.46
C LEU A 254 4.45 -25.66 -10.10
N SER A 255 3.61 -25.42 -11.10
CA SER A 255 2.19 -25.58 -10.92
C SER A 255 1.84 -27.05 -10.74
N PRO A 256 0.76 -27.36 -10.01
CA PRO A 256 0.33 -28.76 -9.93
C PRO A 256 0.04 -29.38 -11.28
N ASP A 257 -0.47 -28.59 -12.23
CA ASP A 257 -0.61 -29.01 -13.61
C ASP A 257 0.44 -28.29 -14.43
N GLN A 258 1.31 -29.04 -15.10
CA GLN A 258 2.39 -28.45 -15.87
C GLN A 258 1.88 -27.63 -17.04
N THR A 259 0.67 -27.93 -17.54
CA THR A 259 0.07 -27.20 -18.65
C THR A 259 -0.92 -26.15 -18.18
N GLN A 260 -0.98 -25.87 -16.88
CA GLN A 260 -1.99 -24.93 -16.33
C GLN A 260 -1.68 -23.49 -16.72
N ASN A 261 -2.60 -22.82 -17.42
CA ASN A 261 -2.42 -21.38 -17.74
C ASN A 261 -2.66 -20.58 -16.46
N VAL A 262 -2.01 -19.43 -16.35
CA VAL A 262 -2.17 -18.58 -15.14
C VAL A 262 -2.46 -17.15 -15.62
N GLN A 263 -3.32 -16.41 -14.93
CA GLN A 263 -3.56 -15.01 -15.32
C GLN A 263 -3.50 -14.12 -14.09
N PHE A 264 -2.37 -14.11 -13.40
CA PHE A 264 -2.21 -13.27 -12.19
C PHE A 264 -2.28 -11.81 -12.61
N GLN A 265 -2.74 -10.94 -11.72
CA GLN A 265 -2.80 -9.49 -12.03
C GLN A 265 -1.65 -8.77 -11.33
N ASN A 266 -1.24 -9.23 -10.15
CA ASN A 266 -0.06 -8.68 -9.50
C ASN A 266 1.17 -9.43 -9.98
N GLY A 267 2.31 -8.74 -9.94
CA GLY A 267 3.53 -9.35 -10.41
C GLY A 267 3.55 -9.63 -11.89
N ARG A 268 3.05 -8.71 -12.71
CA ARG A 268 3.05 -8.84 -14.16
C ARG A 268 3.71 -7.59 -14.74
N CYS A 269 5.02 -7.67 -15.00
CA CYS A 269 5.77 -6.57 -15.57
C CYS A 269 6.61 -7.08 -16.71
N THR A 270 6.54 -6.41 -17.86
CA THR A 270 7.35 -6.80 -18.99
C THR A 270 8.82 -6.51 -18.71
N ILE A 271 9.69 -7.06 -19.57
CA ILE A 271 11.12 -6.90 -19.37
C ILE A 271 11.53 -5.43 -19.52
N ASP A 272 10.88 -4.71 -20.43
CA ASP A 272 11.19 -3.30 -20.62
C ASP A 272 10.58 -2.40 -19.57
N GLY A 273 10.13 -2.96 -18.45
CA GLY A 273 9.64 -2.15 -17.35
C GLY A 273 8.26 -1.57 -17.52
N GLN A 274 7.37 -2.27 -18.23
CA GLN A 274 5.99 -1.81 -18.36
C GLN A 274 5.11 -2.69 -17.48
N PRO A 275 4.62 -2.20 -16.35
CA PRO A 275 3.76 -3.03 -15.51
C PRO A 275 2.43 -3.33 -16.19
N LEU A 276 1.87 -4.49 -15.87
CA LEU A 276 0.62 -4.95 -16.44
C LEU A 276 -0.37 -5.24 -15.32
N GLY A 277 -1.65 -5.02 -15.60
CA GLY A 277 -2.66 -5.27 -14.60
C GLY A 277 -2.52 -4.34 -13.42
N THR A 278 -2.89 -4.86 -12.25
CA THR A 278 -2.80 -4.10 -11.01
C THR A 278 -1.48 -4.34 -10.29
N THR A 279 -0.37 -4.18 -11.00
CA THR A 279 0.95 -4.45 -10.43
C THR A 279 1.50 -3.19 -9.79
N PRO A 280 1.83 -3.20 -8.51
CA PRO A 280 2.44 -2.03 -7.89
C PRO A 280 3.95 -2.01 -8.11
N VAL A 281 4.51 -0.81 -8.03
CA VAL A 281 5.95 -0.65 -8.24
C VAL A 281 6.73 -1.25 -7.09
N SER A 282 6.30 -0.98 -5.86
CA SER A 282 7.04 -1.41 -4.68
C SER A 282 6.23 -2.40 -3.86
N VAL A 283 6.93 -3.13 -3.00
CA VAL A 283 6.30 -4.15 -2.17
C VAL A 283 5.32 -3.55 -1.17
N SER A 284 5.49 -2.27 -0.84
CA SER A 284 4.64 -1.67 0.20
C SER A 284 3.18 -1.69 -0.20
N GLN A 285 2.88 -1.40 -1.46
CA GLN A 285 1.51 -1.34 -1.93
C GLN A 285 0.98 -2.69 -2.40
N LEU A 286 1.57 -3.79 -1.94
CA LEU A 286 1.15 -5.12 -2.35
C LEU A 286 0.13 -5.67 -1.37
N CYS A 287 -0.94 -6.26 -1.90
CA CYS A 287 -2.02 -6.83 -1.10
C CYS A 287 -2.57 -5.80 -0.12
N LYS A 288 -2.77 -4.58 -0.61
CA LYS A 288 -3.32 -3.51 0.19
C LYS A 288 -4.46 -2.84 -0.58
N PHE A 289 -5.37 -2.21 0.16
CA PHE A 289 -6.47 -1.50 -0.45
C PHE A 289 -6.91 -0.38 0.48
N ARG A 290 -7.37 0.71 -0.12
CA ARG A 290 -7.79 1.89 0.63
C ARG A 290 -9.09 2.39 0.05
N GLY A 291 -10.03 2.75 0.93
CA GLY A 291 -11.31 3.23 0.46
C GLY A 291 -12.13 3.82 1.58
N ARG A 292 -13.18 4.54 1.18
CA ARG A 292 -14.11 5.15 2.10
C ARG A 292 -15.33 4.26 2.27
N ILE A 293 -15.70 4.01 3.52
CA ILE A 293 -16.91 3.26 3.85
C ILE A 293 -17.73 4.08 4.83
N THR A 294 -19.01 4.23 4.53
CA THR A 294 -19.89 4.96 5.44
C THR A 294 -20.15 4.15 6.70
N SER A 295 -20.36 4.85 7.81
CA SER A 295 -20.53 4.19 9.10
C SER A 295 -21.77 3.31 9.09
N GLY A 296 -21.66 2.13 9.69
CA GLY A 296 -22.76 1.21 9.81
C GLY A 296 -23.05 0.40 8.57
N GLN A 297 -22.26 0.55 7.52
CA GLN A 297 -22.46 -0.18 6.27
C GLN A 297 -21.38 -1.25 6.12
N ARG A 298 -21.41 -1.93 4.97
CA ARG A 298 -20.46 -3.01 4.70
C ARG A 298 -19.83 -2.90 3.31
N VAL A 299 -20.13 -1.85 2.56
CA VAL A 299 -19.57 -1.65 1.23
C VAL A 299 -18.38 -0.72 1.33
N LEU A 300 -17.27 -1.12 0.72
CA LEU A 300 -16.03 -0.34 0.73
C LEU A 300 -15.83 0.25 -0.66
N ASN A 301 -15.79 1.58 -0.74
CA ASN A 301 -15.62 2.28 -2.01
C ASN A 301 -14.12 2.45 -2.26
N LEU A 302 -13.55 1.58 -3.08
CA LEU A 302 -12.11 1.55 -3.27
C LEU A 302 -11.59 2.85 -3.86
N THR A 303 -10.45 3.31 -3.35
CA THR A 303 -9.68 4.38 -3.94
C THR A 303 -8.23 3.91 -4.07
N GLU A 304 -7.39 4.76 -4.63
CA GLU A 304 -5.99 4.41 -4.77
C GLU A 304 -5.32 4.36 -3.41
N LEU A 305 -4.16 3.72 -3.35
CA LEU A 305 -3.46 3.53 -2.08
C LEU A 305 -3.06 4.85 -1.45
N ASP A 306 -2.88 5.90 -2.26
CA ASP A 306 -2.46 7.20 -1.77
C ASP A 306 -3.63 8.18 -1.64
N GLY A 307 -4.84 7.67 -1.41
CA GLY A 307 -5.99 8.52 -1.23
C GLY A 307 -6.35 9.32 -2.47
N SER A 308 -6.37 8.65 -3.62
CA SER A 308 -6.67 9.30 -4.89
C SER A 308 -7.79 8.56 -5.60
N PRO A 309 -8.56 9.25 -6.43
CA PRO A 309 -9.60 8.58 -7.20
C PRO A 309 -9.00 7.53 -8.13
N PHE A 310 -9.74 6.44 -8.31
CA PHE A 310 -9.28 5.31 -9.07
C PHE A 310 -9.93 5.32 -10.45
N MET A 311 -9.11 5.27 -11.50
CA MET A 311 -9.60 5.26 -12.87
C MET A 311 -9.95 3.84 -13.28
N ALA A 312 -11.23 3.58 -13.55
CA ALA A 312 -11.67 2.24 -13.90
C ALA A 312 -11.07 1.77 -15.21
N PHE A 313 -11.00 2.67 -16.20
CA PHE A 313 -10.53 2.27 -17.52
C PHE A 313 -9.05 1.89 -17.51
N ALA A 314 -8.24 2.55 -16.68
CA ALA A 314 -6.79 2.34 -16.73
C ALA A 314 -6.42 0.93 -16.29
N ALA A 315 -6.95 0.48 -15.15
CA ALA A 315 -6.57 -0.79 -14.57
C ALA A 315 -7.80 -1.54 -14.11
N PRO A 316 -7.72 -2.88 -14.07
CA PRO A 316 -8.87 -3.66 -13.57
C PRO A 316 -9.21 -3.35 -12.12
N ALA A 317 -8.23 -2.97 -11.31
CA ALA A 317 -8.45 -2.71 -9.90
C ALA A 317 -7.45 -1.64 -9.47
N PRO A 318 -7.64 -1.05 -8.29
CA PRO A 318 -6.64 -0.11 -7.79
C PRO A 318 -5.28 -0.78 -7.69
N ALA A 319 -4.23 0.02 -7.91
CA ALA A 319 -2.88 -0.51 -7.96
C ALA A 319 -2.56 -1.25 -6.67
N GLY A 320 -2.05 -2.47 -6.81
CA GLY A 320 -1.72 -3.29 -5.67
C GLY A 320 -2.88 -4.02 -5.04
N PHE A 321 -4.07 -3.96 -5.63
CA PHE A 321 -5.19 -4.69 -5.08
C PHE A 321 -4.91 -6.19 -5.15
N PRO A 322 -5.27 -6.95 -4.11
CA PRO A 322 -4.94 -8.38 -4.09
C PRO A 322 -5.59 -9.12 -5.23
N ASP A 323 -4.88 -10.15 -5.72
CA ASP A 323 -5.40 -11.06 -6.73
C ASP A 323 -5.43 -12.50 -6.23
N LEU A 324 -5.55 -12.67 -4.91
CA LEU A 324 -5.61 -14.00 -4.31
C LEU A 324 -7.03 -14.54 -4.49
N GLY A 325 -7.29 -15.00 -5.71
CA GLY A 325 -8.61 -15.52 -6.03
C GLY A 325 -8.85 -16.92 -5.51
N SER A 326 -10.09 -17.37 -5.65
CA SER A 326 -10.51 -18.71 -5.23
C SER A 326 -10.19 -18.96 -3.77
N CYS A 327 -10.31 -17.93 -2.95
CA CYS A 327 -10.11 -18.05 -1.51
C CYS A 327 -10.82 -16.88 -0.84
N ASP A 328 -11.06 -17.05 0.46
CA ASP A 328 -11.75 -16.02 1.23
C ASP A 328 -10.72 -15.12 1.91
N TRP A 329 -10.86 -13.82 1.70
CA TRP A 329 -9.96 -12.86 2.33
C TRP A 329 -10.50 -12.48 3.70
N HIS A 330 -9.62 -12.50 4.70
CA HIS A 330 -9.94 -12.03 6.04
C HIS A 330 -9.06 -10.82 6.30
N ILE A 331 -9.61 -9.64 6.06
CA ILE A 331 -8.82 -8.42 6.03
C ILE A 331 -8.74 -7.81 7.42
N GLU A 332 -7.74 -6.97 7.62
CA GLU A 332 -7.64 -6.10 8.76
C GLU A 332 -7.51 -4.67 8.27
N MET A 333 -8.21 -3.75 8.89
CA MET A 333 -8.28 -2.37 8.41
C MET A 333 -8.04 -1.40 9.57
N SER A 334 -7.61 -0.20 9.20
CA SER A 334 -7.42 0.87 10.16
C SER A 334 -7.58 2.20 9.43
N LYS A 335 -8.03 3.22 10.16
CA LYS A 335 -8.18 4.53 9.58
C LYS A 335 -6.80 5.08 9.20
N ILE A 336 -6.66 5.55 7.97
CA ILE A 336 -5.34 5.94 7.47
C ILE A 336 -4.83 7.23 8.13
N PRO A 337 -5.67 8.21 8.52
CA PRO A 337 -5.15 9.23 9.42
C PRO A 337 -5.42 8.85 10.87
N ASN A 338 -4.39 8.79 11.70
CA ASN A 338 -4.56 8.30 13.06
C ASN A 338 -5.24 9.38 13.88
N SER A 339 -6.57 9.41 13.82
CA SER A 339 -7.37 10.30 14.64
C SER A 339 -7.75 9.68 15.96
N SER A 340 -7.26 8.48 16.26
CA SER A 340 -7.60 7.78 17.49
C SER A 340 -6.48 7.92 18.50
N THR A 341 -6.84 8.13 19.76
CA THR A 341 -5.89 8.26 20.85
C THR A 341 -6.03 7.18 21.91
N GLN A 342 -7.11 6.41 21.90
CA GLN A 342 -7.39 5.48 22.99
C GLN A 342 -7.32 4.01 22.56
N ASN A 343 -8.14 3.61 21.60
CA ASN A 343 -8.44 2.19 21.42
C ASN A 343 -7.64 1.58 20.26
N ASN A 344 -7.67 0.26 20.21
CA ASN A 344 -6.97 -0.50 19.19
C ASN A 344 -7.60 -0.22 17.82
N PRO A 345 -6.85 0.29 16.85
CA PRO A 345 -7.47 0.75 15.61
C PRO A 345 -7.79 -0.34 14.61
N ILE A 346 -7.17 -1.51 14.71
CA ILE A 346 -7.39 -2.55 13.71
C ILE A 346 -8.81 -3.08 13.83
N VAL A 347 -9.49 -3.20 12.71
CA VAL A 347 -10.81 -3.81 12.65
C VAL A 347 -10.72 -5.02 11.73
N THR A 348 -11.25 -6.15 12.20
CA THR A 348 -11.17 -7.39 11.45
C THR A 348 -12.46 -7.59 10.66
N ASN A 349 -12.31 -7.83 9.35
CA ASN A 349 -13.45 -8.07 8.48
C ASN A 349 -13.06 -9.12 7.46
N SER A 350 -14.04 -9.55 6.67
CA SER A 350 -13.83 -10.59 5.68
C SER A 350 -14.45 -10.18 4.35
N VAL A 351 -13.79 -10.58 3.26
CA VAL A 351 -14.24 -10.30 1.91
C VAL A 351 -14.33 -11.62 1.17
N LYS A 352 -15.45 -11.84 0.47
CA LYS A 352 -15.64 -13.05 -0.31
C LYS A 352 -15.58 -12.71 -1.79
N PRO A 353 -14.45 -12.96 -2.46
CA PRO A 353 -14.33 -12.54 -3.87
C PRO A 353 -15.34 -13.19 -4.79
N ASN A 354 -15.73 -14.44 -4.52
CA ASN A 354 -16.68 -15.11 -5.40
C ASN A 354 -18.06 -14.48 -5.37
N SER A 355 -18.36 -13.64 -4.38
CA SER A 355 -19.65 -12.97 -4.33
C SER A 355 -19.79 -12.01 -5.50
N GLN A 356 -21.01 -11.92 -6.04
CA GLN A 356 -21.27 -11.02 -7.16
C GLN A 356 -21.08 -9.55 -6.78
N GLN A 357 -21.18 -9.22 -5.49
CA GLN A 357 -21.00 -7.85 -5.07
C GLN A 357 -19.53 -7.44 -5.05
N PHE A 358 -18.62 -8.40 -5.06
CA PHE A 358 -17.18 -8.12 -5.10
C PHE A 358 -16.85 -7.67 -6.51
N VAL A 359 -16.86 -6.35 -6.73
CA VAL A 359 -16.60 -5.80 -8.05
C VAL A 359 -15.56 -4.69 -7.93
N PRO A 360 -14.28 -5.02 -7.81
CA PRO A 360 -13.26 -3.97 -7.69
C PRO A 360 -13.19 -3.05 -8.89
N HIS A 361 -13.55 -3.54 -10.08
CA HIS A 361 -13.46 -2.70 -11.28
C HIS A 361 -14.37 -1.49 -11.15
N LEU A 362 -15.56 -1.67 -10.61
CA LEU A 362 -16.45 -0.54 -10.35
C LEU A 362 -16.13 0.17 -9.04
N SER A 363 -14.93 -0.05 -8.50
CA SER A 363 -14.44 0.68 -7.34
C SER A 363 -15.35 0.51 -6.13
N SER A 364 -15.79 -0.72 -5.89
CA SER A 364 -16.64 -1.01 -4.74
C SER A 364 -16.63 -2.50 -4.46
N ILE A 365 -16.22 -2.87 -3.25
CA ILE A 365 -16.33 -4.25 -2.78
C ILE A 365 -17.01 -4.21 -1.42
N THR A 366 -17.88 -5.19 -1.17
CA THR A 366 -18.68 -5.23 0.04
C THR A 366 -18.07 -6.20 1.04
N LEU A 367 -17.75 -5.72 2.22
CA LEU A 367 -17.25 -6.57 3.28
C LEU A 367 -18.37 -7.40 3.88
N ASP A 368 -17.99 -8.48 4.57
CA ASP A 368 -18.99 -9.38 5.13
C ASP A 368 -19.70 -8.75 6.31
N GLU A 369 -18.96 -8.13 7.23
CA GLU A 369 -19.53 -7.58 8.44
C GLU A 369 -19.62 -6.06 8.36
N ASN A 370 -20.52 -5.50 9.16
CA ASN A 370 -20.71 -4.07 9.20
C ASN A 370 -19.54 -3.39 9.91
N VAL A 371 -19.22 -2.18 9.46
CA VAL A 371 -18.15 -1.38 10.03
C VAL A 371 -18.77 -0.27 10.86
N SER A 372 -18.33 -0.16 12.12
CA SER A 372 -18.99 0.75 13.06
C SER A 372 -18.84 2.20 12.65
N SER A 373 -17.60 2.64 12.37
CA SER A 373 -17.31 4.04 12.12
C SER A 373 -16.80 4.24 10.70
N GLY A 374 -17.26 5.30 10.06
CA GLY A 374 -16.85 5.60 8.71
C GLY A 374 -15.50 6.30 8.66
N GLY A 375 -14.91 6.29 7.47
CA GLY A 375 -13.63 6.94 7.26
C GLY A 375 -12.83 6.18 6.22
N ASP A 376 -11.64 6.72 5.94
CA ASP A 376 -10.72 6.10 5.00
C ASP A 376 -9.97 4.99 5.70
N TYR A 377 -10.19 3.76 5.27
CA TYR A 377 -9.54 2.58 5.86
C TYR A 377 -8.51 2.04 4.91
N ILE A 378 -7.30 1.84 5.41
CA ILE A 378 -6.26 1.10 4.69
C ILE A 378 -6.17 -0.27 5.34
N GLY A 379 -5.85 -1.28 4.53
CA GLY A 379 -5.83 -2.63 5.05
C GLY A 379 -5.21 -3.60 4.08
N THR A 380 -4.82 -4.74 4.64
CA THR A 380 -4.19 -5.83 3.89
C THR A 380 -5.02 -7.10 4.07
N ILE A 381 -4.48 -8.21 3.59
CA ILE A 381 -5.08 -9.52 3.77
C ILE A 381 -4.36 -10.19 4.93
N GLN A 382 -5.04 -10.32 6.06
CA GLN A 382 -4.42 -10.93 7.23
C GLN A 382 -4.23 -12.42 7.03
N TRP A 383 -5.28 -13.12 6.60
CA TRP A 383 -5.19 -14.55 6.37
C TRP A 383 -6.27 -14.96 5.38
N THR A 384 -6.06 -16.13 4.77
CA THR A 384 -6.96 -16.66 3.75
C THR A 384 -7.51 -18.00 4.20
N SER A 385 -8.75 -18.26 3.83
CA SER A 385 -9.47 -19.49 4.15
C SER A 385 -10.09 -20.06 2.89
N PRO A 386 -10.41 -21.34 2.88
CA PRO A 386 -11.02 -21.94 1.69
C PRO A 386 -12.28 -21.20 1.28
N PRO A 387 -12.48 -20.98 -0.02
CA PRO A 387 -13.57 -20.12 -0.47
C PRO A 387 -14.93 -20.69 -0.08
N SER A 388 -15.85 -19.79 0.26
CA SER A 388 -17.22 -20.17 0.58
C SER A 388 -18.08 -20.12 -0.67
N ASP A 389 -19.22 -20.81 -0.60
CA ASP A 389 -20.16 -20.89 -1.72
C ASP A 389 -19.47 -21.41 -2.98
N SER A 390 -18.63 -22.45 -2.81
CA SER A 390 -17.91 -23.03 -3.94
C SER A 390 -17.90 -24.55 -3.89
N GLY A 391 -18.81 -25.16 -3.14
CA GLY A 391 -18.84 -26.60 -3.03
C GLY A 391 -17.65 -27.19 -2.32
N GLY A 392 -17.16 -26.51 -1.28
CA GLY A 392 -16.05 -27.03 -0.51
C GLY A 392 -14.72 -27.07 -1.24
N ALA A 393 -14.55 -26.21 -2.25
CA ALA A 393 -13.29 -26.18 -2.99
C ALA A 393 -12.16 -25.70 -2.11
N ASN A 394 -10.95 -26.20 -2.39
CA ASN A 394 -9.79 -25.80 -1.63
C ASN A 394 -9.35 -24.38 -2.01
N THR A 395 -8.47 -23.81 -1.18
CA THR A 395 -7.98 -22.46 -1.40
C THR A 395 -6.96 -22.48 -2.54
N ASN A 396 -7.48 -22.53 -3.76
CA ASN A 396 -6.65 -22.56 -4.95
C ASN A 396 -6.11 -21.17 -5.23
N PHE A 397 -4.81 -20.97 -5.01
CA PHE A 397 -4.19 -19.68 -5.22
C PHE A 397 -3.76 -19.46 -6.65
N TRP A 398 -3.96 -20.44 -7.53
CA TRP A 398 -3.57 -20.32 -8.94
C TRP A 398 -4.64 -19.65 -9.78
N LYS A 399 -5.77 -19.28 -9.17
CA LYS A 399 -6.84 -18.56 -9.86
C LYS A 399 -6.95 -17.15 -9.32
N ILE A 400 -7.48 -16.26 -10.14
CA ILE A 400 -7.59 -14.85 -9.79
C ILE A 400 -9.07 -14.50 -9.62
N PRO A 401 -9.41 -13.47 -8.84
CA PRO A 401 -10.82 -13.14 -8.63
C PRO A 401 -11.46 -12.63 -9.91
N ASP A 402 -12.79 -12.60 -9.88
CA ASP A 402 -13.55 -12.21 -11.07
C ASP A 402 -13.29 -10.76 -11.45
N TYR A 403 -13.11 -9.88 -10.46
CA TYR A 403 -12.87 -8.46 -10.61
C TYR A 403 -14.07 -7.69 -11.13
N GLY A 404 -15.17 -8.37 -11.46
CA GLY A 404 -16.35 -7.68 -11.95
C GLY A 404 -16.13 -6.94 -13.25
N SER A 405 -15.23 -7.41 -14.10
CA SER A 405 -14.96 -6.77 -15.36
C SER A 405 -16.14 -6.96 -16.31
N SER A 406 -16.40 -5.95 -17.13
CA SER A 406 -17.51 -6.00 -18.08
C SER A 406 -17.13 -5.38 -19.41
N ALA A 410 -15.65 -4.83 -22.15
CA ALA A 410 -14.31 -5.32 -22.44
C ALA A 410 -13.54 -5.59 -21.16
N SER A 411 -12.37 -6.23 -21.29
CA SER A 411 -11.52 -6.56 -20.17
C SER A 411 -10.13 -5.98 -20.39
N GLN A 412 -9.61 -5.29 -19.38
CA GLN A 412 -8.26 -4.73 -19.42
C GLN A 412 -7.30 -5.50 -18.53
N LEU A 413 -7.64 -6.74 -18.19
CA LEU A 413 -6.79 -7.56 -17.33
C LEU A 413 -5.47 -7.86 -18.01
N ALA A 414 -4.49 -8.27 -17.20
CA ALA A 414 -3.22 -8.69 -17.76
C ALA A 414 -3.42 -9.95 -18.59
N PRO A 415 -2.77 -10.06 -19.75
CA PRO A 415 -2.97 -11.23 -20.60
C PRO A 415 -2.58 -12.50 -19.88
N ALA A 416 -3.33 -13.57 -20.13
CA ALA A 416 -3.05 -14.84 -19.49
C ALA A 416 -1.78 -15.45 -20.07
N VAL A 417 -0.86 -15.83 -19.20
CA VAL A 417 0.41 -16.41 -19.61
C VAL A 417 0.24 -17.91 -19.78
N TYR A 418 0.62 -18.42 -20.93
CA TYR A 418 0.52 -19.84 -21.20
C TYR A 418 1.89 -20.49 -21.14
N PRO A 419 1.97 -21.74 -20.70
CA PRO A 419 3.24 -22.45 -20.71
C PRO A 419 3.67 -22.76 -22.13
N PRO A 420 4.86 -22.36 -22.53
CA PRO A 420 5.32 -22.64 -23.89
C PRO A 420 5.58 -24.13 -24.08
N GLY A 421 5.65 -24.53 -25.34
CA GLY A 421 5.90 -25.92 -25.68
C GLY A 421 7.33 -26.33 -25.43
N PHE A 422 7.81 -27.31 -26.20
CA PHE A 422 9.17 -27.82 -26.09
C PHE A 422 9.47 -28.30 -24.67
N ASN A 423 8.48 -28.91 -24.04
CA ASN A 423 8.61 -29.45 -22.68
C ASN A 423 9.04 -28.39 -21.68
N GLU A 424 8.58 -27.16 -21.87
CA GLU A 424 8.89 -26.06 -20.97
C GLU A 424 7.73 -25.82 -20.03
N VAL A 425 8.04 -25.58 -18.76
CA VAL A 425 7.04 -25.31 -17.74
C VAL A 425 7.40 -24.01 -17.04
N ILE A 426 6.38 -23.21 -16.73
CA ILE A 426 6.62 -21.94 -16.04
C ILE A 426 7.11 -22.22 -14.63
N VAL A 427 8.06 -21.41 -14.17
CA VAL A 427 8.63 -21.54 -12.84
C VAL A 427 8.02 -20.45 -11.97
N TYR A 428 7.47 -20.84 -10.82
CA TYR A 428 6.81 -19.92 -9.91
C TYR A 428 7.60 -19.82 -8.61
N PHE A 429 7.49 -18.65 -7.98
CA PHE A 429 8.10 -18.41 -6.67
C PHE A 429 7.01 -18.41 -5.61
N MET A 430 7.24 -19.15 -4.53
CA MET A 430 6.23 -19.37 -3.50
C MET A 430 6.58 -18.62 -2.23
N ALA A 431 5.57 -17.98 -1.65
CA ALA A 431 5.67 -17.36 -0.34
C ALA A 431 4.47 -17.80 0.49
N SER A 432 4.65 -17.83 1.81
CA SER A 432 3.60 -18.31 2.70
C SER A 432 2.77 -17.14 3.20
N ILE A 433 1.46 -17.27 3.07
CA ILE A 433 0.50 -16.36 3.70
C ILE A 433 -0.25 -17.15 4.76
N PRO A 434 -0.46 -16.60 5.96
CA PRO A 434 -1.16 -17.35 6.99
C PRO A 434 -2.57 -17.71 6.55
N GLY A 435 -3.03 -18.88 7.01
CA GLY A 435 -4.37 -19.31 6.71
C GLY A 435 -4.48 -20.81 6.56
N PRO A 436 -5.65 -21.35 6.92
CA PRO A 436 -5.85 -22.79 6.80
C PRO A 436 -6.13 -23.21 5.37
N ASN A 437 -5.90 -24.50 5.12
CA ASN A 437 -6.21 -25.11 3.84
C ASN A 437 -6.76 -26.51 4.07
N GLN A 438 -7.45 -27.04 3.06
CA GLN A 438 -8.15 -28.31 3.21
C GLN A 438 -7.21 -29.49 3.33
N SER A 439 -5.91 -29.33 3.09
CA SER A 439 -4.98 -30.44 3.11
C SER A 439 -3.91 -30.33 4.18
N GLY A 440 -3.89 -29.24 4.95
CA GLY A 440 -2.87 -29.08 5.97
C GLY A 440 -1.49 -28.81 5.41
N SER A 441 -1.40 -28.47 4.13
CA SER A 441 -0.16 -28.14 3.47
C SER A 441 0.20 -26.68 3.68
N PRO A 442 1.45 -26.30 3.46
CA PRO A 442 1.80 -24.88 3.54
C PRO A 442 0.97 -24.05 2.56
N ASN A 443 0.56 -22.87 3.01
CA ASN A 443 -0.28 -21.99 2.22
C ASN A 443 0.61 -21.10 1.33
N LEU A 444 1.24 -21.74 0.36
CA LEU A 444 2.17 -21.07 -0.53
C LEU A 444 1.43 -20.48 -1.72
N VAL A 445 1.61 -19.18 -1.94
CA VAL A 445 1.01 -18.51 -3.09
C VAL A 445 2.03 -18.47 -4.22
N PRO A 446 1.62 -18.73 -5.46
CA PRO A 446 2.57 -18.65 -6.57
C PRO A 446 2.86 -17.20 -6.92
N CYS A 447 3.93 -17.03 -7.71
CA CYS A 447 4.33 -15.73 -8.20
C CYS A 447 5.06 -15.92 -9.51
N LEU A 448 5.11 -14.85 -10.30
CA LEU A 448 5.76 -14.91 -11.61
C LEU A 448 7.18 -14.35 -11.59
N LEU A 449 7.40 -13.24 -10.89
CA LEU A 449 8.69 -12.60 -10.82
C LEU A 449 8.82 -11.93 -9.47
N PRO A 450 9.96 -12.05 -8.80
CA PRO A 450 10.13 -11.36 -7.52
C PRO A 450 9.98 -9.86 -7.69
N GLN A 451 9.37 -9.21 -6.70
CA GLN A 451 9.04 -7.80 -6.85
C GLN A 451 10.28 -6.94 -7.01
N GLU A 452 11.42 -7.37 -6.49
CA GLU A 452 12.65 -6.63 -6.72
C GLU A 452 13.01 -6.61 -8.20
N TYR A 453 12.79 -7.73 -8.90
CA TYR A 453 13.01 -7.76 -10.34
C TYR A 453 12.09 -6.78 -11.05
N ILE A 454 10.83 -6.71 -10.63
CA ILE A 454 9.89 -5.80 -11.25
C ILE A 454 10.31 -4.34 -11.03
N THR A 455 10.72 -4.02 -9.79
CA THR A 455 11.16 -2.67 -9.50
C THR A 455 12.40 -2.31 -10.32
N HIS A 456 13.33 -3.25 -10.44
CA HIS A 456 14.52 -3.01 -11.24
C HIS A 456 14.17 -2.78 -12.70
N PHE A 457 13.26 -3.60 -13.25
CA PHE A 457 12.88 -3.44 -14.64
C PHE A 457 12.21 -2.10 -14.87
N ILE A 458 11.33 -1.69 -13.96
CA ILE A 458 10.67 -0.39 -14.10
C ILE A 458 11.68 0.73 -14.02
N SER A 459 12.61 0.66 -13.06
CA SER A 459 13.63 1.69 -12.93
C SER A 459 14.54 1.71 -14.14
N GLU A 460 14.96 0.53 -14.62
CA GLU A 460 15.90 0.41 -15.73
C GLU A 460 15.13 -0.14 -16.93
N GLN A 461 14.57 0.76 -17.73
CA GLN A 461 13.75 0.38 -18.88
C GLN A 461 14.66 -0.09 -20.02
N ALA A 462 15.29 -1.24 -19.78
CA ALA A 462 16.19 -1.80 -20.77
C ALA A 462 15.37 -2.38 -21.93
N PRO A 463 15.69 -2.04 -23.17
CA PRO A 463 14.93 -2.58 -24.30
C PRO A 463 15.18 -4.07 -24.49
N ILE A 464 14.19 -4.72 -25.09
CA ILE A 464 14.26 -6.16 -25.35
C ILE A 464 14.91 -6.38 -26.71
N GLN A 465 16.03 -7.08 -26.72
CA GLN A 465 16.80 -7.30 -27.94
C GLN A 465 16.74 -8.74 -28.43
N GLY A 466 15.86 -9.57 -27.86
CA GLY A 466 15.77 -10.95 -28.29
C GLY A 466 14.41 -11.53 -27.99
N GLU A 467 14.19 -12.75 -28.50
CA GLU A 467 12.92 -13.43 -28.26
C GLU A 467 12.75 -13.78 -26.79
N ALA A 468 13.82 -14.20 -26.12
CA ALA A 468 13.77 -14.50 -24.70
C ALA A 468 15.15 -14.29 -24.11
N ALA A 469 15.19 -14.10 -22.79
CA ALA A 469 16.44 -13.87 -22.07
C ALA A 469 16.78 -15.11 -21.26
N LEU A 470 17.98 -15.65 -21.49
CA LEU A 470 18.43 -16.84 -20.80
C LEU A 470 19.10 -16.43 -19.49
N LEU A 471 18.53 -16.88 -18.37
CA LEU A 471 19.04 -16.55 -17.05
C LEU A 471 19.71 -17.78 -16.44
N HIS A 472 20.90 -17.59 -15.89
CA HIS A 472 21.61 -18.63 -15.18
C HIS A 472 21.40 -18.46 -13.69
N TYR A 473 21.03 -19.54 -13.00
CA TYR A 473 20.88 -19.52 -11.55
C TYR A 473 22.24 -19.91 -10.96
N VAL A 474 22.96 -18.93 -10.43
CA VAL A 474 24.35 -19.09 -10.03
C VAL A 474 24.44 -18.98 -8.51
N ASP A 475 25.11 -19.95 -7.90
CA ASP A 475 25.41 -19.87 -6.48
C ASP A 475 26.48 -18.81 -6.27
N PRO A 476 26.21 -17.77 -5.47
CA PRO A 476 27.19 -16.67 -5.37
C PRO A 476 28.55 -17.09 -4.82
N ASP A 477 28.59 -18.04 -3.89
CA ASP A 477 29.86 -18.40 -3.28
C ASP A 477 30.73 -19.20 -4.23
N THR A 478 30.15 -20.19 -4.92
CA THR A 478 30.90 -21.07 -5.79
C THR A 478 30.86 -20.67 -7.26
N ASN A 479 30.02 -19.70 -7.62
CA ASN A 479 29.88 -19.25 -9.00
C ASN A 479 29.56 -20.42 -9.93
N ARG A 480 28.65 -21.28 -9.50
CA ARG A 480 28.24 -22.44 -10.26
C ARG A 480 26.81 -22.25 -10.74
N ASN A 481 26.58 -22.45 -12.03
CA ASN A 481 25.24 -22.33 -12.61
C ASN A 481 24.47 -23.59 -12.25
N LEU A 482 23.74 -23.53 -11.14
CA LEU A 482 22.95 -24.68 -10.70
C LEU A 482 21.90 -25.05 -11.74
N GLY A 483 21.23 -24.05 -12.30
CA GLY A 483 20.26 -24.28 -13.35
C GLY A 483 20.17 -23.06 -14.25
N GLU A 484 19.65 -23.29 -15.45
CA GLU A 484 19.48 -22.23 -16.43
C GLU A 484 18.00 -22.07 -16.76
N PHE A 485 17.57 -20.82 -16.87
CA PHE A 485 16.17 -20.50 -17.06
C PHE A 485 16.02 -19.51 -18.21
N LYS A 486 14.85 -19.52 -18.83
CA LYS A 486 14.52 -18.59 -19.89
C LYS A 486 13.52 -17.56 -19.37
N LEU A 487 13.82 -16.29 -19.58
CA LEU A 487 12.94 -15.20 -19.18
C LEU A 487 12.27 -14.66 -20.42
N TYR A 488 10.94 -14.71 -20.44
CA TYR A 488 10.22 -14.26 -21.62
C TYR A 488 9.87 -12.78 -21.50
N PRO A 489 9.73 -12.10 -22.64
CA PRO A 489 9.39 -10.66 -22.58
C PRO A 489 8.06 -10.37 -21.93
N GLY A 490 7.16 -11.36 -21.87
CA GLY A 490 5.92 -11.17 -21.15
C GLY A 490 6.11 -10.98 -19.65
N GLY A 491 7.24 -11.42 -19.12
CA GLY A 491 7.54 -11.23 -17.72
C GLY A 491 7.42 -12.45 -16.85
N TYR A 492 7.65 -13.65 -17.38
CA TYR A 492 7.56 -14.87 -16.62
C TYR A 492 8.78 -15.74 -16.90
N LEU A 493 9.19 -16.50 -15.89
CA LEU A 493 10.39 -17.32 -15.97
C LEU A 493 10.01 -18.79 -16.14
N THR A 494 10.58 -19.44 -17.15
CA THR A 494 10.30 -20.83 -17.44
C THR A 494 11.59 -21.65 -17.42
N CYS A 495 11.43 -22.96 -17.32
CA CYS A 495 12.56 -23.89 -17.32
C CYS A 495 12.11 -25.20 -17.94
N VAL A 496 12.92 -26.24 -17.76
CA VAL A 496 12.60 -27.58 -18.22
C VAL A 496 12.92 -28.55 -17.10
N PRO A 497 11.96 -29.30 -16.57
CA PRO A 497 12.24 -30.22 -15.47
C PRO A 497 12.93 -31.48 -15.97
N ASN A 498 13.90 -31.96 -15.18
CA ASN A 498 14.58 -33.20 -15.54
C ASN A 498 13.62 -34.37 -15.52
N SER A 499 12.74 -34.42 -14.52
CA SER A 499 11.76 -35.49 -14.41
C SER A 499 10.52 -34.93 -13.71
N SER A 500 9.44 -35.70 -13.78
CA SER A 500 8.19 -35.27 -13.16
C SER A 500 8.34 -35.14 -11.65
N SER A 501 9.25 -35.89 -11.05
CA SER A 501 9.46 -35.86 -9.61
C SER A 501 10.42 -34.77 -9.16
N THR A 502 11.06 -34.07 -10.09
CA THR A 502 12.04 -33.06 -9.75
C THR A 502 11.74 -31.78 -10.52
N GLY A 503 12.63 -30.80 -10.38
CA GLY A 503 12.45 -29.52 -11.02
C GLY A 503 13.21 -28.43 -10.27
N PRO A 504 12.75 -27.19 -10.41
CA PRO A 504 13.42 -26.08 -9.70
C PRO A 504 13.28 -26.16 -8.19
N GLN A 505 12.37 -26.98 -7.68
CA GLN A 505 12.15 -27.04 -6.23
C GLN A 505 13.39 -27.48 -5.48
N GLN A 506 14.20 -28.35 -6.09
CA GLN A 506 15.43 -28.81 -5.44
C GLN A 506 16.52 -27.75 -5.42
N LEU A 507 16.37 -26.67 -6.17
CA LEU A 507 17.42 -25.67 -6.26
C LEU A 507 17.54 -24.92 -4.94
N PRO A 508 18.77 -24.65 -4.49
CA PRO A 508 18.95 -23.87 -3.26
C PRO A 508 18.39 -22.46 -3.42
N LEU A 509 17.89 -21.92 -2.31
CA LEU A 509 17.27 -20.61 -2.34
C LEU A 509 18.28 -19.46 -2.29
N ASP A 510 19.54 -19.75 -1.99
CA ASP A 510 20.54 -18.70 -1.85
C ASP A 510 21.13 -18.24 -3.18
N GLY A 511 20.77 -18.88 -4.28
CA GLY A 511 21.32 -18.50 -5.57
C GLY A 511 20.76 -17.18 -6.07
N VAL A 512 21.41 -16.66 -7.10
CA VAL A 512 21.02 -15.39 -7.71
C VAL A 512 20.98 -15.59 -9.22
N PHE A 513 19.90 -15.11 -9.84
CA PHE A 513 19.81 -15.18 -11.29
C PHE A 513 20.77 -14.19 -11.92
N VAL A 514 21.56 -14.67 -12.87
CA VAL A 514 22.52 -13.84 -13.59
C VAL A 514 22.18 -13.91 -15.07
N PHE A 515 21.98 -12.75 -15.68
CA PHE A 515 21.66 -12.72 -17.11
C PHE A 515 22.82 -13.27 -17.93
N ALA A 516 22.49 -14.11 -18.91
CA ALA A 516 23.49 -14.76 -19.73
C ALA A 516 23.46 -14.26 -21.16
N SER A 517 22.33 -14.35 -21.84
CA SER A 517 22.24 -13.93 -23.23
C SER A 517 20.79 -13.87 -23.67
N TRP A 518 20.56 -13.17 -24.79
CA TRP A 518 19.27 -13.21 -25.45
C TRP A 518 19.19 -14.46 -26.33
N VAL A 519 18.06 -15.15 -26.28
CA VAL A 519 17.90 -16.40 -27.01
C VAL A 519 16.57 -16.39 -27.73
N SER A 520 16.46 -17.25 -28.73
CA SER A 520 15.21 -17.43 -29.45
C SER A 520 14.25 -18.29 -28.63
N ARG A 521 12.99 -18.31 -29.05
CA ARG A 521 12.00 -19.15 -28.37
C ARG A 521 12.33 -20.63 -28.47
N PHE A 522 13.11 -21.02 -29.46
CA PHE A 522 13.44 -22.43 -29.68
C PHE A 522 14.67 -22.87 -28.92
N TYR A 523 15.27 -22.00 -28.10
CA TYR A 523 16.43 -22.41 -27.31
C TYR A 523 16.02 -23.51 -26.34
N GLN A 524 16.64 -24.67 -26.50
CA GLN A 524 16.34 -25.83 -25.67
C GLN A 524 17.24 -25.78 -24.44
N LEU A 525 16.63 -25.58 -23.27
CA LEU A 525 17.40 -25.46 -22.05
C LEU A 525 17.92 -26.81 -21.60
N LYS A 526 19.00 -26.79 -20.83
CA LYS A 526 19.44 -27.99 -20.15
C LYS A 526 18.51 -28.26 -18.97
N PRO A 527 17.96 -29.46 -18.85
CA PRO A 527 16.98 -29.72 -17.78
C PRO A 527 17.59 -29.50 -16.41
N VAL A 528 16.78 -28.95 -15.50
CA VAL A 528 17.21 -28.66 -14.15
C VAL A 528 16.65 -29.73 -13.22
N GLY A 529 17.29 -29.88 -12.07
CA GLY A 529 16.91 -30.91 -11.12
C GLY A 529 17.73 -32.16 -11.27
N THR A 530 17.31 -33.20 -10.55
CA THR A 530 18.02 -34.47 -10.56
C THR A 530 17.08 -35.61 -10.96
N ALA A 531 17.56 -36.84 -10.83
CA ALA A 531 16.79 -38.04 -11.16
C ALA A 531 16.29 -38.00 -12.61
N ALA B 10 38.02 35.11 -22.14
CA ALA B 10 37.08 35.20 -21.03
C ALA B 10 35.73 35.73 -21.49
N ASP B 11 34.70 34.89 -21.42
CA ASP B 11 33.38 35.31 -21.84
C ASP B 11 32.79 36.28 -20.83
N GLY B 12 32.23 37.39 -21.33
CA GLY B 12 31.74 38.45 -20.50
C GLY B 12 32.69 39.60 -20.29
N ALA B 13 33.92 39.51 -20.80
CA ALA B 13 34.88 40.59 -20.63
C ALA B 13 34.41 41.86 -21.31
N THR B 14 33.66 41.74 -22.40
CA THR B 14 33.14 42.92 -23.09
C THR B 14 32.17 43.68 -22.20
N GLY B 15 31.31 42.97 -21.49
CA GLY B 15 30.29 43.59 -20.64
C GLY B 15 30.65 43.73 -19.18
N ALA B 16 31.80 43.21 -18.74
CA ALA B 16 32.19 43.35 -17.35
C ALA B 16 32.69 44.75 -17.03
N GLY B 17 33.21 45.48 -18.02
CA GLY B 17 33.66 46.84 -17.79
C GLY B 17 34.84 46.96 -16.85
N GLN B 18 35.78 46.02 -16.92
CA GLN B 18 36.99 46.01 -16.10
C GLN B 18 36.68 46.03 -14.61
N LEU B 19 35.49 45.59 -14.21
CA LEU B 19 35.15 45.50 -12.80
C LEU B 19 35.67 44.22 -12.15
N VAL B 20 36.07 43.23 -12.96
CA VAL B 20 36.49 41.94 -12.44
C VAL B 20 37.79 41.54 -13.10
N PRO B 21 38.63 40.72 -12.47
CA PRO B 21 39.86 40.25 -13.13
C PRO B 21 39.55 39.35 -14.30
N GLU B 22 39.87 39.81 -15.52
CA GLU B 22 39.55 39.05 -16.71
C GLU B 22 40.27 37.70 -16.73
N VAL B 23 41.56 37.71 -16.42
CA VAL B 23 42.38 36.51 -16.47
C VAL B 23 43.25 36.46 -15.22
N ASN B 24 43.34 35.27 -14.63
CA ASN B 24 44.21 35.08 -13.47
C ASN B 24 45.66 35.34 -13.86
N THR B 25 46.42 35.94 -12.94
CA THR B 25 47.79 36.33 -13.24
C THR B 25 48.65 35.12 -13.57
N ALA B 26 48.83 34.22 -12.59
CA ALA B 26 49.65 33.03 -12.80
C ALA B 26 49.19 31.89 -11.87
N ASN B 48 44.73 8.77 -29.51
CA ASN B 48 44.83 7.35 -29.79
C ASN B 48 43.46 6.67 -29.67
N LEU B 49 43.29 5.90 -28.60
CA LEU B 49 42.02 5.23 -28.37
C LEU B 49 40.93 6.20 -27.93
N ILE B 50 41.31 7.40 -27.50
CA ILE B 50 40.34 8.36 -26.99
C ILE B 50 39.80 9.19 -28.14
N ASP B 51 38.50 9.45 -28.11
CA ASP B 51 37.89 10.28 -29.15
C ASP B 51 38.50 11.68 -29.12
N PRO B 52 38.86 12.23 -30.28
CA PRO B 52 39.52 13.55 -30.29
C PRO B 52 38.67 14.67 -29.71
N TRP B 53 37.34 14.55 -29.76
CA TRP B 53 36.50 15.60 -29.21
C TRP B 53 36.66 15.70 -27.70
N ILE B 54 36.80 14.56 -27.02
CA ILE B 54 36.97 14.58 -25.57
C ILE B 54 38.26 15.30 -25.20
N ILE B 55 39.33 15.09 -25.97
CA ILE B 55 40.62 15.68 -25.65
C ILE B 55 40.57 17.20 -25.77
N ASN B 56 39.92 17.71 -26.82
CA ASN B 56 39.96 19.13 -27.10
C ASN B 56 38.94 19.93 -26.29
N ASN B 57 37.81 19.33 -25.93
CA ASN B 57 36.72 20.05 -25.31
C ASN B 57 36.66 19.74 -23.82
N PHE B 58 36.56 20.80 -23.01
CA PHE B 58 36.39 20.65 -21.57
C PHE B 58 34.95 20.32 -21.24
N VAL B 59 34.76 19.38 -20.32
CA VAL B 59 33.43 18.95 -19.92
C VAL B 59 33.37 18.93 -18.40
N GLN B 60 32.16 19.05 -17.87
CA GLN B 60 31.98 19.14 -16.43
C GLN B 60 32.28 17.80 -15.77
N ALA B 61 33.07 17.85 -14.69
CA ALA B 61 33.37 16.65 -13.94
C ALA B 61 32.15 16.16 -13.17
N PRO B 62 32.07 14.87 -12.89
CA PRO B 62 31.01 14.40 -11.98
C PRO B 62 31.08 15.05 -10.61
N GLN B 63 32.29 15.39 -10.15
CA GLN B 63 32.50 16.12 -8.92
C GLN B 63 32.62 17.62 -9.17
N GLY B 64 31.95 18.13 -10.19
CA GLY B 64 32.21 19.48 -10.67
C GLY B 64 31.21 20.54 -10.28
N GLU B 65 30.75 20.54 -9.04
CA GLU B 65 29.84 21.57 -8.55
C GLU B 65 30.25 21.96 -7.13
N PHE B 66 30.62 23.22 -6.95
CA PHE B 66 30.96 23.74 -5.64
C PHE B 66 30.42 25.15 -5.50
N THR B 67 30.18 25.57 -4.26
CA THR B 67 29.68 26.89 -3.98
C THR B 67 30.55 27.56 -2.92
N ILE B 68 30.68 28.88 -3.03
CA ILE B 68 31.38 29.68 -2.04
C ILE B 68 30.38 30.65 -1.44
N SER B 69 30.27 30.63 -0.11
CA SER B 69 29.29 31.43 0.60
C SER B 69 29.98 32.20 1.72
N PRO B 70 29.40 33.32 2.15
CA PRO B 70 29.96 34.03 3.31
C PRO B 70 30.02 33.19 4.56
N ASN B 71 29.17 32.16 4.68
CA ASN B 71 29.24 31.27 5.83
C ASN B 71 30.52 30.45 5.80
N ASN B 72 31.06 30.18 4.61
CA ASN B 72 32.28 29.40 4.50
C ASN B 72 33.44 30.12 5.20
N THR B 73 34.19 29.40 5.96
CA THR B 73 35.37 29.94 6.61
C THR B 73 36.62 29.54 5.83
N PRO B 74 37.70 30.31 5.93
CA PRO B 74 38.94 29.93 5.23
C PRO B 74 39.40 28.54 5.65
N GLY B 75 39.88 27.78 4.67
CA GLY B 75 40.24 26.40 4.87
C GLY B 75 39.15 25.41 4.55
N ASP B 76 37.93 25.87 4.24
CA ASP B 76 36.87 24.97 3.83
C ASP B 76 37.16 24.41 2.46
N VAL B 77 37.03 23.09 2.31
CA VAL B 77 37.34 22.43 1.05
C VAL B 77 36.18 22.66 0.08
N LEU B 78 36.42 23.47 -0.95
CA LEU B 78 35.40 23.71 -1.95
C LEU B 78 35.17 22.47 -2.80
N PHE B 79 36.24 21.85 -3.29
CA PHE B 79 36.14 20.57 -3.97
C PHE B 79 37.46 19.82 -3.80
N ASP B 80 37.36 18.51 -3.67
CA ASP B 80 38.51 17.63 -3.53
C ASP B 80 38.49 16.66 -4.70
N LEU B 81 39.52 16.72 -5.55
CA LEU B 81 39.60 15.91 -6.75
C LEU B 81 40.76 14.94 -6.63
N GLN B 82 40.49 13.66 -6.89
CA GLN B 82 41.51 12.63 -6.96
C GLN B 82 41.72 12.26 -8.42
N LEU B 83 42.97 12.33 -8.88
CA LEU B 83 43.25 12.11 -10.29
C LEU B 83 42.85 10.69 -10.68
N GLY B 84 42.13 10.58 -11.80
CA GLY B 84 41.68 9.32 -12.31
C GLY B 84 40.60 9.49 -13.35
N PRO B 85 40.25 8.41 -14.03
CA PRO B 85 39.25 8.51 -15.11
C PRO B 85 37.88 8.94 -14.61
N HIS B 86 37.60 8.81 -13.32
CA HIS B 86 36.30 9.22 -12.80
C HIS B 86 36.09 10.72 -12.82
N LEU B 87 37.13 11.50 -13.10
CA LEU B 87 37.01 12.95 -13.14
C LEU B 87 36.35 13.47 -14.41
N ASN B 88 36.09 12.60 -15.39
CA ASN B 88 35.51 13.03 -16.64
C ASN B 88 34.43 12.03 -17.01
N PRO B 89 33.20 12.49 -17.30
CA PRO B 89 32.13 11.54 -17.61
C PRO B 89 32.43 10.66 -18.80
N PHE B 90 33.08 11.21 -19.82
CA PHE B 90 33.49 10.37 -20.96
C PHE B 90 34.59 9.41 -20.55
N LEU B 91 35.58 9.88 -19.80
CA LEU B 91 36.58 8.98 -19.26
C LEU B 91 35.97 8.00 -18.26
N SER B 92 34.97 8.45 -17.49
CA SER B 92 34.32 7.56 -16.53
C SER B 92 33.64 6.39 -17.24
N HIS B 93 32.96 6.67 -18.35
CA HIS B 93 32.28 5.60 -19.07
C HIS B 93 33.29 4.65 -19.71
N LEU B 94 34.39 5.17 -20.24
CA LEU B 94 35.39 4.29 -20.86
C LEU B 94 36.13 3.47 -19.82
N SER B 95 36.29 4.00 -18.60
CA SER B 95 37.02 3.26 -17.57
C SER B 95 36.32 1.96 -17.22
N GLN B 96 34.99 1.91 -17.35
CA GLN B 96 34.28 0.65 -17.12
C GLN B 96 34.66 -0.40 -18.14
N MET B 97 35.22 -0.01 -19.27
CA MET B 97 35.63 -0.95 -20.30
C MET B 97 37.09 -1.37 -20.16
N TYR B 98 37.92 -0.52 -19.53
CA TYR B 98 39.34 -0.76 -19.44
C TYR B 98 39.74 -1.10 -18.01
N ASN B 99 40.97 -1.58 -17.87
CA ASN B 99 41.48 -2.02 -16.57
C ASN B 99 42.45 -1.03 -15.93
N GLY B 100 43.07 -0.17 -16.72
CA GLY B 100 44.05 0.76 -16.18
C GLY B 100 44.04 2.07 -16.93
N TRP B 101 44.87 3.00 -16.46
CA TRP B 101 44.93 4.31 -17.08
C TRP B 101 46.26 4.98 -16.71
N VAL B 102 46.63 5.96 -17.52
CA VAL B 102 47.83 6.77 -17.30
C VAL B 102 47.53 8.19 -17.77
N GLY B 103 48.54 9.05 -17.64
CA GLY B 103 48.48 10.39 -18.19
C GLY B 103 47.93 11.42 -17.21
N ASN B 104 48.12 12.68 -17.59
CA ASN B 104 47.69 13.80 -16.78
C ASN B 104 46.23 14.15 -17.10
N MET B 105 45.69 15.08 -16.31
CA MET B 105 44.35 15.58 -16.52
C MET B 105 44.36 17.09 -16.41
N ARG B 106 43.65 17.75 -17.31
CA ARG B 106 43.51 19.20 -17.30
C ARG B 106 42.20 19.57 -16.63
N VAL B 107 42.27 20.45 -15.63
CA VAL B 107 41.11 20.84 -14.83
C VAL B 107 40.95 22.35 -14.94
N ARG B 108 39.72 22.79 -15.22
CA ARG B 108 39.38 24.19 -15.26
C ARG B 108 38.36 24.48 -14.18
N VAL B 109 38.64 25.49 -13.36
CA VAL B 109 37.73 25.93 -12.30
C VAL B 109 36.97 27.13 -12.83
N VAL B 110 35.67 26.97 -13.04
CA VAL B 110 34.82 28.05 -13.52
C VAL B 110 34.20 28.70 -12.29
N LEU B 111 34.72 29.86 -11.91
CA LEU B 111 34.15 30.64 -10.80
C LEU B 111 34.24 32.11 -11.20
N ALA B 112 33.09 32.69 -11.54
CA ALA B 112 32.99 34.10 -11.92
C ALA B 112 31.88 34.70 -11.09
N GLY B 113 32.22 35.16 -9.89
CA GLY B 113 31.23 35.73 -9.01
C GLY B 113 30.85 37.15 -9.41
N ASN B 114 29.89 37.69 -8.69
CA ASN B 114 29.43 39.05 -8.96
C ASN B 114 30.56 40.03 -8.69
N ALA B 115 30.54 41.14 -9.42
CA ALA B 115 31.59 42.15 -9.28
C ALA B 115 31.64 42.73 -7.87
N PHE B 116 30.55 42.63 -7.11
CA PHE B 116 30.54 43.15 -5.74
C PHE B 116 31.28 42.24 -4.77
N THR B 117 31.34 40.94 -5.06
CA THR B 117 31.98 40.01 -4.14
C THR B 117 33.48 40.26 -4.09
N ALA B 118 34.11 39.73 -3.04
CA ALA B 118 35.55 39.87 -2.86
C ALA B 118 36.04 38.66 -2.07
N GLY B 119 36.82 37.81 -2.71
CA GLY B 119 37.35 36.64 -2.06
C GLY B 119 38.33 35.92 -2.97
N LYS B 120 39.15 35.08 -2.36
CA LYS B 120 40.16 34.35 -3.11
C LYS B 120 40.11 32.88 -2.72
N VAL B 121 40.35 32.00 -3.69
CA VAL B 121 40.45 30.57 -3.46
C VAL B 121 41.86 30.13 -3.82
N ILE B 122 42.26 29.02 -3.22
CA ILE B 122 43.59 28.46 -3.46
C ILE B 122 43.43 27.01 -3.89
N ILE B 123 44.15 26.63 -4.93
CA ILE B 123 44.10 25.28 -5.49
C ILE B 123 45.50 24.71 -5.46
N CYS B 124 45.68 23.60 -4.74
CA CYS B 124 46.97 22.96 -4.57
C CYS B 124 46.94 21.56 -5.16
N CYS B 125 48.13 20.98 -5.30
CA CYS B 125 48.31 19.65 -5.88
C CYS B 125 49.20 18.83 -4.95
N VAL B 126 48.59 18.18 -3.96
CA VAL B 126 49.34 17.38 -3.01
C VAL B 126 49.76 16.07 -3.67
N PRO B 127 50.98 15.58 -3.39
CA PRO B 127 51.42 14.31 -3.98
C PRO B 127 50.63 13.15 -3.42
N PRO B 128 50.54 12.03 -4.16
CA PRO B 128 49.80 10.88 -3.65
C PRO B 128 50.37 10.30 -2.36
N GLY B 129 51.69 10.33 -2.21
CA GLY B 129 52.29 9.79 -1.00
C GLY B 129 51.90 10.55 0.25
N PHE B 130 51.75 11.86 0.13
CA PHE B 130 51.34 12.67 1.28
C PHE B 130 49.96 12.26 1.75
N GLN B 131 49.79 12.23 3.07
CA GLN B 131 48.48 11.93 3.66
C GLN B 131 48.30 12.76 4.91
N SER B 132 47.29 13.63 4.90
CA SER B 132 46.85 14.32 6.10
C SER B 132 45.34 14.39 6.26
N ARG B 133 44.57 14.28 5.17
CA ARG B 133 43.12 14.32 5.18
C ARG B 133 42.58 15.65 5.69
N THR B 134 43.48 16.59 5.93
CA THR B 134 43.12 17.95 6.32
C THR B 134 44.33 18.84 6.06
N LEU B 135 44.07 20.08 5.68
CA LEU B 135 45.14 21.00 5.32
C LEU B 135 44.74 22.42 5.70
N SER B 136 45.62 23.09 6.45
CA SER B 136 45.43 24.50 6.72
C SER B 136 45.72 25.32 5.47
N ILE B 137 45.16 26.52 5.41
CA ILE B 137 45.41 27.40 4.28
C ILE B 137 46.89 27.72 4.18
N ALA B 138 47.55 27.87 5.34
CA ALA B 138 49.00 28.08 5.34
C ALA B 138 49.72 26.88 4.74
N GLN B 139 49.28 25.66 5.07
CA GLN B 139 49.92 24.47 4.53
C GLN B 139 49.69 24.34 3.03
N ALA B 140 48.53 24.79 2.54
CA ALA B 140 48.23 24.68 1.12
C ALA B 140 49.21 25.47 0.29
N THR B 141 49.70 26.60 0.81
CA THR B 141 50.66 27.41 0.07
C THR B 141 52.00 26.70 -0.10
N LEU B 142 52.26 25.65 0.67
CA LEU B 142 53.53 24.94 0.54
C LEU B 142 53.57 24.12 -0.75
N PHE B 143 52.49 23.42 -1.05
CA PHE B 143 52.42 22.64 -2.27
C PHE B 143 52.31 23.57 -3.47
N PRO B 144 52.68 23.09 -4.67
CA PRO B 144 52.47 23.89 -5.88
C PRO B 144 51.00 24.29 -6.00
N HIS B 145 50.76 25.59 -5.91
CA HIS B 145 49.42 26.12 -5.74
C HIS B 145 49.17 27.27 -6.71
N VAL B 146 47.90 27.65 -6.81
CA VAL B 146 47.48 28.83 -7.55
C VAL B 146 46.40 29.54 -6.75
N ILE B 147 46.49 30.86 -6.65
CA ILE B 147 45.52 31.68 -5.94
C ILE B 147 44.70 32.44 -6.98
N ALA B 148 43.39 32.29 -6.92
CA ALA B 148 42.50 32.86 -7.92
C ALA B 148 41.42 33.69 -7.23
N ASP B 149 41.12 34.85 -7.81
CA ASP B 149 40.01 35.65 -7.34
C ASP B 149 38.68 34.98 -7.70
N VAL B 150 37.70 35.14 -6.81
CA VAL B 150 36.37 34.61 -7.08
C VAL B 150 35.66 35.34 -8.19
N ARG B 151 36.20 36.47 -8.64
CA ARG B 151 35.65 37.24 -9.74
C ARG B 151 36.37 37.00 -11.05
N THR B 152 37.23 36.00 -11.12
CA THR B 152 37.99 35.72 -12.33
C THR B 152 37.05 35.28 -13.44
N LEU B 153 36.95 36.08 -14.50
CA LEU B 153 36.07 35.73 -15.61
C LEU B 153 36.55 34.47 -16.32
N ASP B 154 37.81 34.44 -16.72
CA ASP B 154 38.33 33.28 -17.43
C ASP B 154 38.52 32.12 -16.48
N PRO B 155 38.06 30.92 -16.82
CA PRO B 155 38.25 29.77 -15.92
C PRO B 155 39.72 29.51 -15.65
N VAL B 156 40.03 29.17 -14.41
CA VAL B 156 41.41 28.93 -14.01
C VAL B 156 41.77 27.50 -14.38
N GLU B 157 42.71 27.35 -15.30
CA GLU B 157 43.16 26.04 -15.75
C GLU B 157 44.39 25.63 -14.95
N VAL B 158 44.30 24.50 -14.25
CA VAL B 158 45.40 23.99 -13.46
C VAL B 158 45.70 22.57 -13.90
N PRO B 159 46.95 22.24 -14.23
CA PRO B 159 47.27 20.87 -14.65
C PRO B 159 47.32 19.93 -13.47
N LEU B 160 46.64 18.79 -13.60
CA LEU B 160 46.67 17.74 -12.57
C LEU B 160 47.67 16.69 -13.04
N GLU B 161 48.95 16.98 -12.79
CA GLU B 161 50.02 16.12 -13.25
C GLU B 161 49.93 14.75 -12.59
N ASP B 162 50.31 13.72 -13.35
CA ASP B 162 50.31 12.35 -12.87
C ASP B 162 51.71 11.96 -12.43
N VAL B 163 51.90 11.79 -11.13
CA VAL B 163 53.16 11.33 -10.56
C VAL B 163 52.91 9.98 -9.91
N ARG B 164 53.80 9.03 -10.17
CA ARG B 164 53.57 7.65 -9.77
C ARG B 164 54.88 6.89 -9.82
N ASN B 165 55.02 5.90 -8.93
CA ASN B 165 56.16 4.99 -9.02
C ASN B 165 55.88 3.88 -10.02
N VAL B 166 54.66 3.35 -10.03
CA VAL B 166 54.30 2.26 -10.93
C VAL B 166 54.11 2.81 -12.34
N LEU B 167 54.24 1.91 -13.32
CA LEU B 167 54.13 2.33 -14.72
C LEU B 167 52.72 2.82 -15.06
N TYR B 168 51.70 2.11 -14.58
CA TYR B 168 50.33 2.51 -14.84
C TYR B 168 49.46 2.20 -13.64
N HIS B 169 48.35 2.92 -13.53
CA HIS B 169 47.44 2.77 -12.41
C HIS B 169 46.34 1.78 -12.74
N ASN B 170 46.04 0.89 -11.81
CA ASN B 170 44.83 0.10 -11.89
C ASN B 170 43.70 0.79 -11.14
N ASN B 171 42.49 0.25 -11.29
CA ASN B 171 41.34 0.78 -10.57
C ASN B 171 41.21 0.12 -9.21
N ASP B 172 42.25 0.31 -8.38
CA ASP B 172 42.38 -0.38 -7.12
C ASP B 172 42.49 0.58 -5.93
N THR B 173 41.94 1.78 -6.08
CA THR B 173 41.89 2.78 -5.01
C THR B 173 43.26 3.14 -4.46
N GLN B 174 44.32 2.89 -5.22
CA GLN B 174 45.64 3.33 -4.81
C GLN B 174 45.71 4.85 -4.85
N PRO B 175 46.48 5.46 -3.95
CA PRO B 175 46.53 6.93 -3.90
C PRO B 175 47.08 7.52 -5.20
N THR B 176 46.47 8.61 -5.63
CA THR B 176 46.92 9.37 -6.80
C THR B 176 47.01 10.84 -6.40
N MET B 177 47.58 11.64 -7.29
CA MET B 177 47.70 13.07 -7.03
C MET B 177 46.33 13.69 -6.85
N ARG B 178 46.22 14.57 -5.86
CA ARG B 178 44.95 15.17 -5.48
C ARG B 178 44.95 16.66 -5.79
N LEU B 179 43.82 17.15 -6.27
CA LEU B 179 43.62 18.58 -6.49
C LEU B 179 42.72 19.10 -5.38
N LEU B 180 43.30 19.87 -4.46
CA LEU B 180 42.58 20.41 -3.31
C LEU B 180 42.31 21.88 -3.54
N CYS B 181 41.04 22.28 -3.41
CA CYS B 181 40.64 23.67 -3.54
C CYS B 181 39.96 24.09 -2.24
N MET B 182 40.60 25.00 -1.52
CA MET B 182 40.07 25.52 -0.27
C MET B 182 39.92 27.02 -0.36
N LEU B 183 38.90 27.54 0.33
CA LEU B 183 38.65 28.97 0.33
C LEU B 183 39.78 29.70 1.05
N TYR B 184 40.51 30.55 0.33
CA TYR B 184 41.66 31.23 0.92
C TYR B 184 41.21 32.41 1.78
N THR B 185 40.56 33.38 1.18
CA THR B 185 40.03 34.50 1.93
C THR B 185 38.51 34.46 1.94
N PRO B 186 37.86 34.79 3.06
CA PRO B 186 36.40 34.63 3.13
C PRO B 186 35.68 35.50 2.10
N LEU B 187 34.57 34.97 1.61
CA LEU B 187 33.76 35.69 0.63
C LEU B 187 32.93 36.72 1.38
N ARG B 188 33.47 37.93 1.48
CA ARG B 188 32.78 39.05 2.13
C ARG B 188 32.18 39.91 1.03
N THR B 189 31.01 39.52 0.55
CA THR B 189 30.30 40.32 -0.43
C THR B 189 29.94 41.68 0.15
N GLY B 190 30.22 42.73 -0.61
CA GLY B 190 30.00 44.08 -0.12
C GLY B 190 29.74 45.04 -1.25
N GLY B 191 29.32 46.24 -0.89
CA GLY B 191 28.95 47.25 -1.85
C GLY B 191 27.55 47.11 -2.42
N ALA B 192 26.80 46.09 -2.01
CA ALA B 192 25.44 45.89 -2.49
C ALA B 192 24.43 45.61 -1.39
N SER B 193 24.87 45.24 -0.18
CA SER B 193 23.99 44.94 0.95
C SER B 193 22.90 43.95 0.58
N GLY B 194 23.33 42.75 0.21
CA GLY B 194 22.43 41.66 -0.13
C GLY B 194 22.52 40.52 0.87
N GLY B 195 21.71 39.50 0.62
CA GLY B 195 21.67 38.33 1.47
C GLY B 195 22.81 37.37 1.19
N THR B 196 22.82 36.29 1.97
CA THR B 196 23.84 35.26 1.80
C THR B 196 23.62 34.49 0.51
N ASP B 197 22.45 33.83 0.39
CA ASP B 197 22.15 33.07 -0.81
C ASP B 197 22.07 33.98 -2.04
N SER B 198 21.74 35.25 -1.84
CA SER B 198 21.70 36.20 -2.95
C SER B 198 23.09 36.49 -3.51
N PHE B 199 24.16 36.10 -2.79
CA PHE B 199 25.51 36.30 -3.28
C PHE B 199 26.37 35.05 -3.14
N VAL B 200 25.75 33.89 -2.95
CA VAL B 200 26.50 32.64 -2.96
C VAL B 200 27.05 32.43 -4.36
N VAL B 201 28.37 32.34 -4.46
CA VAL B 201 29.02 32.16 -5.76
C VAL B 201 28.98 30.68 -6.11
N ALA B 202 28.41 30.36 -7.27
CA ALA B 202 28.36 28.99 -7.74
C ALA B 202 29.52 28.74 -8.68
N GLY B 203 30.27 27.67 -8.40
CA GLY B 203 31.43 27.32 -9.19
C GLY B 203 31.26 25.97 -9.86
N ARG B 204 31.87 25.82 -11.02
CA ARG B 204 31.80 24.59 -11.79
C ARG B 204 33.21 24.13 -12.12
N VAL B 205 33.42 22.82 -12.10
CA VAL B 205 34.73 22.24 -12.37
C VAL B 205 34.63 21.50 -13.70
N LEU B 206 35.38 21.98 -14.69
CA LEU B 206 35.43 21.36 -16.00
C LEU B 206 36.77 20.67 -16.17
N THR B 207 36.74 19.40 -16.58
CA THR B 207 37.95 18.61 -16.74
C THR B 207 37.97 17.96 -18.12
N CYS B 208 39.12 17.97 -18.75
CA CYS B 208 39.35 17.22 -19.98
C CYS B 208 40.66 16.46 -19.88
N PRO B 209 40.73 15.26 -20.46
CA PRO B 209 41.97 14.48 -20.36
C PRO B 209 43.12 15.18 -21.06
N GLY B 210 44.32 14.92 -20.56
CA GLY B 210 45.51 15.49 -21.13
C GLY B 210 45.82 14.89 -22.49
N PRO B 211 46.81 15.44 -23.18
CA PRO B 211 47.16 14.91 -24.50
C PRO B 211 47.69 13.49 -24.48
N ASP B 212 48.12 13.00 -23.31
CA ASP B 212 48.75 11.69 -23.23
C ASP B 212 47.99 10.76 -22.28
N PHE B 213 46.73 11.07 -21.99
CA PHE B 213 45.91 10.20 -21.16
C PHE B 213 45.55 8.97 -21.99
N ASN B 214 45.82 7.80 -21.44
CA ASN B 214 45.64 6.55 -22.16
C ASN B 214 45.00 5.50 -21.28
N PHE B 215 44.39 4.50 -21.92
CA PHE B 215 43.83 3.33 -21.27
C PHE B 215 44.62 2.11 -21.71
N LEU B 216 44.87 1.18 -20.79
CA LEU B 216 45.83 0.11 -21.05
C LEU B 216 45.20 -1.21 -21.48
N PHE B 217 44.36 -1.80 -20.63
CA PHE B 217 43.93 -3.18 -20.82
C PHE B 217 42.41 -3.24 -20.89
N LEU B 218 41.90 -3.96 -21.89
CA LEU B 218 40.46 -4.12 -22.03
C LEU B 218 39.93 -5.11 -21.00
N VAL B 219 38.74 -4.84 -20.49
CA VAL B 219 38.10 -5.67 -19.46
C VAL B 219 36.62 -5.78 -19.79
N PRO B 220 35.97 -6.85 -19.33
CA PRO B 220 34.52 -6.93 -19.45
C PRO B 220 33.85 -5.68 -18.90
N PRO B 221 32.95 -5.07 -19.65
CA PRO B 221 32.38 -3.78 -19.23
C PRO B 221 31.59 -3.90 -17.95
N THR B 222 31.57 -2.79 -17.19
CA THR B 222 30.78 -2.59 -15.98
C THR B 222 30.79 -3.78 -15.04
N VAL B 223 31.91 -4.50 -14.98
CA VAL B 223 32.08 -5.59 -14.03
C VAL B 223 32.81 -5.14 -12.77
N GLU B 224 33.87 -4.35 -12.93
CA GLU B 224 34.66 -3.92 -11.79
C GLU B 224 33.87 -2.95 -10.92
N GLN B 225 34.12 -3.01 -9.61
CA GLN B 225 33.39 -2.17 -8.66
C GLN B 225 33.85 -0.72 -8.72
N LYS B 226 35.15 -0.50 -8.94
CA LYS B 226 35.71 0.84 -8.81
C LYS B 226 35.14 1.79 -9.86
N THR B 227 34.93 1.31 -11.08
CA THR B 227 34.53 2.17 -12.19
C THR B 227 33.03 2.38 -12.28
N ARG B 228 32.24 1.74 -11.44
CA ARG B 228 30.79 1.87 -11.54
C ARG B 228 30.37 3.29 -11.20
N PRO B 229 29.40 3.85 -11.92
CA PRO B 229 28.89 5.18 -11.59
C PRO B 229 27.73 5.14 -10.63
N PHE B 230 27.65 6.16 -9.78
CA PHE B 230 26.57 6.24 -8.82
C PHE B 230 25.26 6.57 -9.51
N THR B 231 24.19 5.91 -9.07
CA THR B 231 22.89 6.08 -9.70
C THR B 231 21.80 5.84 -8.67
N VAL B 232 20.78 6.69 -8.69
CA VAL B 232 19.60 6.51 -7.83
C VAL B 232 18.45 6.05 -8.71
N PRO B 233 17.55 5.21 -8.18
CA PRO B 233 16.44 4.71 -9.01
C PRO B 233 15.55 5.85 -9.51
N ASN B 234 15.05 5.67 -10.73
CA ASN B 234 14.18 6.66 -11.34
C ASN B 234 12.71 6.25 -11.14
N ILE B 235 12.30 6.29 -9.88
CA ILE B 235 10.93 5.93 -9.51
C ILE B 235 10.36 7.05 -8.64
N PRO B 236 9.13 7.49 -8.89
CA PRO B 236 8.55 8.55 -8.06
C PRO B 236 8.45 8.13 -6.61
N LEU B 237 8.61 9.12 -5.71
CA LEU B 237 8.66 8.84 -4.28
C LEU B 237 7.36 8.27 -3.75
N LYS B 238 6.23 8.54 -4.41
CA LYS B 238 4.95 8.03 -3.93
C LYS B 238 4.94 6.51 -3.94
N TYR B 239 5.49 5.90 -4.98
CA TYR B 239 5.53 4.44 -5.05
C TYR B 239 6.56 3.87 -4.08
N LEU B 240 7.58 4.64 -3.73
CA LEU B 240 8.67 4.13 -2.91
C LEU B 240 8.17 3.76 -1.51
N SER B 241 8.88 2.84 -0.89
CA SER B 241 8.49 2.28 0.39
C SER B 241 9.37 2.80 1.51
N ASN B 242 8.82 2.82 2.72
CA ASN B 242 9.59 3.15 3.90
C ASN B 242 10.58 2.03 4.21
N SER B 243 11.60 2.37 4.98
CA SER B 243 12.64 1.41 5.33
C SER B 243 12.60 0.98 6.79
N ARG B 244 11.60 1.41 7.56
CA ARG B 244 11.44 0.95 8.92
C ARG B 244 10.14 0.21 9.16
N ILE B 245 9.10 0.49 8.38
CA ILE B 245 7.86 -0.29 8.39
C ILE B 245 7.49 -0.52 6.93
N PRO B 246 6.86 -1.64 6.60
CA PRO B 246 6.55 -1.92 5.19
C PRO B 246 5.29 -1.20 4.72
N ASN B 247 5.36 0.13 4.70
CA ASN B 247 4.22 0.94 4.32
C ASN B 247 4.64 1.99 3.30
N PRO B 248 3.72 2.41 2.44
CA PRO B 248 4.06 3.42 1.44
C PRO B 248 4.41 4.74 2.10
N ILE B 249 5.29 5.49 1.45
CA ILE B 249 5.76 6.76 2.00
C ILE B 249 4.68 7.81 1.79
N GLU B 250 4.29 8.47 2.88
CA GLU B 250 3.23 9.47 2.83
C GLU B 250 3.75 10.89 2.81
N GLY B 251 5.05 11.09 2.87
CA GLY B 251 5.61 12.44 2.78
C GLY B 251 6.93 12.53 3.50
N MET B 252 7.64 13.61 3.19
CA MET B 252 8.88 13.96 3.85
C MET B 252 8.59 14.90 5.01
N SER B 253 9.46 14.87 6.01
CA SER B 253 9.27 15.73 7.17
C SER B 253 10.59 15.85 7.92
N LEU B 254 10.65 16.83 8.80
CA LEU B 254 11.78 17.02 9.69
C LEU B 254 11.42 16.55 11.10
N SER B 255 12.44 16.48 11.94
CA SER B 255 12.22 16.05 13.32
C SER B 255 11.47 17.14 14.10
N PRO B 256 10.83 16.77 15.21
CA PRO B 256 10.29 17.80 16.10
C PRO B 256 11.35 18.77 16.57
N ASP B 257 12.55 18.27 16.83
CA ASP B 257 13.73 19.08 17.10
C ASP B 257 14.70 18.87 15.95
N GLN B 258 14.99 19.93 15.20
CA GLN B 258 15.81 19.78 14.00
C GLN B 258 17.22 19.32 14.32
N THR B 259 17.73 19.65 15.50
CA THR B 259 19.06 19.21 15.92
C THR B 259 18.98 17.98 16.83
N GLN B 260 18.43 16.91 16.28
CA GLN B 260 18.16 15.69 17.03
C GLN B 260 18.93 14.53 16.40
N ASN B 261 19.77 13.87 17.20
CA ASN B 261 20.47 12.70 16.73
C ASN B 261 19.49 11.53 16.58
N VAL B 262 19.76 10.69 15.58
CA VAL B 262 18.90 9.58 15.24
C VAL B 262 19.75 8.32 15.11
N GLN B 263 19.27 7.23 15.69
CA GLN B 263 20.00 5.97 15.74
C GLN B 263 19.12 4.81 15.28
N PHE B 264 18.43 5.00 14.15
CA PHE B 264 17.65 3.91 13.59
C PHE B 264 18.55 2.72 13.25
N GLN B 265 17.93 1.55 13.10
CA GLN B 265 18.65 0.33 12.77
C GLN B 265 18.04 -0.42 11.59
N ASN B 266 17.15 0.21 10.83
CA ASN B 266 16.53 -0.43 9.69
C ASN B 266 16.71 0.33 8.38
N GLY B 267 16.78 1.65 8.43
CA GLY B 267 17.00 2.42 7.22
C GLY B 267 18.45 2.76 7.01
N ARG B 268 19.33 2.02 7.66
CA ARG B 268 20.76 2.29 7.63
C ARG B 268 21.41 1.52 6.49
N CYS B 269 22.01 2.23 5.55
CA CYS B 269 22.71 1.61 4.43
C CYS B 269 23.62 2.66 3.81
N THR B 270 24.90 2.37 3.71
CA THR B 270 25.83 3.31 3.11
C THR B 270 25.53 3.49 1.63
N ILE B 271 26.01 4.62 1.08
CA ILE B 271 25.77 4.93 -0.32
C ILE B 271 26.36 3.86 -1.22
N ASP B 272 27.60 3.45 -0.94
CA ASP B 272 28.25 2.39 -1.68
C ASP B 272 27.73 1.00 -1.35
N GLY B 273 26.81 0.88 -0.39
CA GLY B 273 25.94 -0.28 -0.36
C GLY B 273 26.23 -1.43 0.60
N GLN B 274 26.68 -1.13 1.81
CA GLN B 274 26.77 -2.15 2.85
C GLN B 274 25.74 -1.81 3.92
N PRO B 275 24.65 -2.58 4.03
CA PRO B 275 23.65 -2.28 5.06
C PRO B 275 24.26 -2.36 6.46
N LEU B 276 23.82 -1.45 7.32
CA LEU B 276 24.28 -1.39 8.69
C LEU B 276 23.13 -1.73 9.63
N GLY B 277 23.47 -2.10 10.86
CA GLY B 277 22.45 -2.50 11.80
C GLY B 277 21.70 -3.72 11.31
N THR B 278 20.38 -3.65 11.38
CA THR B 278 19.51 -4.76 10.99
C THR B 278 18.73 -4.44 9.73
N THR B 279 19.36 -3.77 8.78
CA THR B 279 18.67 -3.40 7.55
C THR B 279 18.49 -4.63 6.67
N PRO B 280 17.27 -4.97 6.28
CA PRO B 280 17.07 -6.05 5.31
C PRO B 280 17.19 -5.53 3.89
N VAL B 281 17.42 -6.48 2.98
CA VAL B 281 17.57 -6.10 1.57
C VAL B 281 16.24 -5.68 0.98
N SER B 282 15.16 -6.38 1.31
CA SER B 282 13.87 -6.15 0.68
C SER B 282 12.80 -5.84 1.72
N VAL B 283 11.70 -5.25 1.24
CA VAL B 283 10.60 -4.84 2.10
C VAL B 283 9.91 -6.04 2.75
N SER B 284 9.99 -7.22 2.15
CA SER B 284 9.25 -8.37 2.68
C SER B 284 9.66 -8.69 4.11
N GLN B 285 10.96 -8.67 4.38
CA GLN B 285 11.47 -8.97 5.72
C GLN B 285 11.79 -7.69 6.49
N LEU B 286 11.00 -6.64 6.31
CA LEU B 286 11.37 -5.33 6.85
C LEU B 286 11.05 -5.21 8.33
N CYS B 287 9.79 -5.44 8.71
CA CYS B 287 9.37 -5.29 10.10
C CYS B 287 8.93 -6.62 10.70
N LYS B 288 9.26 -7.74 10.06
CA LYS B 288 8.83 -9.05 10.51
C LYS B 288 9.88 -9.66 11.44
N PHE B 289 9.43 -10.55 12.31
CA PHE B 289 10.31 -11.32 13.17
C PHE B 289 9.83 -12.76 13.21
N ARG B 290 10.77 -13.68 13.35
CA ARG B 290 10.48 -15.10 13.38
C ARG B 290 11.16 -15.73 14.58
N GLY B 291 10.47 -16.66 15.23
CA GLY B 291 11.04 -17.31 16.38
C GLY B 291 10.25 -18.54 16.77
N ARG B 292 10.85 -19.34 17.64
CA ARG B 292 10.25 -20.56 18.16
C ARG B 292 9.95 -20.37 19.64
N ILE B 293 8.74 -20.74 20.05
CA ILE B 293 8.30 -20.59 21.43
C ILE B 293 7.79 -21.93 21.94
N THR B 294 8.12 -22.25 23.18
CA THR B 294 7.56 -23.43 23.82
C THR B 294 6.10 -23.20 24.17
N SER B 295 5.34 -24.27 24.24
CA SER B 295 3.91 -24.16 24.52
C SER B 295 3.69 -23.63 25.93
N GLY B 296 2.72 -22.75 26.08
CA GLY B 296 2.40 -22.21 27.39
C GLY B 296 3.44 -21.28 27.96
N GLN B 297 4.27 -20.67 27.12
CA GLN B 297 5.32 -19.76 27.57
C GLN B 297 5.31 -18.52 26.71
N ARG B 298 5.85 -17.43 27.26
CA ARG B 298 5.87 -16.14 26.57
C ARG B 298 7.24 -15.78 26.03
N VAL B 299 8.25 -16.62 26.24
CA VAL B 299 9.59 -16.32 25.76
C VAL B 299 9.68 -16.73 24.29
N LEU B 300 10.16 -15.81 23.46
CA LEU B 300 10.29 -16.04 22.03
C LEU B 300 11.76 -16.07 21.67
N ASN B 301 12.25 -17.24 21.24
CA ASN B 301 13.64 -17.39 20.84
C ASN B 301 13.78 -16.99 19.37
N LEU B 302 14.35 -15.81 19.14
CA LEU B 302 14.38 -15.25 17.80
C LEU B 302 15.27 -16.05 16.86
N THR B 303 14.86 -16.11 15.60
CA THR B 303 15.65 -16.65 14.51
C THR B 303 15.55 -15.68 13.33
N GLU B 304 16.30 -15.97 12.27
CA GLU B 304 16.21 -15.15 11.08
C GLU B 304 14.88 -15.37 10.37
N LEU B 305 14.56 -14.47 9.45
CA LEU B 305 13.29 -14.55 8.74
C LEU B 305 13.20 -15.83 7.91
N ASP B 306 14.28 -16.22 7.27
CA ASP B 306 14.27 -17.44 6.46
C ASP B 306 14.24 -18.71 7.31
N GLY B 307 14.42 -18.59 8.62
CA GLY B 307 14.38 -19.73 9.51
C GLY B 307 15.73 -20.18 10.03
N SER B 308 16.83 -19.72 9.43
CA SER B 308 18.14 -20.10 9.90
C SER B 308 18.41 -19.49 11.27
N PRO B 309 19.26 -20.12 12.07
CA PRO B 309 19.54 -19.60 13.41
C PRO B 309 20.19 -18.22 13.36
N PHE B 310 19.86 -17.40 14.35
CA PHE B 310 20.40 -16.05 14.44
C PHE B 310 21.67 -16.04 15.28
N MET B 311 22.65 -15.27 14.83
CA MET B 311 23.94 -15.15 15.49
C MET B 311 24.06 -13.77 16.14
N ALA B 312 24.39 -13.75 17.43
CA ALA B 312 24.47 -12.49 18.16
C ALA B 312 25.56 -11.58 17.59
N PHE B 313 26.71 -12.14 17.27
CA PHE B 313 27.83 -11.34 16.77
C PHE B 313 27.60 -10.81 15.37
N ALA B 314 26.55 -11.26 14.68
CA ALA B 314 26.27 -10.75 13.35
C ALA B 314 25.67 -9.34 13.39
N ALA B 315 24.74 -9.09 14.30
CA ALA B 315 23.98 -7.85 14.32
C ALA B 315 23.31 -7.72 15.67
N PRO B 316 22.86 -6.51 16.05
CA PRO B 316 22.13 -6.37 17.31
C PRO B 316 20.84 -7.17 17.35
N ALA B 317 20.27 -7.51 16.21
CA ALA B 317 19.02 -8.24 16.14
C ALA B 317 18.94 -8.95 14.80
N PRO B 318 18.07 -9.96 14.67
CA PRO B 318 17.91 -10.60 13.37
C PRO B 318 17.48 -9.59 12.31
N ALA B 319 17.95 -9.82 11.09
CA ALA B 319 17.71 -8.87 10.01
C ALA B 319 16.22 -8.64 9.83
N GLY B 320 15.83 -7.36 9.77
CA GLY B 320 14.45 -7.01 9.67
C GLY B 320 13.71 -6.93 10.98
N PHE B 321 14.40 -6.94 12.11
CA PHE B 321 13.75 -6.78 13.38
C PHE B 321 13.25 -5.34 13.53
N PRO B 322 12.05 -5.14 14.06
CA PRO B 322 11.53 -3.78 14.21
C PRO B 322 12.40 -2.97 15.17
N ASP B 323 12.51 -1.68 14.88
CA ASP B 323 13.28 -0.77 15.73
C ASP B 323 12.44 0.44 16.13
N LEU B 324 11.12 0.27 16.22
CA LEU B 324 10.23 1.35 16.62
C LEU B 324 10.29 1.46 18.14
N GLY B 325 11.18 2.33 18.62
CA GLY B 325 11.36 2.49 20.04
C GLY B 325 10.33 3.39 20.68
N SER B 326 10.34 3.40 22.01
CA SER B 326 9.46 4.25 22.81
C SER B 326 8.00 4.04 22.43
N CYS B 327 7.62 2.78 22.26
CA CYS B 327 6.23 2.43 21.99
C CYS B 327 6.01 0.98 22.41
N ASP B 328 4.74 0.62 22.56
CA ASP B 328 4.35 -0.73 22.93
C ASP B 328 3.92 -1.47 21.67
N TRP B 329 4.69 -2.49 21.28
CA TRP B 329 4.36 -3.25 20.09
C TRP B 329 3.12 -4.10 20.32
N HIS B 330 2.43 -4.42 19.23
CA HIS B 330 1.28 -5.31 19.25
C HIS B 330 1.43 -6.22 18.04
N ILE B 331 1.93 -7.44 18.27
CA ILE B 331 2.32 -8.29 17.17
C ILE B 331 1.15 -9.19 16.76
N GLU B 332 1.23 -9.70 15.53
CA GLU B 332 0.30 -10.69 15.01
C GLU B 332 1.15 -11.85 14.48
N MET B 333 1.49 -12.79 15.36
CA MET B 333 2.29 -13.92 14.93
C MET B 333 1.42 -14.97 14.24
N SER B 334 2.10 -15.94 13.63
CA SER B 334 1.42 -17.06 13.00
C SER B 334 2.45 -18.17 12.82
N LYS B 335 1.95 -19.41 12.76
CA LYS B 335 2.83 -20.55 12.56
C LYS B 335 3.27 -20.58 11.10
N ILE B 336 4.58 -20.50 10.88
CA ILE B 336 5.09 -20.36 9.51
C ILE B 336 4.78 -21.55 8.61
N PRO B 337 4.95 -22.81 9.04
CA PRO B 337 4.73 -23.91 8.08
C PRO B 337 3.26 -24.13 7.74
N ASN B 338 2.34 -23.53 8.47
CA ASN B 338 0.91 -23.66 8.23
C ASN B 338 0.47 -25.13 8.29
N SER B 339 0.64 -25.71 9.48
CA SER B 339 0.17 -27.08 9.71
C SER B 339 -1.33 -27.14 9.91
N SER B 340 -1.91 -26.09 10.51
CA SER B 340 -3.33 -26.11 10.84
C SER B 340 -4.18 -26.12 9.57
N THR B 341 -5.38 -26.68 9.70
CA THR B 341 -6.31 -26.78 8.59
C THR B 341 -7.64 -26.08 8.81
N GLN B 342 -7.96 -25.66 10.04
CA GLN B 342 -9.26 -25.06 10.30
C GLN B 342 -9.19 -23.62 10.76
N ASN B 343 -8.56 -23.33 11.89
CA ASN B 343 -8.86 -22.09 12.60
C ASN B 343 -8.00 -20.93 12.09
N ASN B 344 -8.39 -19.74 12.51
CA ASN B 344 -7.65 -18.53 12.18
C ASN B 344 -6.26 -18.60 12.79
N PRO B 345 -5.18 -18.58 12.00
CA PRO B 345 -3.85 -18.77 12.56
C PRO B 345 -3.25 -17.52 13.19
N ILE B 346 -3.91 -16.37 13.08
CA ILE B 346 -3.36 -15.13 13.60
C ILE B 346 -3.47 -15.13 15.11
N VAL B 347 -2.33 -15.03 15.79
CA VAL B 347 -2.27 -14.93 17.24
C VAL B 347 -1.75 -13.54 17.57
N THR B 348 -2.52 -12.80 18.34
CA THR B 348 -2.20 -11.41 18.67
C THR B 348 -1.61 -11.35 20.07
N ASN B 349 -0.38 -10.82 20.18
CA ASN B 349 0.27 -10.59 21.45
C ASN B 349 0.96 -9.24 21.40
N SER B 350 1.55 -8.85 22.51
CA SER B 350 2.20 -7.56 22.63
C SER B 350 3.59 -7.73 23.24
N VAL B 351 4.49 -6.83 22.84
CA VAL B 351 5.87 -6.83 23.31
C VAL B 351 6.18 -5.46 23.90
N LYS B 352 6.83 -5.45 25.06
CA LYS B 352 7.22 -4.22 25.70
C LYS B 352 8.74 -4.05 25.58
N PRO B 353 9.22 -3.30 24.59
CA PRO B 353 10.68 -3.16 24.43
C PRO B 353 11.37 -2.49 25.61
N ASN B 354 10.65 -1.69 26.39
CA ASN B 354 11.27 -1.07 27.55
C ASN B 354 11.50 -2.07 28.68
N SER B 355 10.84 -3.22 28.64
CA SER B 355 11.04 -4.24 29.65
C SER B 355 12.46 -4.82 29.54
N GLN B 356 12.99 -5.23 30.69
CA GLN B 356 14.37 -5.71 30.72
C GLN B 356 14.54 -7.00 29.94
N GLN B 357 13.51 -7.84 29.89
CA GLN B 357 13.60 -9.12 29.18
C GLN B 357 13.69 -8.95 27.67
N PHE B 358 13.46 -7.75 27.14
CA PHE B 358 13.56 -7.49 25.71
C PHE B 358 15.04 -7.41 25.35
N VAL B 359 15.61 -8.55 25.02
CA VAL B 359 17.03 -8.61 24.66
C VAL B 359 17.19 -9.36 23.34
N PRO B 360 16.88 -8.73 22.21
CA PRO B 360 17.06 -9.40 20.92
C PRO B 360 18.49 -9.82 20.65
N HIS B 361 19.46 -9.06 21.18
CA HIS B 361 20.86 -9.43 20.97
C HIS B 361 21.16 -10.80 21.55
N LEU B 362 20.43 -11.21 22.58
CA LEU B 362 20.54 -12.54 23.15
C LEU B 362 19.56 -13.53 22.53
N SER B 363 18.90 -13.13 21.44
CA SER B 363 17.96 -13.99 20.73
C SER B 363 16.83 -14.48 21.64
N SER B 364 16.24 -13.54 22.37
CA SER B 364 15.15 -13.88 23.28
C SER B 364 14.37 -12.61 23.61
N ILE B 365 13.07 -12.62 23.32
CA ILE B 365 12.17 -11.56 23.74
C ILE B 365 10.94 -12.22 24.37
N THR B 366 10.42 -11.61 25.42
CA THR B 366 9.27 -12.16 26.15
C THR B 366 8.02 -11.38 25.77
N LEU B 367 7.00 -12.09 25.33
CA LEU B 367 5.72 -11.47 25.03
C LEU B 367 4.96 -11.19 26.31
N ASP B 368 3.91 -10.38 26.20
CA ASP B 368 3.12 -10.02 27.36
C ASP B 368 2.21 -11.16 27.81
N GLU B 369 1.62 -11.88 26.86
CA GLU B 369 0.69 -12.96 27.16
C GLU B 369 1.26 -14.30 26.73
N ASN B 370 0.99 -15.33 27.52
CA ASN B 370 1.45 -16.67 27.18
C ASN B 370 0.73 -17.19 25.93
N VAL B 371 1.45 -17.95 25.14
CA VAL B 371 0.92 -18.54 23.91
C VAL B 371 0.72 -20.03 24.14
N SER B 372 -0.50 -20.50 23.87
CA SER B 372 -0.84 -21.89 24.16
C SER B 372 -0.09 -22.85 23.26
N SER B 373 -0.09 -22.59 21.96
CA SER B 373 0.49 -23.52 20.99
C SER B 373 1.95 -23.15 20.74
N GLY B 374 2.82 -24.16 20.83
CA GLY B 374 4.25 -23.98 20.60
C GLY B 374 4.61 -24.31 19.16
N GLY B 375 5.62 -23.62 18.65
CA GLY B 375 6.07 -23.83 17.30
C GLY B 375 6.78 -22.61 16.77
N ASP B 376 7.21 -22.71 15.51
CA ASP B 376 7.88 -21.61 14.84
C ASP B 376 6.85 -20.56 14.45
N TYR B 377 6.98 -19.37 15.02
CA TYR B 377 6.03 -18.29 14.80
C TYR B 377 6.69 -17.15 14.03
N ILE B 378 5.97 -16.62 13.06
CA ILE B 378 6.42 -15.47 12.28
C ILE B 378 5.33 -14.40 12.33
N GLY B 379 5.73 -13.16 12.56
CA GLY B 379 4.75 -12.10 12.68
C GLY B 379 5.38 -10.74 12.54
N THR B 380 4.52 -9.75 12.40
CA THR B 380 4.90 -8.36 12.21
C THR B 380 4.36 -7.53 13.38
N ILE B 381 4.48 -6.21 13.26
CA ILE B 381 3.89 -5.28 14.20
C ILE B 381 2.56 -4.80 13.62
N GLN B 382 1.48 -5.06 14.33
CA GLN B 382 0.15 -4.68 13.86
C GLN B 382 -0.17 -3.22 14.17
N TRP B 383 0.04 -2.82 15.42
CA TRP B 383 -0.20 -1.44 15.83
C TRP B 383 0.67 -1.15 17.04
N THR B 384 0.83 0.14 17.32
CA THR B 384 1.67 0.59 18.42
C THR B 384 0.91 1.56 19.29
N SER B 385 1.09 1.43 20.60
CA SER B 385 0.47 2.28 21.60
C SER B 385 1.57 3.03 22.36
N PRO B 386 1.22 4.09 23.06
CA PRO B 386 2.21 4.78 23.88
C PRO B 386 2.86 3.82 24.86
N PRO B 387 4.17 3.95 25.09
CA PRO B 387 4.89 2.94 25.87
C PRO B 387 4.34 2.85 27.29
N SER B 388 4.34 1.63 27.81
CA SER B 388 3.86 1.37 29.17
C SER B 388 5.02 1.38 30.14
N ASP B 389 4.72 1.74 31.39
CA ASP B 389 5.70 1.82 32.47
C ASP B 389 6.84 2.78 32.10
N SER B 390 6.49 3.87 31.44
CA SER B 390 7.48 4.86 31.00
C SER B 390 6.98 6.27 31.30
N GLY B 391 6.26 6.44 32.41
CA GLY B 391 5.79 7.75 32.79
C GLY B 391 4.75 8.35 31.87
N GLY B 392 4.02 7.51 31.14
CA GLY B 392 2.99 8.02 30.24
C GLY B 392 3.53 8.86 29.11
N ALA B 393 4.68 8.49 28.55
CA ALA B 393 5.25 9.22 27.43
C ALA B 393 4.54 8.86 26.14
N ASN B 394 4.68 9.74 25.15
CA ASN B 394 4.07 9.52 23.85
C ASN B 394 4.89 8.52 23.03
N THR B 395 4.32 8.08 21.92
CA THR B 395 5.01 7.19 21.01
C THR B 395 6.07 7.99 20.27
N ASN B 396 7.29 8.00 20.80
CA ASN B 396 8.41 8.73 20.19
C ASN B 396 9.08 7.80 19.20
N PHE B 397 8.64 7.87 17.94
CA PHE B 397 9.17 6.98 16.91
C PHE B 397 10.59 7.36 16.50
N TRP B 398 11.11 8.48 16.97
CA TRP B 398 12.47 8.89 16.63
C TRP B 398 13.51 8.23 17.51
N LYS B 399 13.11 7.48 18.52
CA LYS B 399 14.02 6.73 19.37
C LYS B 399 13.95 5.26 18.99
N ILE B 400 14.89 4.49 19.52
CA ILE B 400 14.98 3.06 19.18
C ILE B 400 14.93 2.23 20.45
N PRO B 401 14.44 0.99 20.38
CA PRO B 401 14.41 0.15 21.59
C PRO B 401 15.83 -0.15 22.05
N ASP B 402 15.99 -0.23 23.37
CA ASP B 402 17.29 -0.58 23.94
C ASP B 402 17.51 -2.07 23.70
N TYR B 403 18.32 -2.39 22.70
CA TYR B 403 18.62 -3.78 22.39
C TYR B 403 19.43 -4.40 23.53
N GLY B 404 19.71 -5.69 23.39
CA GLY B 404 20.49 -6.39 24.39
C GLY B 404 21.91 -5.86 24.47
N SER B 405 22.63 -6.32 25.49
CA SER B 405 24.00 -5.88 25.71
C SER B 405 24.87 -6.17 24.50
N SER B 406 25.30 -5.11 23.81
CA SER B 406 26.07 -5.24 22.59
C SER B 406 27.45 -4.63 22.65
N LEU B 407 27.80 -3.95 23.75
CA LEU B 407 29.15 -3.40 23.88
C LEU B 407 30.19 -4.52 23.94
N ALA B 408 29.89 -5.58 24.67
CA ALA B 408 30.83 -6.70 24.78
C ALA B 408 31.04 -7.37 23.43
N GLU B 409 29.97 -7.59 22.68
CA GLU B 409 30.07 -8.27 21.40
C GLU B 409 30.54 -7.31 20.31
N ALA B 410 31.05 -7.90 19.23
CA ALA B 410 31.56 -7.10 18.12
C ALA B 410 30.44 -6.31 17.44
N SER B 411 29.29 -6.94 17.23
CA SER B 411 28.18 -6.29 16.55
C SER B 411 27.39 -5.45 17.55
N GLN B 412 27.26 -4.16 17.27
CA GLN B 412 26.51 -3.25 18.11
C GLN B 412 25.66 -2.36 17.21
N LEU B 413 25.06 -1.33 17.81
CA LEU B 413 24.14 -0.48 17.08
C LEU B 413 24.87 0.29 15.99
N ALA B 414 24.14 0.63 14.93
CA ALA B 414 24.70 1.51 13.91
C ALA B 414 24.94 2.89 14.50
N PRO B 415 26.02 3.56 14.10
CA PRO B 415 26.33 4.87 14.68
C PRO B 415 25.20 5.87 14.43
N ALA B 416 24.95 6.72 15.42
CA ALA B 416 23.91 7.73 15.30
C ALA B 416 24.29 8.74 14.24
N VAL B 417 23.29 9.20 13.49
CA VAL B 417 23.50 10.16 12.41
C VAL B 417 23.17 11.54 12.96
N TYR B 418 24.21 12.25 13.36
CA TYR B 418 24.03 13.61 13.82
C TYR B 418 23.79 14.54 12.64
N PRO B 419 22.96 15.56 12.79
CA PRO B 419 22.72 16.50 11.70
C PRO B 419 23.96 17.34 11.45
N PRO B 420 24.38 17.49 10.20
CA PRO B 420 25.53 18.35 9.91
C PRO B 420 25.20 19.81 10.17
N GLY B 421 26.24 20.63 10.26
CA GLY B 421 26.06 22.04 10.49
C GLY B 421 25.60 22.78 9.25
N PHE B 422 26.05 24.02 9.08
CA PHE B 422 25.73 24.83 7.91
C PHE B 422 24.22 24.94 7.70
N ASN B 423 23.48 24.98 8.82
CA ASN B 423 22.02 25.10 8.78
C ASN B 423 21.38 24.00 7.95
N GLU B 424 21.85 22.77 8.16
CA GLU B 424 21.34 21.62 7.42
C GLU B 424 20.59 20.69 8.37
N VAL B 425 19.43 20.22 7.92
CA VAL B 425 18.57 19.36 8.72
C VAL B 425 18.35 18.06 7.96
N ILE B 426 18.43 16.94 8.68
CA ILE B 426 18.19 15.64 8.06
C ILE B 426 16.74 15.55 7.63
N VAL B 427 16.52 15.03 6.42
CA VAL B 427 15.18 14.87 5.86
C VAL B 427 14.76 13.42 6.06
N TYR B 428 13.58 13.22 6.62
CA TYR B 428 13.06 11.88 6.93
C TYR B 428 11.85 11.60 6.06
N PHE B 429 11.69 10.35 5.68
CA PHE B 429 10.52 9.89 4.94
C PHE B 429 9.56 9.21 5.88
N MET B 430 8.30 9.66 5.89
CA MET B 430 7.34 9.26 6.89
C MET B 430 6.28 8.36 6.29
N ALA B 431 5.97 7.27 6.99
CA ALA B 431 4.90 6.36 6.63
C ALA B 431 4.05 6.09 7.87
N SER B 432 2.78 5.78 7.65
CA SER B 432 1.84 5.62 8.75
C SER B 432 1.84 4.17 9.24
N ILE B 433 1.83 4.02 10.56
CA ILE B 433 1.63 2.73 11.21
C ILE B 433 0.36 2.84 12.02
N PRO B 434 -0.49 1.81 12.05
CA PRO B 434 -1.69 1.89 12.89
C PRO B 434 -1.33 1.96 14.36
N GLY B 435 -2.21 2.58 15.13
CA GLY B 435 -2.03 2.67 16.55
C GLY B 435 -2.26 4.07 17.07
N PRO B 436 -2.80 4.17 18.28
CA PRO B 436 -3.10 5.49 18.85
C PRO B 436 -1.87 6.17 19.42
N ASN B 437 -1.94 7.50 19.46
CA ASN B 437 -0.92 8.32 20.08
C ASN B 437 -1.60 9.36 20.96
N GLN B 438 -0.85 9.84 21.96
CA GLN B 438 -1.44 10.71 22.97
C GLN B 438 -1.94 12.03 22.38
N SER B 439 -1.35 12.47 21.28
CA SER B 439 -1.71 13.75 20.69
C SER B 439 -2.79 13.64 19.63
N GLY B 440 -3.20 12.43 19.26
CA GLY B 440 -4.19 12.27 18.22
C GLY B 440 -3.70 12.61 16.83
N SER B 441 -2.41 12.85 16.67
CA SER B 441 -1.79 13.13 15.39
C SER B 441 -1.57 11.84 14.62
N PRO B 442 -1.37 11.93 13.31
CA PRO B 442 -1.06 10.72 12.54
C PRO B 442 0.21 10.06 13.06
N ASN B 443 0.20 8.72 13.09
CA ASN B 443 1.33 7.95 13.59
C ASN B 443 2.30 7.73 12.45
N LEU B 444 3.30 8.59 12.35
CA LEU B 444 4.27 8.54 11.27
C LEU B 444 5.60 7.99 11.78
N VAL B 445 6.12 6.98 11.10
CA VAL B 445 7.41 6.39 11.43
C VAL B 445 8.45 6.97 10.47
N PRO B 446 9.42 7.73 10.96
CA PRO B 446 10.42 8.32 10.07
C PRO B 446 11.52 7.33 9.72
N CYS B 447 12.01 7.46 8.49
CA CYS B 447 13.11 6.63 8.02
C CYS B 447 14.07 7.50 7.21
N LEU B 448 15.36 7.13 7.25
CA LEU B 448 16.38 7.96 6.63
C LEU B 448 16.31 7.88 5.10
N LEU B 449 16.18 6.67 4.57
CA LEU B 449 16.15 6.45 3.13
C LEU B 449 15.03 5.49 2.77
N PRO B 450 14.45 5.64 1.59
CA PRO B 450 13.45 4.66 1.15
C PRO B 450 14.10 3.30 0.91
N GLN B 451 13.32 2.25 1.14
CA GLN B 451 13.88 0.90 1.03
C GLN B 451 14.27 0.57 -0.40
N GLU B 452 13.59 1.15 -1.39
CA GLU B 452 14.00 0.93 -2.77
C GLU B 452 15.40 1.46 -3.02
N TYR B 453 15.71 2.62 -2.46
CA TYR B 453 17.06 3.17 -2.58
C TYR B 453 18.09 2.25 -1.93
N ILE B 454 17.74 1.70 -0.76
CA ILE B 454 18.68 0.80 -0.07
C ILE B 454 18.91 -0.45 -0.89
N THR B 455 17.84 -1.02 -1.46
CA THR B 455 17.99 -2.19 -2.30
C THR B 455 18.85 -1.87 -3.52
N HIS B 456 18.64 -0.72 -4.14
CA HIS B 456 19.44 -0.34 -5.30
C HIS B 456 20.91 -0.19 -4.92
N PHE B 457 21.19 0.45 -3.79
CA PHE B 457 22.57 0.64 -3.36
C PHE B 457 23.23 -0.70 -3.05
N ILE B 458 22.48 -1.62 -2.45
CA ILE B 458 23.04 -2.93 -2.13
C ILE B 458 23.34 -3.71 -3.41
N SER B 459 22.40 -3.70 -4.36
CA SER B 459 22.57 -4.46 -5.59
C SER B 459 23.71 -3.90 -6.42
N GLU B 460 23.71 -2.59 -6.66
CA GLU B 460 24.74 -1.92 -7.43
C GLU B 460 25.62 -1.15 -6.45
N GLN B 461 26.84 -1.65 -6.23
CA GLN B 461 27.72 -1.12 -5.19
C GLN B 461 28.68 -0.10 -5.81
N ALA B 462 28.10 1.01 -6.26
CA ALA B 462 28.91 2.07 -6.82
C ALA B 462 29.77 2.71 -5.73
N PRO B 463 31.01 3.05 -6.04
CA PRO B 463 31.88 3.67 -5.02
C PRO B 463 31.48 5.10 -4.73
N ILE B 464 32.22 5.76 -3.85
CA ILE B 464 31.93 7.11 -3.41
C ILE B 464 33.08 8.01 -3.87
N GLN B 465 32.76 9.06 -4.61
CA GLN B 465 33.76 9.95 -5.17
C GLN B 465 33.79 11.33 -4.52
N GLY B 466 32.89 11.60 -3.58
CA GLY B 466 32.88 12.89 -2.92
C GLY B 466 32.30 12.77 -1.53
N GLU B 467 32.47 13.83 -0.75
CA GLU B 467 31.99 13.82 0.62
C GLU B 467 30.47 13.82 0.72
N ALA B 468 29.77 14.10 -0.38
CA ALA B 468 28.32 14.07 -0.38
C ALA B 468 27.84 14.00 -1.83
N ALA B 469 26.58 13.61 -2.00
CA ALA B 469 25.95 13.54 -3.30
C ALA B 469 24.86 14.60 -3.39
N LEU B 470 24.91 15.41 -4.44
CA LEU B 470 23.94 16.49 -4.62
C LEU B 470 22.75 15.95 -5.38
N LEU B 471 21.70 15.61 -4.66
CA LEU B 471 20.48 15.11 -5.28
C LEU B 471 19.57 16.28 -5.63
N HIS B 472 18.78 16.08 -6.68
CA HIS B 472 17.76 17.05 -7.10
C HIS B 472 16.41 16.37 -7.03
N TYR B 473 15.47 16.98 -6.30
CA TYR B 473 14.10 16.51 -6.27
C TYR B 473 13.36 17.20 -7.40
N VAL B 474 13.12 16.48 -8.48
CA VAL B 474 12.56 17.04 -9.70
C VAL B 474 11.25 16.34 -10.03
N ASP B 475 10.28 17.12 -10.46
CA ASP B 475 9.00 16.57 -10.91
C ASP B 475 9.21 15.86 -12.24
N PRO B 476 8.87 14.57 -12.36
CA PRO B 476 9.25 13.83 -13.58
C PRO B 476 8.70 14.42 -14.87
N ASP B 477 7.47 14.95 -14.86
CA ASP B 477 6.87 15.42 -16.11
C ASP B 477 7.20 16.89 -16.39
N THR B 478 6.86 17.79 -15.47
CA THR B 478 7.14 19.21 -15.68
C THR B 478 8.63 19.51 -15.61
N ASN B 479 9.41 18.65 -14.95
CA ASN B 479 10.87 18.77 -14.87
C ASN B 479 11.30 20.08 -14.24
N ARG B 480 10.54 20.55 -13.24
CA ARG B 480 10.95 21.70 -12.46
C ARG B 480 11.67 21.24 -11.20
N ASN B 481 12.78 21.89 -10.90
CA ASN B 481 13.59 21.52 -9.75
C ASN B 481 12.88 21.97 -8.48
N LEU B 482 12.18 21.03 -7.84
CA LEU B 482 11.46 21.35 -6.61
C LEU B 482 12.42 21.73 -5.49
N GLY B 483 13.53 21.03 -5.37
CA GLY B 483 14.52 21.36 -4.36
C GLY B 483 15.71 20.43 -4.48
N GLU B 484 16.85 20.91 -3.98
CA GLU B 484 18.09 20.17 -4.04
C GLU B 484 18.46 19.64 -2.66
N PHE B 485 18.88 18.38 -2.61
CA PHE B 485 19.19 17.70 -1.37
C PHE B 485 20.60 17.13 -1.46
N LYS B 486 21.26 17.02 -0.31
CA LYS B 486 22.58 16.43 -0.22
C LYS B 486 22.47 15.04 0.40
N LEU B 487 23.03 14.06 -0.28
CA LEU B 487 22.99 12.68 0.17
C LEU B 487 24.38 12.31 0.71
N TYR B 488 24.47 12.17 2.02
CA TYR B 488 25.74 11.85 2.63
C TYR B 488 26.05 10.36 2.51
N PRO B 489 27.33 9.98 2.52
CA PRO B 489 27.66 8.55 2.42
C PRO B 489 27.13 7.73 3.58
N GLY B 490 26.85 8.34 4.73
CA GLY B 490 26.29 7.61 5.84
C GLY B 490 24.92 7.04 5.57
N GLY B 491 24.24 7.53 4.54
CA GLY B 491 22.96 7.00 4.14
C GLY B 491 21.76 7.83 4.56
N TYR B 492 21.90 9.15 4.65
CA TYR B 492 20.79 10.01 5.03
C TYR B 492 20.77 11.24 4.13
N LEU B 493 19.59 11.82 3.99
CA LEU B 493 19.39 12.99 3.14
C LEU B 493 19.29 14.23 4.02
N THR B 494 20.01 15.28 3.64
CA THR B 494 19.97 16.54 4.33
C THR B 494 19.48 17.64 3.40
N CYS B 495 18.95 18.70 3.99
CA CYS B 495 18.45 19.84 3.23
C CYS B 495 18.52 21.07 4.11
N VAL B 496 18.40 22.23 3.48
CA VAL B 496 18.37 23.50 4.18
C VAL B 496 16.94 24.04 4.12
N PRO B 497 16.19 24.02 5.20
CA PRO B 497 14.84 24.60 5.17
C PRO B 497 14.90 26.09 4.89
N ASN B 498 13.94 26.59 4.12
CA ASN B 498 13.94 27.99 3.73
C ASN B 498 13.78 28.91 4.93
N SER B 499 12.88 28.56 5.84
CA SER B 499 12.59 29.39 6.99
C SER B 499 12.15 28.47 8.12
N SER B 500 11.49 29.04 9.14
CA SER B 500 10.93 28.23 10.21
C SER B 500 9.82 27.31 9.72
N SER B 501 9.33 27.52 8.50
CA SER B 501 8.36 26.61 7.90
C SER B 501 8.92 25.20 7.82
N THR B 502 8.01 24.24 7.58
CA THR B 502 8.39 22.83 7.65
C THR B 502 9.38 22.44 6.55
N GLY B 503 9.53 23.25 5.50
CA GLY B 503 10.52 23.01 4.50
C GLY B 503 10.15 21.93 3.51
N PRO B 504 10.88 20.82 3.51
CA PRO B 504 10.66 19.79 2.49
C PRO B 504 9.31 19.12 2.57
N GLN B 505 8.59 19.26 3.67
CA GLN B 505 7.28 18.61 3.77
C GLN B 505 6.30 19.16 2.75
N GLN B 506 6.44 20.44 2.37
CA GLN B 506 5.55 21.02 1.39
C GLN B 506 5.73 20.42 0.00
N LEU B 507 6.81 19.70 -0.23
CA LEU B 507 7.09 19.20 -1.57
C LEU B 507 6.09 18.13 -1.97
N PRO B 508 5.72 18.06 -3.25
CA PRO B 508 4.84 16.97 -3.71
C PRO B 508 5.55 15.64 -3.65
N LEU B 509 4.74 14.58 -3.51
CA LEU B 509 5.31 13.24 -3.42
C LEU B 509 5.62 12.63 -4.78
N ASP B 510 5.09 13.20 -5.87
CA ASP B 510 5.35 12.66 -7.19
C ASP B 510 6.62 13.31 -7.75
N GLY B 511 7.74 12.98 -7.10
CA GLY B 511 9.02 13.49 -7.52
C GLY B 511 10.05 12.37 -7.53
N VAL B 512 11.11 12.60 -8.29
CA VAL B 512 12.19 11.64 -8.45
C VAL B 512 13.50 12.33 -8.09
N PHE B 513 14.32 11.66 -7.29
CA PHE B 513 15.65 12.17 -6.99
C PHE B 513 16.59 11.80 -8.12
N VAL B 514 17.27 12.80 -8.68
CA VAL B 514 18.25 12.60 -9.73
C VAL B 514 19.61 13.07 -9.21
N PHE B 515 20.62 12.22 -9.38
CA PHE B 515 21.95 12.52 -8.89
C PHE B 515 22.57 13.60 -9.77
N ALA B 516 22.66 14.82 -9.24
CA ALA B 516 23.23 15.92 -10.02
C ALA B 516 24.74 15.81 -10.11
N SER B 517 25.42 15.84 -8.97
CA SER B 517 26.88 15.79 -8.96
C SER B 517 27.38 15.38 -7.59
N TRP B 518 28.64 14.94 -7.55
CA TRP B 518 29.35 14.78 -6.30
C TRP B 518 29.82 16.14 -5.82
N VAL B 519 29.55 16.46 -4.56
CA VAL B 519 29.90 17.76 -4.00
C VAL B 519 30.65 17.56 -2.70
N SER B 520 31.35 18.61 -2.29
CA SER B 520 32.03 18.60 -1.02
C SER B 520 31.03 18.73 0.11
N ARG B 521 31.50 18.49 1.33
CA ARG B 521 30.64 18.59 2.50
C ARG B 521 30.15 20.02 2.71
N PHE B 522 31.01 21.00 2.48
CA PHE B 522 30.68 22.40 2.70
C PHE B 522 29.79 22.99 1.61
N TYR B 523 29.24 22.17 0.71
CA TYR B 523 28.33 22.69 -0.29
C TYR B 523 27.10 23.29 0.37
N GLN B 524 26.70 24.47 -0.07
CA GLN B 524 25.57 25.19 0.50
C GLN B 524 24.35 24.96 -0.37
N LEU B 525 23.40 24.20 0.14
CA LEU B 525 22.19 23.91 -0.61
C LEU B 525 21.31 25.15 -0.73
N LYS B 526 20.65 25.27 -1.87
CA LYS B 526 19.63 26.29 -2.02
C LYS B 526 18.47 25.95 -1.08
N PRO B 527 17.95 26.93 -0.32
CA PRO B 527 16.87 26.62 0.62
C PRO B 527 15.66 26.03 -0.09
N VAL B 528 15.03 25.06 0.58
CA VAL B 528 13.89 24.35 0.02
C VAL B 528 12.63 24.79 0.76
N GLY B 529 11.53 24.85 0.02
CA GLY B 529 10.27 25.27 0.59
C GLY B 529 10.09 26.78 0.56
N THR B 530 8.93 27.21 1.04
CA THR B 530 8.60 28.63 1.05
C THR B 530 8.36 29.12 2.48
N GLU C 8 -12.32 -17.39 30.64
CA GLU C 8 -13.08 -18.63 30.58
C GLU C 8 -14.15 -18.45 29.51
N VAL C 9 -14.37 -19.50 28.73
CA VAL C 9 -15.32 -19.48 27.62
C VAL C 9 -16.40 -20.52 27.86
N GLN C 10 -17.64 -20.14 27.59
CA GLN C 10 -18.80 -21.02 27.73
C GLN C 10 -19.56 -21.08 26.42
N LEU C 11 -20.08 -22.27 26.11
CA LEU C 11 -20.93 -22.48 24.95
C LEU C 11 -22.33 -22.82 25.45
N VAL C 12 -23.29 -21.94 25.17
CA VAL C 12 -24.65 -22.08 25.65
C VAL C 12 -25.56 -22.27 24.45
N GLU C 13 -26.29 -23.39 24.45
CA GLU C 13 -27.23 -23.68 23.36
C GLU C 13 -28.59 -23.07 23.65
N SER C 14 -29.43 -23.05 22.61
CA SER C 14 -30.75 -22.44 22.74
C SER C 14 -31.62 -23.22 23.73
N GLY C 15 -31.65 -24.53 23.61
CA GLY C 15 -32.44 -25.37 24.49
C GLY C 15 -33.17 -26.44 23.71
N ALA C 16 -33.64 -27.46 24.43
CA ALA C 16 -34.35 -28.56 23.81
C ALA C 16 -35.68 -28.11 23.24
N GLU C 17 -36.06 -28.72 22.12
CA GLU C 17 -37.33 -28.39 21.47
C GLU C 17 -37.72 -29.55 20.58
N VAL C 18 -38.98 -29.99 20.69
CA VAL C 18 -39.50 -31.12 19.94
C VAL C 18 -40.14 -30.60 18.66
N LYS C 19 -39.72 -31.15 17.53
CA LYS C 19 -40.16 -30.68 16.22
C LYS C 19 -40.93 -31.78 15.50
N LYS C 20 -41.92 -31.36 14.71
CA LYS C 20 -42.66 -32.29 13.88
C LYS C 20 -41.77 -32.81 12.75
N PRO C 21 -42.04 -34.02 12.27
CA PRO C 21 -41.26 -34.53 11.13
C PRO C 21 -41.42 -33.65 9.90
N GLY C 22 -40.33 -33.45 9.17
CA GLY C 22 -40.36 -32.61 8.00
C GLY C 22 -40.44 -31.13 8.27
N ALA C 23 -40.24 -30.71 9.52
CA ALA C 23 -40.31 -29.30 9.90
C ALA C 23 -38.92 -28.80 10.23
N SER C 24 -38.58 -27.60 9.75
CA SER C 24 -37.25 -27.04 9.97
C SER C 24 -37.02 -26.78 11.45
N VAL C 25 -35.83 -27.14 11.91
CA VAL C 25 -35.44 -26.96 13.31
C VAL C 25 -34.28 -25.97 13.36
N LYS C 26 -34.38 -24.98 14.24
CA LYS C 26 -33.42 -23.91 14.36
C LYS C 26 -32.78 -23.96 15.73
N VAL C 27 -31.44 -24.03 15.78
CA VAL C 27 -30.71 -24.12 17.02
C VAL C 27 -29.66 -23.00 17.06
N SER C 28 -29.26 -22.64 18.27
CA SER C 28 -28.28 -21.59 18.50
C SER C 28 -27.23 -22.08 19.49
N CYS C 29 -26.07 -21.43 19.46
CA CYS C 29 -25.01 -21.74 20.42
C CYS C 29 -24.33 -20.41 20.79
N LYS C 30 -24.64 -19.91 21.99
CA LYS C 30 -24.02 -18.69 22.47
C LYS C 30 -22.53 -18.89 22.69
N ALA C 31 -21.74 -17.87 22.34
CA ALA C 31 -20.31 -17.88 22.55
C ALA C 31 -19.92 -16.61 23.29
N SER C 32 -19.17 -16.76 24.38
CA SER C 32 -18.77 -15.60 25.19
C SER C 32 -17.45 -15.90 25.86
N GLY C 33 -16.73 -14.84 26.22
CA GLY C 33 -15.46 -14.97 26.90
C GLY C 33 -14.26 -15.18 26.00
N TYR C 34 -14.44 -15.12 24.69
CA TYR C 34 -13.33 -15.29 23.76
C TYR C 34 -13.67 -14.62 22.45
N THR C 35 -12.64 -14.37 21.64
CA THR C 35 -12.84 -13.76 20.33
C THR C 35 -13.63 -14.71 19.45
N PHE C 36 -14.79 -14.25 18.98
CA PHE C 36 -15.72 -15.13 18.27
C PHE C 36 -15.16 -15.60 16.94
N THR C 37 -14.51 -14.70 16.20
CA THR C 37 -14.12 -15.00 14.83
C THR C 37 -12.86 -15.87 14.72
N SER C 38 -12.03 -15.91 15.75
CA SER C 38 -10.74 -16.60 15.61
C SER C 38 -10.91 -18.11 15.58
N LEU C 39 -11.72 -18.65 16.49
CA LEU C 39 -11.87 -20.09 16.61
C LEU C 39 -13.03 -20.59 15.75
N TYR C 40 -13.01 -21.88 15.47
CA TYR C 40 -14.05 -22.51 14.67
C TYR C 40 -15.14 -23.08 15.55
N MET C 41 -16.36 -23.05 15.03
CA MET C 41 -17.52 -23.65 15.69
C MET C 41 -17.89 -24.93 14.95
N HIS C 42 -18.07 -26.02 15.70
CA HIS C 42 -18.44 -27.31 15.14
C HIS C 42 -19.79 -27.75 15.67
N TRP C 43 -20.48 -28.56 14.87
CA TRP C 43 -21.76 -29.15 15.25
C TRP C 43 -21.60 -30.66 15.29
N VAL C 44 -21.93 -31.26 16.43
CA VAL C 44 -21.79 -32.69 16.65
C VAL C 44 -23.14 -33.23 17.12
N ARG C 45 -23.59 -34.32 16.50
CA ARG C 45 -24.84 -34.97 16.88
C ARG C 45 -24.53 -36.35 17.44
N GLN C 46 -25.14 -36.67 18.58
CA GLN C 46 -24.99 -37.98 19.20
C GLN C 46 -26.38 -38.62 19.31
N ALA C 47 -26.60 -39.68 18.54
CA ALA C 47 -27.84 -40.42 18.66
C ALA C 47 -27.90 -41.10 20.02
N PRO C 48 -29.08 -41.17 20.65
CA PRO C 48 -29.17 -41.74 22.00
C PRO C 48 -28.59 -43.14 22.10
N GLY C 49 -27.49 -43.28 22.83
CA GLY C 49 -26.84 -44.56 22.97
C GLY C 49 -26.35 -45.15 21.67
N GLN C 50 -25.83 -44.32 20.77
CA GLN C 50 -25.34 -44.80 19.49
C GLN C 50 -23.99 -44.23 19.07
N GLY C 51 -23.51 -43.16 19.68
CA GLY C 51 -22.22 -42.62 19.35
C GLY C 51 -22.32 -41.26 18.66
N LEU C 52 -21.21 -40.53 18.72
CA LEU C 52 -21.15 -39.20 18.14
C LEU C 52 -20.99 -39.26 16.63
N GLU C 53 -21.38 -38.18 15.97
CA GLU C 53 -21.13 -38.00 14.54
C GLU C 53 -21.09 -36.51 14.23
N TRP C 54 -20.31 -36.16 13.22
CA TRP C 54 -20.02 -34.78 12.87
C TRP C 54 -20.81 -34.40 11.63
N MET C 55 -21.52 -33.27 11.68
CA MET C 55 -22.32 -32.84 10.55
C MET C 55 -21.79 -31.60 9.84
N GLY C 56 -21.18 -30.65 10.54
CA GLY C 56 -20.71 -29.45 9.87
C GLY C 56 -19.88 -28.59 10.78
N MET C 57 -19.21 -27.61 10.15
CA MET C 57 -18.38 -26.65 10.85
C MET C 57 -18.43 -25.33 10.09
N ILE C 58 -18.38 -24.22 10.83
CA ILE C 58 -18.72 -22.91 10.30
C ILE C 58 -17.55 -21.96 10.51
N ASN C 59 -17.29 -21.12 9.50
CA ASN C 59 -16.39 -19.97 9.59
C ASN C 59 -17.12 -18.79 10.22
N PRO C 60 -16.82 -18.44 11.46
CA PRO C 60 -17.41 -17.23 12.04
C PRO C 60 -17.05 -15.97 11.27
N SER C 61 -15.85 -15.92 10.69
CA SER C 61 -15.40 -14.76 9.93
C SER C 61 -15.91 -14.79 8.48
N GLY C 62 -17.23 -14.98 8.33
CA GLY C 62 -17.83 -14.87 7.01
C GLY C 62 -17.96 -16.17 6.25
N GLY C 63 -19.20 -16.64 6.09
CA GLY C 63 -19.45 -17.81 5.27
C GLY C 63 -18.70 -19.03 5.78
N GLY C 64 -18.04 -19.73 4.86
CA GLY C 64 -17.25 -20.90 5.22
C GLY C 64 -18.06 -22.07 5.73
N THR C 65 -19.16 -22.40 5.06
CA THR C 65 -20.01 -23.52 5.46
C THR C 65 -19.50 -24.78 4.77
N TRP C 66 -18.99 -25.72 5.56
CA TRP C 66 -18.58 -27.03 5.08
C TRP C 66 -19.18 -28.09 5.98
N ASN C 67 -20.01 -28.95 5.42
CA ASN C 67 -20.74 -29.97 6.15
C ASN C 67 -20.35 -31.35 5.65
N ALA C 68 -20.86 -32.37 6.35
CA ALA C 68 -20.59 -33.75 5.95
C ALA C 68 -21.30 -34.06 4.64
N GLN C 69 -20.75 -35.04 3.92
CA GLN C 69 -21.26 -35.37 2.59
C GLN C 69 -22.69 -35.90 2.65
N LYS C 70 -23.02 -36.69 3.69
CA LYS C 70 -24.36 -37.24 3.79
C LYS C 70 -25.38 -36.21 4.25
N PHE C 71 -24.93 -35.11 4.85
CA PHE C 71 -25.80 -34.02 5.25
C PHE C 71 -25.92 -32.93 4.19
N GLN C 72 -25.26 -33.10 3.05
CA GLN C 72 -25.26 -32.06 2.03
C GLN C 72 -26.68 -31.81 1.51
N GLY C 73 -27.03 -30.54 1.40
CA GLY C 73 -28.38 -30.16 1.00
C GLY C 73 -29.41 -30.24 2.10
N ARG C 74 -29.02 -30.63 3.31
CA ARG C 74 -29.92 -30.76 4.44
C ARG C 74 -29.66 -29.78 5.56
N VAL C 75 -28.40 -29.45 5.82
CA VAL C 75 -28.02 -28.58 6.92
C VAL C 75 -27.52 -27.25 6.36
N THR C 76 -28.06 -26.16 6.88
CA THR C 76 -27.60 -24.82 6.54
C THR C 76 -27.22 -24.10 7.82
N MET C 77 -26.01 -23.56 7.86
CA MET C 77 -25.45 -22.96 9.06
C MET C 77 -25.11 -21.50 8.80
N THR C 78 -25.33 -20.66 9.80
CA THR C 78 -25.06 -19.24 9.70
C THR C 78 -24.68 -18.71 11.06
N ARG C 79 -24.04 -17.54 11.07
CA ARG C 79 -23.60 -16.90 12.29
C ARG C 79 -23.84 -15.41 12.20
N ASP C 80 -23.88 -14.76 13.37
CA ASP C 80 -24.03 -13.32 13.46
C ASP C 80 -23.01 -12.77 14.45
N THR C 81 -22.05 -12.00 13.95
CA THR C 81 -20.98 -11.49 14.80
C THR C 81 -21.49 -10.48 15.82
N SER C 82 -22.62 -9.81 15.55
CA SER C 82 -23.14 -8.82 16.48
C SER C 82 -23.53 -9.47 17.81
N THR C 83 -24.21 -10.61 17.74
CA THR C 83 -24.64 -11.31 18.95
C THR C 83 -23.72 -12.44 19.35
N SER C 84 -22.69 -12.74 18.54
CA SER C 84 -21.72 -13.81 18.82
C SER C 84 -22.42 -15.15 19.01
N THR C 85 -23.23 -15.51 18.01
CA THR C 85 -23.97 -16.76 18.03
C THR C 85 -23.85 -17.44 16.68
N VAL C 86 -24.10 -18.75 16.68
CA VAL C 86 -24.04 -19.58 15.49
C VAL C 86 -25.34 -20.37 15.41
N TYR C 87 -25.93 -20.41 14.22
CA TYR C 87 -27.24 -21.01 14.02
C TYR C 87 -27.14 -22.20 13.07
N MET C 88 -27.70 -23.33 13.48
CA MET C 88 -27.86 -24.50 12.62
C MET C 88 -29.31 -24.60 12.16
N GLU C 89 -29.51 -24.83 10.87
CA GLU C 89 -30.83 -25.06 10.31
C GLU C 89 -30.81 -26.41 9.60
N LEU C 90 -31.88 -27.18 9.80
CA LEU C 90 -32.00 -28.50 9.20
C LEU C 90 -33.33 -28.60 8.46
N ARG C 91 -33.35 -29.44 7.42
CA ARG C 91 -34.53 -29.65 6.60
C ARG C 91 -34.88 -31.13 6.57
N SER C 92 -36.13 -31.42 6.23
CA SER C 92 -36.62 -32.79 6.04
C SER C 92 -36.38 -33.63 7.29
N LEU C 93 -37.01 -33.22 8.39
CA LEU C 93 -36.84 -33.92 9.65
C LEU C 93 -37.50 -35.29 9.59
N ARG C 94 -36.72 -36.33 9.87
CA ARG C 94 -37.23 -37.70 9.91
C ARG C 94 -36.87 -38.32 11.25
N SER C 95 -37.19 -39.60 11.40
CA SER C 95 -37.05 -40.28 12.68
C SER C 95 -35.61 -40.41 13.13
N ASP C 96 -34.64 -40.19 12.25
CA ASP C 96 -33.24 -40.37 12.64
C ASP C 96 -32.64 -39.13 13.30
N ASP C 97 -33.19 -37.95 13.03
CA ASP C 97 -32.59 -36.71 13.51
C ASP C 97 -32.75 -36.49 15.01
N THR C 98 -33.61 -37.25 15.69
CA THR C 98 -33.73 -37.11 17.14
C THR C 98 -32.45 -37.61 17.79
N ALA C 99 -31.69 -36.69 18.38
CA ALA C 99 -30.36 -37.02 18.91
C ALA C 99 -29.91 -35.86 19.79
N MET C 100 -28.68 -35.95 20.27
CA MET C 100 -28.05 -34.93 21.11
C MET C 100 -27.24 -34.00 20.21
N TYR C 101 -27.75 -32.79 19.97
CA TYR C 101 -27.06 -31.81 19.14
C TYR C 101 -26.07 -31.04 20.01
N TYR C 102 -24.82 -30.98 19.56
CA TYR C 102 -23.73 -30.38 20.31
C TYR C 102 -23.04 -29.32 19.49
N CYS C 103 -22.71 -28.21 20.11
CA CYS C 103 -21.83 -27.20 19.55
C CYS C 103 -20.51 -27.24 20.30
N ALA C 104 -19.41 -27.31 19.55
CA ALA C 104 -18.07 -27.41 20.14
C ALA C 104 -17.11 -26.58 19.32
N ARG C 105 -16.01 -26.19 19.97
CA ARG C 105 -14.95 -25.43 19.33
C ARG C 105 -13.62 -26.09 19.62
N ASP C 106 -12.63 -25.79 18.78
CA ASP C 106 -11.29 -26.32 18.99
C ASP C 106 -10.71 -25.75 20.29
N SER C 107 -9.85 -26.54 20.93
CA SER C 107 -9.25 -26.12 22.18
C SER C 107 -8.38 -24.88 22.03
N ASP C 108 -7.94 -24.58 20.81
CA ASP C 108 -7.02 -23.48 20.55
C ASP C 108 -6.99 -23.26 19.04
N GLN C 109 -6.50 -22.09 18.64
CA GLN C 109 -6.40 -21.77 17.22
C GLN C 109 -5.63 -22.85 16.45
N TYR C 110 -4.57 -23.38 17.05
CA TYR C 110 -3.76 -24.42 16.43
C TYR C 110 -4.01 -25.79 17.04
N SER C 111 -5.10 -25.96 17.81
CA SER C 111 -5.32 -27.21 18.51
C SER C 111 -5.88 -28.29 17.59
N GLN C 112 -6.93 -27.95 16.83
CA GLN C 112 -7.63 -28.90 15.98
C GLN C 112 -8.23 -30.05 16.78
N GLY C 113 -8.81 -29.72 17.94
CA GLY C 113 -9.50 -30.70 18.75
C GLY C 113 -10.70 -30.13 19.47
N LEU C 114 -11.87 -30.73 19.24
CA LEU C 114 -13.13 -30.22 19.80
C LEU C 114 -13.23 -30.66 21.25
N GLY C 115 -12.97 -29.75 22.18
CA GLY C 115 -13.02 -30.09 23.59
C GLY C 115 -13.88 -29.18 24.42
N TYR C 116 -14.35 -28.10 23.82
CA TYR C 116 -15.15 -27.09 24.52
C TYR C 116 -16.56 -27.16 23.94
N TRP C 117 -17.39 -28.02 24.53
CA TRP C 117 -18.73 -28.29 24.05
C TRP C 117 -19.75 -27.52 24.87
N GLY C 118 -20.98 -27.50 24.35
CA GLY C 118 -22.09 -26.88 25.03
C GLY C 118 -22.87 -27.88 25.87
N GLN C 119 -24.02 -27.42 26.37
CA GLN C 119 -24.87 -28.29 27.16
C GLN C 119 -25.65 -29.28 26.29
N GLY C 120 -25.93 -28.92 25.05
CA GLY C 120 -26.65 -29.81 24.15
C GLY C 120 -28.15 -29.58 24.19
N THR C 121 -28.79 -29.86 23.05
CA THR C 121 -30.24 -29.74 22.90
C THR C 121 -30.80 -31.10 22.51
N LEU C 122 -31.87 -31.51 23.19
CA LEU C 122 -32.56 -32.76 22.88
C LEU C 122 -33.70 -32.47 21.92
N VAL C 123 -33.34 -32.22 20.67
CA VAL C 123 -34.33 -32.03 19.61
C VAL C 123 -34.87 -33.40 19.23
N THR C 124 -36.14 -33.65 19.55
CA THR C 124 -36.78 -34.94 19.31
C THR C 124 -37.83 -34.77 18.23
N VAL C 125 -37.76 -35.61 17.21
CA VAL C 125 -38.72 -35.60 16.12
C VAL C 125 -39.90 -36.48 16.50
N CYS C 126 -41.11 -36.01 16.19
CA CYS C 126 -42.31 -36.80 16.44
C CYS C 126 -42.35 -37.96 15.46
N SER C 127 -42.15 -39.18 15.97
CA SER C 127 -42.11 -40.36 15.12
C SER C 127 -43.47 -40.70 14.53
N GLY C 128 -44.55 -40.07 15.00
CA GLY C 128 -45.87 -40.37 14.51
C GLY C 128 -46.37 -41.72 14.96
N SER C 129 -46.73 -42.59 14.01
CA SER C 129 -47.21 -43.94 14.28
C SER C 129 -48.50 -43.94 15.08
N ASP C 130 -49.04 -42.75 15.35
CA ASP C 130 -50.33 -42.60 16.00
C ASP C 130 -51.33 -41.78 15.21
N TYR C 131 -50.88 -41.03 14.20
CA TYR C 131 -51.80 -40.32 13.32
C TYR C 131 -52.69 -41.31 12.56
N GLU C 132 -52.09 -42.40 12.06
CA GLU C 132 -52.85 -43.34 11.24
C GLU C 132 -53.96 -44.00 12.03
N PHE C 133 -53.68 -44.42 13.26
CA PHE C 133 -54.68 -45.13 14.05
C PHE C 133 -55.75 -44.19 14.60
N LEU C 134 -55.39 -42.96 14.93
CA LEU C 134 -56.28 -42.03 15.62
C LEU C 134 -56.88 -40.97 14.70
N LYS C 135 -56.64 -41.08 13.38
CA LYS C 135 -57.32 -40.21 12.43
C LYS C 135 -58.71 -40.72 12.07
N SER C 136 -58.88 -42.04 12.02
CA SER C 136 -60.19 -42.62 11.74
C SER C 136 -61.13 -42.37 12.91
N TRP C 137 -62.43 -42.34 12.61
CA TRP C 137 -63.50 -42.10 13.57
C TRP C 137 -63.38 -40.74 14.25
N THR C 138 -62.68 -39.81 13.60
CA THR C 138 -62.51 -38.44 14.09
C THR C 138 -62.03 -38.39 15.53
N VAL C 139 -62.84 -37.81 16.42
CA VAL C 139 -62.45 -37.70 17.82
C VAL C 139 -62.39 -39.08 18.46
N GLU C 140 -63.41 -39.90 18.22
CA GLU C 140 -63.48 -41.30 18.72
C GLU C 140 -63.33 -41.26 20.24
N ASP C 141 -62.46 -42.08 20.83
CA ASP C 141 -62.28 -42.14 22.27
C ASP C 141 -61.06 -41.34 22.74
N LEU C 142 -60.48 -40.53 21.87
CA LEU C 142 -59.32 -39.74 22.26
C LEU C 142 -59.66 -38.71 23.35
N GLN C 143 -60.94 -38.40 23.54
CA GLN C 143 -61.34 -37.51 24.62
C GLN C 143 -60.94 -38.09 25.97
N LYS C 144 -61.15 -39.39 26.17
CA LYS C 144 -60.69 -40.06 27.38
C LYS C 144 -59.20 -40.39 27.34
N ARG C 145 -58.56 -40.22 26.19
CA ARG C 145 -57.13 -40.47 26.05
C ARG C 145 -56.29 -39.22 26.17
N LEU C 146 -56.83 -38.05 25.80
CA LEU C 146 -56.08 -36.81 25.92
C LEU C 146 -55.93 -36.35 27.36
N LEU C 147 -56.68 -36.93 28.29
CA LEU C 147 -56.57 -36.60 29.70
C LEU C 147 -55.56 -37.48 30.44
N ALA C 148 -54.82 -38.32 29.70
CA ALA C 148 -53.80 -39.18 30.29
C ALA C 148 -52.53 -38.41 30.66
N LEU C 149 -52.58 -37.08 30.66
CA LEU C 149 -51.42 -36.29 31.03
C LEU C 149 -51.06 -36.48 32.50
N ASP C 150 -52.05 -36.36 33.39
CA ASP C 150 -51.80 -36.48 34.82
C ASP C 150 -51.33 -37.87 35.23
N PRO C 151 -51.95 -38.98 34.80
CA PRO C 151 -51.49 -40.29 35.28
C PRO C 151 -50.05 -40.61 34.93
N MET C 152 -49.54 -40.09 33.81
CA MET C 152 -48.17 -40.38 33.38
C MET C 152 -47.15 -39.86 34.40
N MET C 153 -47.49 -38.78 35.11
CA MET C 153 -46.57 -38.22 36.11
C MET C 153 -46.15 -39.26 37.15
N GLU C 154 -47.06 -40.16 37.51
CA GLU C 154 -46.71 -41.20 38.48
C GLU C 154 -45.63 -42.13 37.94
N GLN C 155 -45.61 -42.39 36.63
CA GLN C 155 -44.58 -43.23 36.05
C GLN C 155 -43.20 -42.62 36.26
N GLU C 156 -43.06 -41.30 36.05
CA GLU C 156 -41.79 -40.64 36.30
C GLU C 156 -41.39 -40.76 37.77
N ILE C 157 -42.37 -40.76 38.67
CA ILE C 157 -42.09 -41.03 40.07
C ILE C 157 -41.62 -42.47 40.24
N GLU C 158 -42.11 -43.38 39.41
CA GLU C 158 -41.64 -44.76 39.45
C GLU C 158 -40.25 -44.90 38.82
N GLU C 159 -39.96 -44.14 37.78
CA GLU C 159 -38.64 -44.20 37.15
C GLU C 159 -37.55 -43.76 38.12
N ILE C 160 -37.75 -42.63 38.80
CA ILE C 160 -36.73 -42.15 39.73
C ILE C 160 -36.53 -43.16 40.86
N ARG C 161 -37.60 -43.86 41.24
CA ARG C 161 -37.47 -44.94 42.21
C ARG C 161 -36.51 -46.01 41.70
N GLN C 162 -36.62 -46.38 40.42
CA GLN C 162 -35.62 -47.25 39.81
C GLN C 162 -34.26 -46.58 39.79
N LYS C 163 -34.22 -45.28 39.48
CA LYS C 163 -32.97 -44.55 39.56
C LYS C 163 -32.47 -44.47 41.00
N TYR C 164 -33.39 -44.26 41.94
CA TYR C 164 -33.01 -44.23 43.35
C TYR C 164 -32.54 -45.60 43.82
N GLN C 165 -33.03 -46.67 43.20
CA GLN C 165 -32.61 -48.02 43.57
C GLN C 165 -31.12 -48.20 43.32
N SER C 166 -30.62 -47.72 42.18
CA SER C 166 -29.22 -47.93 41.81
C SER C 166 -28.28 -46.89 42.36
N LYS C 167 -28.78 -45.78 42.90
CA LYS C 167 -27.94 -44.77 43.51
C LYS C 167 -27.97 -44.85 45.04
N ARG C 168 -28.22 -46.04 45.57
CA ARG C 168 -28.27 -46.28 47.01
C ARG C 168 -27.15 -47.17 47.49
N GLN C 169 -26.73 -48.16 46.69
CA GLN C 169 -25.68 -49.07 47.11
C GLN C 169 -24.33 -48.39 47.40
N PRO C 170 -23.84 -47.42 46.62
CA PRO C 170 -22.52 -46.87 46.95
C PRO C 170 -22.45 -46.26 48.34
N ILE C 171 -23.52 -45.60 48.79
CA ILE C 171 -23.57 -45.15 50.17
C ILE C 171 -23.69 -46.34 51.12
N LEU C 172 -24.46 -47.35 50.72
CA LEU C 172 -24.58 -48.56 51.54
C LEU C 172 -23.24 -49.24 51.74
N ASP C 173 -22.39 -49.22 50.71
CA ASP C 173 -21.02 -49.68 50.87
C ASP C 173 -20.14 -48.67 51.58
N ALA C 174 -20.53 -47.39 51.56
CA ALA C 174 -19.72 -46.34 52.18
C ALA C 174 -19.86 -46.34 53.70
N ILE C 175 -21.06 -46.58 54.21
CA ILE C 175 -21.31 -46.44 55.65
C ILE C 175 -20.50 -47.47 56.43
N GLU C 176 -20.47 -48.72 55.96
CA GLU C 176 -19.72 -49.77 56.63
C GLU C 176 -18.28 -49.89 56.14
N ALA C 177 -17.85 -49.01 55.25
CA ALA C 177 -16.48 -49.02 54.75
C ALA C 177 -15.51 -48.64 55.86
N SER D 9 -17.90 -42.79 4.28
CA SER D 9 -17.33 -43.81 5.16
C SER D 9 -17.46 -43.41 6.62
N ALA D 10 -17.37 -44.40 7.51
CA ALA D 10 -17.45 -44.17 8.94
C ALA D 10 -16.31 -44.88 9.63
N LEU D 11 -15.72 -44.22 10.63
CA LEU D 11 -14.64 -44.81 11.39
C LEU D 11 -15.12 -46.02 12.17
N THR D 12 -14.23 -47.00 12.35
CA THR D 12 -14.56 -48.25 13.00
C THR D 12 -13.82 -48.35 14.34
N GLN D 13 -14.55 -48.67 15.39
CA GLN D 13 -14.02 -48.87 16.73
C GLN D 13 -14.54 -50.18 17.30
N PRO D 14 -13.79 -50.80 18.21
CA PRO D 14 -14.30 -52.01 18.88
C PRO D 14 -15.58 -51.70 19.64
N ALA D 15 -16.49 -52.67 19.64
CA ALA D 15 -17.77 -52.47 20.31
C ALA D 15 -17.58 -52.30 21.82
N SER D 16 -16.71 -53.10 22.43
CA SER D 16 -16.46 -53.02 23.85
C SER D 16 -15.04 -53.51 24.13
N VAL D 17 -14.44 -52.95 25.17
CA VAL D 17 -13.09 -53.32 25.59
C VAL D 17 -13.09 -53.53 27.09
N SER D 18 -12.40 -54.57 27.54
CA SER D 18 -12.40 -54.96 28.94
C SER D 18 -11.01 -54.81 29.54
N GLY D 19 -10.96 -54.51 30.84
CA GLY D 19 -9.71 -54.39 31.55
C GLY D 19 -9.91 -54.21 33.04
N SER D 20 -9.17 -54.97 33.85
CA SER D 20 -9.26 -54.83 35.29
C SER D 20 -8.55 -53.56 35.75
N PRO D 21 -9.02 -52.94 36.83
CA PRO D 21 -8.34 -51.76 37.35
C PRO D 21 -6.92 -52.08 37.79
N GLY D 22 -6.01 -51.14 37.54
CA GLY D 22 -4.64 -51.28 38.00
C GLY D 22 -3.60 -51.35 36.91
N GLN D 23 -3.86 -52.08 35.84
CA GLN D 23 -2.89 -52.29 34.78
C GLN D 23 -3.26 -51.50 33.54
N SER D 24 -2.45 -51.64 32.50
CA SER D 24 -2.60 -50.88 31.27
C SER D 24 -3.68 -51.49 30.38
N ILE D 25 -4.08 -50.74 29.36
CA ILE D 25 -5.11 -51.16 28.43
C ILE D 25 -4.97 -50.32 27.16
N THR D 26 -5.22 -50.95 26.01
CA THR D 26 -5.05 -50.31 24.71
C THR D 26 -6.37 -50.30 23.96
N ILE D 27 -6.73 -49.13 23.44
CA ILE D 27 -7.92 -48.96 22.59
C ILE D 27 -7.46 -48.71 21.17
N SER D 28 -8.09 -49.38 20.21
CA SER D 28 -7.68 -49.33 18.82
C SER D 28 -8.69 -48.55 17.98
N CYS D 29 -8.18 -47.90 16.92
CA CYS D 29 -8.99 -47.17 15.97
C CYS D 29 -8.40 -47.38 14.59
N THR D 30 -9.19 -47.96 13.67
CA THR D 30 -8.74 -48.30 12.33
C THR D 30 -9.58 -47.57 11.31
N GLY D 31 -8.93 -46.96 10.32
CA GLY D 31 -9.62 -46.26 9.26
C GLY D 31 -8.99 -46.48 7.91
N THR D 32 -9.41 -45.72 6.91
CA THR D 32 -8.85 -45.84 5.58
C THR D 32 -7.52 -45.12 5.50
N SER D 33 -6.84 -45.25 4.35
CA SER D 33 -5.55 -44.59 4.17
C SER D 33 -5.69 -43.08 4.24
N SER D 34 -6.73 -42.53 3.63
CA SER D 34 -6.90 -41.08 3.62
C SER D 34 -7.32 -40.56 4.99
N ASP D 35 -8.27 -41.24 5.65
CA ASP D 35 -8.86 -40.69 6.87
C ASP D 35 -7.84 -40.62 8.01
N VAL D 36 -7.16 -41.72 8.28
CA VAL D 36 -6.27 -41.78 9.43
C VAL D 36 -4.79 -41.81 9.03
N GLY D 37 -4.45 -42.40 7.88
CA GLY D 37 -3.07 -42.45 7.47
C GLY D 37 -2.66 -41.25 6.63
N GLY D 38 -3.64 -40.62 5.98
CA GLY D 38 -3.34 -39.49 5.13
C GLY D 38 -2.86 -38.28 5.92
N TYR D 39 -3.47 -38.01 7.06
CA TYR D 39 -3.16 -36.84 7.86
C TYR D 39 -2.87 -37.27 9.30
N ASN D 40 -2.15 -36.40 10.01
CA ASN D 40 -1.78 -36.63 11.40
C ASN D 40 -2.71 -35.90 12.36
N TYR D 41 -3.98 -35.80 12.00
CA TYR D 41 -4.98 -35.11 12.82
C TYR D 41 -6.03 -36.14 13.24
N VAL D 42 -5.76 -36.82 14.35
CA VAL D 42 -6.71 -37.75 14.95
C VAL D 42 -6.89 -37.35 16.42
N SER D 43 -8.13 -37.19 16.84
CA SER D 43 -8.46 -36.75 18.19
C SER D 43 -9.28 -37.81 18.90
N TRP D 44 -8.90 -38.11 20.15
CA TRP D 44 -9.57 -39.11 20.96
C TRP D 44 -10.51 -38.44 21.95
N TYR D 45 -11.78 -38.85 21.92
CA TYR D 45 -12.83 -38.23 22.72
C TYR D 45 -13.38 -39.25 23.69
N GLN D 46 -13.29 -38.95 24.99
CA GLN D 46 -13.93 -39.75 26.03
C GLN D 46 -15.14 -39.00 26.55
N GLN D 47 -16.29 -39.67 26.52
CA GLN D 47 -17.56 -39.08 26.94
C GLN D 47 -18.24 -39.98 27.93
N HIS D 48 -18.38 -39.52 29.17
CA HIS D 48 -19.29 -40.18 30.09
C HIS D 48 -20.70 -40.11 29.50
N PRO D 49 -21.52 -41.14 29.72
CA PRO D 49 -22.83 -41.17 29.05
C PRO D 49 -23.71 -39.98 29.38
N GLY D 50 -23.48 -39.31 30.51
CA GLY D 50 -24.28 -38.17 30.88
C GLY D 50 -23.97 -36.88 30.12
N LYS D 51 -22.79 -36.32 30.34
CA LYS D 51 -22.46 -34.99 29.84
C LYS D 51 -21.68 -35.08 28.53
N ALA D 52 -21.16 -33.94 28.09
CA ALA D 52 -20.48 -33.82 26.81
C ALA D 52 -19.11 -34.50 26.85
N PRO D 53 -18.57 -34.87 25.69
CA PRO D 53 -17.21 -35.43 25.65
C PRO D 53 -16.17 -34.39 26.06
N LYS D 54 -14.92 -34.85 26.14
CA LYS D 54 -13.83 -33.95 26.49
C LYS D 54 -12.52 -34.52 25.97
N LEU D 55 -11.55 -33.62 25.77
CA LEU D 55 -10.31 -33.97 25.10
C LEU D 55 -9.47 -34.95 25.92
N MET D 56 -9.01 -36.01 25.27
CA MET D 56 -8.01 -36.90 25.83
C MET D 56 -6.71 -36.88 25.04
N ILE D 57 -6.75 -37.28 23.78
CA ILE D 57 -5.62 -37.22 22.86
C ILE D 57 -6.14 -36.48 21.63
N TYR D 58 -6.02 -35.16 21.64
CA TYR D 58 -6.54 -34.36 20.54
C TYR D 58 -5.64 -34.38 19.32
N ASP D 59 -4.35 -34.65 19.52
CA ASP D 59 -3.44 -34.94 18.43
C ASP D 59 -2.62 -36.15 18.82
N VAL D 60 -2.37 -37.03 17.85
CA VAL D 60 -1.72 -38.31 18.13
C VAL D 60 -0.41 -38.09 18.86
N SER D 61 -0.25 -38.78 19.98
CA SER D 61 0.92 -38.71 20.87
C SER D 61 1.11 -37.34 21.50
N LYS D 62 0.08 -36.50 21.52
CA LYS D 62 0.16 -35.18 22.12
C LYS D 62 -1.08 -34.98 23.00
N ARG D 63 -0.88 -34.35 24.16
CA ARG D 63 -1.86 -34.35 25.24
C ARG D 63 -2.29 -32.93 25.60
N PRO D 64 -3.58 -32.63 25.64
CA PRO D 64 -4.02 -31.31 26.09
C PRO D 64 -3.82 -31.15 27.60
N SER D 65 -3.70 -29.90 28.01
CA SER D 65 -3.54 -29.59 29.44
C SER D 65 -4.82 -29.92 30.20
N GLY D 66 -4.64 -30.20 31.49
CA GLY D 66 -5.77 -30.58 32.32
C GLY D 66 -6.19 -32.03 32.19
N VAL D 67 -5.36 -32.87 31.59
CA VAL D 67 -5.67 -34.27 31.37
C VAL D 67 -4.52 -35.10 31.92
N SER D 68 -4.86 -36.16 32.66
CA SER D 68 -3.85 -37.02 33.27
C SER D 68 -2.98 -37.67 32.19
N ASN D 69 -1.71 -37.87 32.54
CA ASN D 69 -0.75 -38.45 31.61
C ASN D 69 -1.02 -39.92 31.32
N ARG D 70 -1.93 -40.55 32.07
CA ARG D 70 -2.23 -41.97 31.85
C ARG D 70 -2.76 -42.21 30.44
N PHE D 71 -3.65 -41.34 29.97
CA PHE D 71 -4.20 -41.49 28.63
C PHE D 71 -3.17 -41.03 27.60
N SER D 72 -2.73 -41.94 26.74
CA SER D 72 -1.78 -41.63 25.69
C SER D 72 -2.23 -42.30 24.40
N GLY D 73 -1.92 -41.67 23.28
CA GLY D 73 -2.33 -42.17 21.99
C GLY D 73 -1.14 -42.32 21.05
N SER D 74 -1.32 -43.21 20.07
CA SER D 74 -0.31 -43.42 19.05
C SER D 74 -0.97 -43.98 17.81
N LYS D 75 -0.34 -43.74 16.66
CA LYS D 75 -0.82 -44.24 15.39
C LYS D 75 0.30 -45.00 14.69
N SER D 76 0.01 -46.24 14.30
CA SER D 76 0.97 -47.08 13.59
C SER D 76 0.41 -47.38 12.21
N GLY D 77 0.96 -46.72 11.19
CA GLY D 77 0.47 -46.90 9.84
C GLY D 77 -0.95 -46.43 9.65
N ASN D 78 -1.88 -47.36 9.49
CA ASN D 78 -3.28 -47.05 9.21
C ASN D 78 -4.19 -47.30 10.42
N THR D 79 -3.61 -47.39 11.61
CA THR D 79 -4.38 -47.63 12.82
C THR D 79 -3.90 -46.71 13.93
N ALA D 80 -4.82 -45.99 14.55
CA ALA D 80 -4.54 -45.15 15.69
C ALA D 80 -4.95 -45.88 16.97
N SER D 81 -4.09 -45.82 17.98
CA SER D 81 -4.31 -46.56 19.21
C SER D 81 -4.24 -45.64 20.42
N LEU D 82 -5.27 -45.70 21.26
CA LEU D 82 -5.22 -45.16 22.61
C LEU D 82 -4.65 -46.23 23.53
N THR D 83 -3.64 -45.87 24.31
CA THR D 83 -3.15 -46.72 25.38
C THR D 83 -3.34 -46.02 26.71
N ILE D 84 -3.98 -46.72 27.65
CA ILE D 84 -4.26 -46.18 28.98
C ILE D 84 -3.54 -47.05 30.00
N SER D 85 -2.74 -46.41 30.84
CA SER D 85 -2.00 -47.11 31.90
C SER D 85 -2.58 -46.72 33.25
N GLY D 86 -2.59 -47.68 34.18
CA GLY D 86 -3.17 -47.44 35.48
C GLY D 86 -4.67 -47.20 35.41
N LEU D 87 -5.35 -48.04 34.64
CA LEU D 87 -6.80 -47.92 34.49
C LEU D 87 -7.47 -48.11 35.84
N GLN D 88 -8.50 -47.33 36.10
CA GLN D 88 -9.21 -47.40 37.37
C GLN D 88 -10.69 -47.09 37.12
N ALA D 89 -11.41 -46.75 38.19
CA ALA D 89 -12.87 -46.67 38.12
C ALA D 89 -13.34 -45.54 37.21
N LYS D 90 -12.82 -44.33 37.40
CA LYS D 90 -13.48 -43.17 36.79
C LYS D 90 -13.18 -43.02 35.30
N ASP D 91 -12.63 -44.03 34.64
CA ASP D 91 -12.50 -44.02 33.19
C ASP D 91 -13.67 -44.69 32.47
N GLU D 92 -14.70 -45.10 33.21
CA GLU D 92 -15.85 -45.78 32.60
C GLU D 92 -16.61 -44.78 31.73
N ALA D 93 -16.46 -44.93 30.41
CA ALA D 93 -17.11 -44.06 29.44
C ALA D 93 -16.99 -44.70 28.07
N ASP D 94 -17.64 -44.09 27.09
CA ASP D 94 -17.54 -44.50 25.69
C ASP D 94 -16.54 -43.60 24.99
N TYR D 95 -15.53 -44.21 24.37
CA TYR D 95 -14.39 -43.47 23.82
C TYR D 95 -14.49 -43.43 22.30
N TYR D 96 -14.23 -42.25 21.74
CA TYR D 96 -14.37 -42.04 20.30
C TYR D 96 -13.09 -41.44 19.74
N CYS D 97 -12.72 -41.89 18.54
CA CYS D 97 -11.61 -41.31 17.78
C CYS D 97 -12.18 -40.53 16.61
N SER D 98 -11.77 -39.28 16.48
CA SER D 98 -12.18 -38.43 15.37
C SER D 98 -10.94 -38.00 14.58
N SER D 99 -11.04 -38.08 13.26
CA SER D 99 -9.91 -37.77 12.39
C SER D 99 -10.39 -36.96 11.21
N TYR D 100 -9.46 -36.19 10.64
CA TYR D 100 -9.73 -35.45 9.42
C TYR D 100 -9.90 -36.41 8.25
N THR D 101 -10.62 -35.94 7.23
CA THR D 101 -10.90 -36.75 6.05
C THR D 101 -10.41 -36.04 4.80
N SER D 102 -10.17 -36.83 3.75
CA SER D 102 -9.79 -36.27 2.46
C SER D 102 -10.89 -35.39 1.88
N SER D 103 -12.13 -35.58 2.31
CA SER D 103 -13.25 -34.77 1.86
C SER D 103 -13.36 -33.45 2.62
N SER D 104 -12.30 -33.03 3.30
CA SER D 104 -12.29 -31.81 4.10
C SER D 104 -13.39 -31.84 5.17
N THR D 105 -13.60 -33.01 5.76
CA THR D 105 -14.57 -33.20 6.82
C THR D 105 -13.92 -33.94 7.98
N TRP D 106 -14.65 -34.01 9.09
CA TRP D 106 -14.20 -34.73 10.28
C TRP D 106 -15.12 -35.93 10.49
N VAL D 107 -14.54 -37.11 10.63
CA VAL D 107 -15.30 -38.34 10.77
C VAL D 107 -15.24 -38.78 12.23
N PHE D 108 -16.22 -39.61 12.60
CA PHE D 108 -16.34 -40.11 13.97
C PHE D 108 -16.48 -41.62 13.94
N GLY D 109 -16.08 -42.26 15.05
CA GLY D 109 -16.15 -43.70 15.17
C GLY D 109 -17.39 -44.16 15.93
N GLY D 110 -17.57 -45.48 15.96
CA GLY D 110 -18.69 -46.04 16.68
C GLY D 110 -18.61 -45.83 18.18
N GLY D 111 -17.43 -46.02 18.75
CA GLY D 111 -17.24 -45.87 20.18
C GLY D 111 -17.01 -47.20 20.84
N THR D 112 -16.13 -47.22 21.84
CA THR D 112 -15.81 -48.42 22.61
C THR D 112 -16.31 -48.24 24.04
N LYS D 113 -17.07 -49.22 24.53
CA LYS D 113 -17.59 -49.20 25.88
C LYS D 113 -16.54 -49.86 26.77
N LEU D 114 -15.79 -49.04 27.50
CA LEU D 114 -14.70 -49.54 28.34
C LEU D 114 -15.30 -50.26 29.54
N THR D 115 -15.30 -51.59 29.49
CA THR D 115 -15.88 -52.40 30.56
C THR D 115 -14.82 -52.69 31.61
N VAL D 116 -14.91 -51.99 32.74
CA VAL D 116 -14.02 -52.19 33.87
C VAL D 116 -14.83 -52.78 35.01
N LEU D 117 -14.45 -53.96 35.46
CA LEU D 117 -15.15 -54.62 36.55
C LEU D 117 -14.70 -54.04 37.89
N GLY D 118 -15.65 -53.91 38.81
CA GLY D 118 -15.36 -53.36 40.12
C GLY D 118 -16.53 -53.51 41.07
N GLY D 119 -16.24 -53.79 42.34
CA GLY D 119 -17.29 -53.98 43.33
C GLY D 119 -18.17 -55.18 43.06
N SER D 120 -17.58 -56.30 42.61
CA SER D 120 -18.36 -57.51 42.44
C SER D 120 -18.91 -58.00 43.77
N ASP D 121 -18.09 -57.96 44.81
CA ASP D 121 -18.54 -58.16 46.19
C ASP D 121 -18.88 -56.85 46.87
N TYR D 122 -18.86 -55.74 46.13
CA TYR D 122 -19.13 -54.38 46.59
C TYR D 122 -18.06 -53.88 47.56
N GLU D 123 -16.94 -54.60 47.69
CA GLU D 123 -15.85 -54.17 48.55
C GLU D 123 -14.84 -53.31 47.83
N PHE D 124 -14.75 -53.42 46.50
CA PHE D 124 -13.74 -52.69 45.76
C PHE D 124 -14.04 -51.19 45.72
N LEU D 125 -15.31 -50.83 45.48
CA LEU D 125 -15.64 -49.41 45.36
C LEU D 125 -15.47 -48.68 46.68
N LYS D 126 -15.80 -49.33 47.81
CA LYS D 126 -15.54 -48.74 49.10
C LYS D 126 -14.06 -48.79 49.50
N SER D 127 -13.26 -49.60 48.82
CA SER D 127 -11.82 -49.64 49.07
C SER D 127 -11.09 -48.44 48.49
N TRP D 128 -11.72 -47.68 47.60
CA TRP D 128 -11.11 -46.49 47.02
C TRP D 128 -11.17 -45.35 48.02
N THR D 129 -10.82 -44.15 47.58
CA THR D 129 -10.95 -42.97 48.43
C THR D 129 -12.42 -42.69 48.74
N VAL D 130 -12.65 -42.08 49.91
CA VAL D 130 -14.01 -41.77 50.31
C VAL D 130 -14.65 -40.79 49.34
N GLU D 131 -13.85 -39.99 48.65
CA GLU D 131 -14.38 -39.09 47.64
C GLU D 131 -14.97 -39.87 46.47
N ASP D 132 -14.35 -41.00 46.11
CA ASP D 132 -14.80 -41.75 44.94
C ASP D 132 -16.23 -42.26 45.11
N LEU D 133 -16.57 -42.74 46.32
CA LEU D 133 -17.95 -43.14 46.57
C LEU D 133 -18.90 -41.97 46.43
N GLN D 134 -18.53 -40.81 46.97
CA GLN D 134 -19.29 -39.59 46.71
C GLN D 134 -19.18 -39.18 45.25
N LYS D 135 -18.01 -39.38 44.64
CA LYS D 135 -17.87 -39.16 43.21
C LYS D 135 -18.75 -40.12 42.41
N ARG D 136 -18.85 -41.37 42.87
CA ARG D 136 -19.70 -42.34 42.18
C ARG D 136 -21.15 -41.89 42.16
N LEU D 137 -21.63 -41.33 43.27
CA LEU D 137 -22.95 -40.72 43.27
C LEU D 137 -23.01 -39.54 42.31
N LEU D 138 -21.95 -38.73 42.29
CA LEU D 138 -21.85 -37.67 41.29
C LEU D 138 -21.58 -38.23 39.90
N ALA D 139 -21.01 -39.44 39.81
CA ALA D 139 -20.75 -40.05 38.51
C ALA D 139 -22.03 -40.61 37.89
N LEU D 140 -22.92 -41.19 38.71
CA LEU D 140 -24.14 -41.77 38.16
C LEU D 140 -25.15 -40.69 37.79
N ASP D 141 -25.11 -39.56 38.49
CA ASP D 141 -26.13 -38.53 38.34
C ASP D 141 -26.34 -38.05 36.90
N PRO D 142 -25.29 -37.73 36.11
CA PRO D 142 -25.54 -37.17 34.76
C PRO D 142 -26.38 -38.08 33.87
N MET D 143 -25.94 -39.32 33.64
CA MET D 143 -26.69 -40.21 32.77
C MET D 143 -27.91 -40.82 33.45
N MET D 144 -28.04 -40.66 34.78
CA MET D 144 -29.21 -41.17 35.48
C MET D 144 -30.42 -40.27 35.26
N GLU D 145 -30.21 -39.02 34.84
CA GLU D 145 -31.30 -38.10 34.59
C GLU D 145 -31.64 -37.94 33.11
N GLN D 146 -30.77 -38.44 32.21
CA GLN D 146 -31.03 -38.28 30.78
C GLN D 146 -32.32 -38.98 30.37
N GLU D 147 -32.59 -40.15 30.96
CA GLU D 147 -33.82 -40.86 30.63
C GLU D 147 -35.06 -40.02 30.96
N ILE D 148 -34.99 -39.23 32.04
CA ILE D 148 -36.14 -38.40 32.43
C ILE D 148 -36.55 -37.48 31.28
N GLU D 149 -35.62 -36.63 30.84
CA GLU D 149 -35.92 -35.77 29.69
C GLU D 149 -36.11 -36.58 28.42
N GLU D 150 -35.55 -37.80 28.36
CA GLU D 150 -35.80 -38.67 27.21
C GLU D 150 -37.27 -39.05 27.14
N ILE D 151 -37.88 -39.41 28.27
CA ILE D 151 -39.34 -39.58 28.30
C ILE D 151 -40.04 -38.24 28.16
N ARG D 152 -39.48 -37.19 28.79
CA ARG D 152 -40.12 -35.87 28.73
C ARG D 152 -40.19 -35.37 27.30
N GLN D 153 -39.12 -35.54 26.53
CA GLN D 153 -39.10 -35.03 25.17
C GLN D 153 -40.13 -35.74 24.29
N LYS D 154 -40.18 -37.07 24.34
CA LYS D 154 -41.24 -37.77 23.63
C LYS D 154 -42.60 -37.44 24.23
N TYR D 155 -42.67 -37.32 25.56
CA TYR D 155 -43.92 -36.89 26.21
C TYR D 155 -44.39 -35.56 25.64
N GLN D 156 -43.47 -34.72 25.17
CA GLN D 156 -43.86 -33.48 24.54
C GLN D 156 -44.48 -33.72 23.17
N CYS D 157 -44.49 -34.97 22.68
CA CYS D 157 -45.17 -35.27 21.42
C CYS D 157 -45.88 -36.62 21.43
N LYS D 158 -46.14 -37.22 22.59
CA LYS D 158 -47.10 -38.31 22.64
C LYS D 158 -48.54 -37.82 22.66
N ARG D 159 -48.78 -36.57 23.09
CA ARG D 159 -50.13 -36.08 23.23
C ARG D 159 -50.51 -34.95 22.27
N GLN D 160 -49.55 -34.13 21.83
CA GLN D 160 -49.90 -33.12 20.83
C GLN D 160 -50.50 -33.72 19.56
N PRO D 161 -50.00 -34.83 19.01
CA PRO D 161 -50.67 -35.42 17.84
C PRO D 161 -52.13 -35.80 18.09
N ILE D 162 -52.49 -36.26 19.29
CA ILE D 162 -53.87 -36.71 19.49
C ILE D 162 -54.83 -35.54 19.62
N LEU D 163 -54.40 -34.43 20.25
CA LEU D 163 -55.20 -33.21 20.19
C LEU D 163 -55.19 -32.59 18.80
N ASP D 164 -54.09 -32.72 18.06
CA ASP D 164 -54.12 -32.33 16.65
C ASP D 164 -55.08 -33.21 15.87
N ALA D 165 -55.12 -34.51 16.19
CA ALA D 165 -56.13 -35.38 15.59
C ALA D 165 -57.53 -35.00 16.02
N ILE D 166 -57.68 -34.48 17.25
CA ILE D 166 -58.97 -33.99 17.70
C ILE D 166 -59.43 -32.82 16.83
N GLU D 167 -58.52 -31.88 16.57
CA GLU D 167 -58.82 -30.76 15.69
C GLU D 167 -58.99 -31.20 14.23
N ALA D 168 -58.45 -32.36 13.87
CA ALA D 168 -58.56 -32.87 12.52
C ALA D 168 -59.95 -33.46 12.26
N GLU E 8 -24.62 -8.93 22.06
CA GLU E 8 -24.78 -8.13 23.27
C GLU E 8 -23.52 -8.16 24.11
N VAL E 9 -23.07 -6.98 24.53
CA VAL E 9 -21.86 -6.82 25.33
C VAL E 9 -22.20 -6.01 26.58
N GLN E 10 -21.74 -6.49 27.73
CA GLN E 10 -22.02 -5.84 29.00
C GLN E 10 -20.83 -5.99 29.91
N LEU E 11 -20.74 -5.09 30.90
CA LEU E 11 -19.67 -5.10 31.89
C LEU E 11 -20.29 -5.23 33.27
N VAL E 12 -19.84 -6.23 34.02
CA VAL E 12 -20.26 -6.41 35.41
C VAL E 12 -19.01 -6.45 36.28
N GLU E 13 -19.17 -6.06 37.54
CA GLU E 13 -18.03 -5.94 38.44
C GLU E 13 -18.25 -6.73 39.72
N SER E 14 -17.34 -6.55 40.70
CA SER E 14 -17.39 -7.37 41.91
C SER E 14 -18.64 -7.08 42.75
N GLY E 15 -18.90 -5.81 43.03
CA GLY E 15 -20.03 -5.39 43.82
C GLY E 15 -19.62 -4.38 44.87
N ALA E 16 -20.57 -4.05 45.75
CA ALA E 16 -20.31 -3.07 46.80
C ALA E 16 -19.42 -3.65 47.88
N GLU E 17 -18.44 -2.85 48.32
CA GLU E 17 -17.50 -3.27 49.34
C GLU E 17 -17.43 -2.21 50.44
N VAL E 18 -17.02 -2.65 51.63
CA VAL E 18 -16.82 -1.77 52.78
C VAL E 18 -15.37 -1.93 53.22
N LYS E 19 -14.64 -0.82 53.30
CA LYS E 19 -13.22 -0.87 53.60
C LYS E 19 -12.83 0.15 54.67
N LYS E 20 -11.94 -0.28 55.55
CA LYS E 20 -11.35 0.60 56.54
C LYS E 20 -10.36 1.54 55.84
N PRO E 21 -10.51 2.85 55.98
CA PRO E 21 -9.56 3.77 55.31
C PRO E 21 -8.11 3.53 55.73
N GLY E 22 -7.22 3.72 54.77
CA GLY E 22 -5.82 3.39 54.94
C GLY E 22 -5.40 2.08 54.32
N ALA E 23 -6.36 1.20 53.99
CA ALA E 23 -6.06 -0.07 53.34
C ALA E 23 -6.09 0.11 51.83
N SER E 24 -6.09 -1.00 51.09
CA SER E 24 -6.14 -0.99 49.64
C SER E 24 -7.37 -1.76 49.16
N VAL E 25 -8.10 -1.16 48.24
CA VAL E 25 -9.31 -1.77 47.69
C VAL E 25 -8.98 -2.41 46.36
N LYS E 26 -9.61 -3.55 46.08
CA LYS E 26 -9.42 -4.27 44.83
C LYS E 26 -10.77 -4.38 44.11
N VAL E 27 -10.83 -3.84 42.90
CA VAL E 27 -12.06 -3.82 42.11
C VAL E 27 -11.81 -4.52 40.78
N SER E 28 -12.72 -5.42 40.41
CA SER E 28 -12.66 -6.13 39.14
C SER E 28 -13.75 -5.62 38.20
N CYS E 29 -13.67 -6.06 36.95
CA CYS E 29 -14.66 -5.67 35.94
C CYS E 29 -14.71 -6.76 34.89
N LYS E 30 -15.74 -7.59 34.95
CA LYS E 30 -15.90 -8.68 33.99
C LYS E 30 -16.34 -8.13 32.65
N ALA E 31 -15.63 -8.51 31.59
CA ALA E 31 -15.94 -8.08 30.23
C ALA E 31 -16.17 -9.30 29.35
N SER E 32 -17.28 -9.28 28.60
CA SER E 32 -17.63 -10.39 27.73
C SER E 32 -18.47 -9.87 26.58
N GLY E 33 -18.57 -10.68 25.53
CA GLY E 33 -19.34 -10.31 24.36
C GLY E 33 -18.61 -9.48 23.34
N TYR E 34 -17.31 -9.27 23.50
CA TYR E 34 -16.53 -8.50 22.55
C TYR E 34 -15.05 -8.88 22.73
N THR E 35 -14.25 -8.55 21.71
CA THR E 35 -12.83 -8.78 21.78
C THR E 35 -12.22 -7.94 22.89
N PHE E 36 -11.62 -8.62 23.88
CA PHE E 36 -11.15 -7.91 25.07
C PHE E 36 -10.06 -6.90 24.73
N THR E 37 -9.08 -7.30 23.93
CA THR E 37 -7.95 -6.43 23.63
C THR E 37 -8.29 -5.34 22.64
N SER E 38 -9.47 -5.38 22.02
CA SER E 38 -9.80 -4.41 20.98
C SER E 38 -10.14 -3.05 21.54
N LEU E 39 -10.78 -2.99 22.71
CA LEU E 39 -11.27 -1.75 23.28
C LEU E 39 -10.52 -1.43 24.57
N TYR E 40 -10.09 -0.18 24.71
CA TYR E 40 -9.52 0.26 25.97
C TYR E 40 -10.59 0.34 27.04
N MET E 41 -10.19 0.09 28.29
CA MET E 41 -11.09 0.12 29.43
C MET E 41 -10.75 1.32 30.29
N HIS E 42 -11.75 2.14 30.60
CA HIS E 42 -11.60 3.28 31.48
C HIS E 42 -12.24 2.99 32.84
N TRP E 43 -11.84 3.78 33.82
CA TRP E 43 -12.38 3.70 35.18
C TRP E 43 -12.90 5.07 35.57
N VAL E 44 -14.17 5.12 35.98
CA VAL E 44 -14.84 6.37 36.35
C VAL E 44 -15.45 6.20 37.73
N ARG E 45 -15.23 7.19 38.60
CA ARG E 45 -15.79 7.18 39.94
C ARG E 45 -16.70 8.38 40.13
N GLN E 46 -17.74 8.19 40.93
CA GLN E 46 -18.73 9.23 41.20
C GLN E 46 -19.05 9.21 42.69
N ALA E 47 -18.58 10.22 43.42
CA ALA E 47 -18.90 10.33 44.83
C ALA E 47 -20.38 10.69 45.00
N PRO E 48 -21.00 10.25 46.10
CA PRO E 48 -22.42 10.57 46.32
C PRO E 48 -22.66 12.08 46.37
N GLY E 49 -23.42 12.59 45.41
CA GLY E 49 -23.67 14.01 45.33
C GLY E 49 -22.59 14.81 44.65
N GLN E 50 -21.60 14.16 44.04
CA GLN E 50 -20.52 14.84 43.35
C GLN E 50 -20.43 14.32 41.92
N GLY E 51 -19.73 15.09 41.08
CA GLY E 51 -19.63 14.75 39.68
C GLY E 51 -18.72 13.56 39.42
N LEU E 52 -18.79 13.07 38.18
CA LEU E 52 -17.97 11.95 37.77
C LEU E 52 -16.50 12.34 37.77
N GLU E 53 -15.64 11.40 38.17
CA GLU E 53 -14.21 11.59 38.14
C GLU E 53 -13.57 10.44 37.37
N TRP E 54 -12.47 10.74 36.70
CA TRP E 54 -11.77 9.80 35.82
C TRP E 54 -10.44 9.44 36.46
N MET E 55 -10.33 8.21 36.95
CA MET E 55 -9.12 7.78 37.65
C MET E 55 -8.13 7.05 36.75
N GLY E 56 -8.40 6.90 35.47
CA GLY E 56 -7.40 6.43 34.55
C GLY E 56 -7.97 5.49 33.53
N MET E 57 -7.07 4.96 32.70
CA MET E 57 -7.41 4.01 31.65
C MET E 57 -6.43 2.85 31.69
N ILE E 58 -6.88 1.70 31.22
CA ILE E 58 -6.06 0.49 31.16
C ILE E 58 -6.14 -0.09 29.76
N ASN E 59 -4.99 -0.36 29.16
CA ASN E 59 -4.95 -1.06 27.89
C ASN E 59 -5.03 -2.55 28.14
N PRO E 60 -6.06 -3.24 27.63
CA PRO E 60 -6.10 -4.70 27.79
C PRO E 60 -4.93 -5.40 27.12
N SER E 61 -4.29 -4.76 26.14
CA SER E 61 -3.16 -5.35 25.43
C SER E 61 -1.87 -4.87 26.10
N GLY E 62 -1.42 -5.62 27.10
CA GLY E 62 -0.11 -5.38 27.70
C GLY E 62 0.04 -4.12 28.52
N GLY E 63 -0.62 -4.06 29.68
CA GLY E 63 -0.45 -2.94 30.59
C GLY E 63 -0.95 -1.63 30.03
N GLY E 64 -0.08 -0.62 29.98
CA GLY E 64 -0.47 0.65 29.43
C GLY E 64 -1.46 1.42 30.30
N THR E 65 -1.01 1.88 31.46
CA THR E 65 -1.85 2.59 32.40
C THR E 65 -1.57 4.09 32.32
N TRP E 66 -2.62 4.89 32.18
CA TRP E 66 -2.53 6.34 32.25
C TRP E 66 -3.62 6.83 33.18
N ASN E 67 -3.22 7.49 34.28
CA ASN E 67 -4.15 7.92 35.30
C ASN E 67 -3.99 9.41 35.56
N ALA E 68 -5.03 10.01 36.13
CA ALA E 68 -5.03 11.44 36.39
C ALA E 68 -3.96 11.80 37.41
N GLN E 69 -3.49 13.05 37.32
CA GLN E 69 -2.42 13.51 38.21
C GLN E 69 -2.86 13.50 39.66
N LYS E 70 -4.10 13.93 39.93
CA LYS E 70 -4.60 13.94 41.30
C LYS E 70 -4.72 12.54 41.88
N PHE E 71 -4.78 11.52 41.04
CA PHE E 71 -4.74 10.13 41.47
C PHE E 71 -3.46 9.42 41.06
N GLN E 72 -2.50 10.16 40.50
CA GLN E 72 -1.23 9.55 40.11
C GLN E 72 -0.50 9.03 41.34
N GLY E 73 0.03 7.82 41.23
CA GLY E 73 0.70 7.19 42.34
C GLY E 73 -0.22 6.57 43.37
N ARG E 74 -1.53 6.66 43.18
CA ARG E 74 -2.51 6.09 44.09
C ARG E 74 -3.20 4.86 43.54
N VAL E 75 -3.61 4.89 42.28
CA VAL E 75 -4.30 3.77 41.66
C VAL E 75 -3.27 2.89 40.97
N THR E 76 -3.59 1.60 40.85
CA THR E 76 -2.72 0.64 40.17
C THR E 76 -3.64 -0.34 39.44
N MET E 77 -3.63 -0.28 38.12
CA MET E 77 -4.59 -1.00 37.30
C MET E 77 -3.90 -2.07 36.46
N THR E 78 -4.48 -3.27 36.46
CA THR E 78 -3.92 -4.39 35.73
C THR E 78 -5.06 -5.18 35.11
N ARG E 79 -4.73 -5.97 34.08
CA ARG E 79 -5.71 -6.74 33.35
C ARG E 79 -5.29 -8.20 33.29
N ASP E 80 -6.27 -9.08 33.11
CA ASP E 80 -6.06 -10.51 32.95
C ASP E 80 -6.64 -10.92 31.61
N THR E 81 -5.76 -11.31 30.68
CA THR E 81 -6.22 -11.65 29.34
C THR E 81 -6.96 -12.97 29.30
N SER E 82 -6.62 -13.90 30.20
CA SER E 82 -7.27 -15.21 30.20
C SER E 82 -8.75 -15.09 30.57
N THR E 83 -9.04 -14.33 31.62
CA THR E 83 -10.42 -14.15 32.07
C THR E 83 -11.09 -12.91 31.49
N SER E 84 -10.36 -12.11 30.71
CA SER E 84 -10.90 -10.89 30.11
C SER E 84 -11.45 -9.96 31.19
N THR E 85 -10.69 -9.82 32.27
CA THR E 85 -11.09 -9.00 33.40
C THR E 85 -10.01 -7.97 33.71
N VAL E 86 -10.43 -6.75 34.01
CA VAL E 86 -9.54 -5.66 34.36
C VAL E 86 -9.67 -5.38 35.85
N TYR E 87 -8.54 -5.18 36.52
CA TYR E 87 -8.50 -5.00 37.96
C TYR E 87 -8.12 -3.56 38.30
N MET E 88 -8.85 -2.96 39.22
CA MET E 88 -8.50 -1.67 39.79
C MET E 88 -8.04 -1.86 41.24
N GLU E 89 -6.92 -1.24 41.59
CA GLU E 89 -6.36 -1.34 42.92
C GLU E 89 -5.99 0.06 43.40
N LEU E 90 -6.66 0.53 44.44
CA LEU E 90 -6.42 1.85 45.01
C LEU E 90 -5.99 1.67 46.46
N ARG E 91 -4.87 2.27 46.83
CA ARG E 91 -4.37 2.16 48.20
C ARG E 91 -4.59 3.47 48.95
N SER E 92 -4.59 3.36 50.28
CA SER E 92 -4.76 4.49 51.18
C SER E 92 -6.07 5.23 50.91
N LEU E 93 -7.17 4.50 51.12
CA LEU E 93 -8.50 5.08 50.94
C LEU E 93 -8.73 6.17 51.97
N ARG E 94 -9.36 7.26 51.54
CA ARG E 94 -9.64 8.40 52.40
C ARG E 94 -11.14 8.63 52.48
N SER E 95 -11.52 9.66 53.24
CA SER E 95 -12.93 9.96 53.46
C SER E 95 -13.63 10.34 52.16
N ASP E 96 -12.96 11.10 51.30
CA ASP E 96 -13.53 11.50 50.03
C ASP E 96 -13.46 10.40 48.98
N ASP E 97 -12.78 9.28 49.27
CA ASP E 97 -12.55 8.26 48.27
C ASP E 97 -13.76 7.36 48.03
N THR E 98 -14.75 7.35 48.92
CA THR E 98 -15.93 6.54 48.70
C THR E 98 -16.71 7.07 47.50
N ALA E 99 -17.07 6.19 46.58
CA ALA E 99 -17.72 6.65 45.36
C ALA E 99 -18.31 5.46 44.61
N MET E 100 -19.12 5.79 43.61
CA MET E 100 -19.66 4.83 42.65
C MET E 100 -18.59 4.50 41.62
N TYR E 101 -18.00 3.32 41.71
CA TYR E 101 -16.86 2.96 40.85
C TYR E 101 -17.40 2.30 39.58
N TYR E 102 -17.19 2.97 38.45
CA TYR E 102 -17.64 2.47 37.15
C TYR E 102 -16.45 2.03 36.31
N CYS E 103 -16.58 0.87 35.68
CA CYS E 103 -15.70 0.46 34.60
C CYS E 103 -16.48 0.61 33.30
N ALA E 104 -15.88 1.29 32.32
CA ALA E 104 -16.58 1.59 31.09
C ALA E 104 -15.61 1.52 29.92
N ARG E 105 -15.98 0.73 28.92
CA ARG E 105 -15.26 0.69 27.65
C ARG E 105 -15.90 1.67 26.67
N ASP E 106 -15.20 1.90 25.56
CA ASP E 106 -15.70 2.83 24.57
C ASP E 106 -16.86 2.21 23.80
N SER E 107 -17.72 3.07 23.25
CA SER E 107 -18.82 2.58 22.44
C SER E 107 -18.33 1.88 21.18
N ASP E 108 -17.28 2.41 20.56
CA ASP E 108 -16.73 1.85 19.33
C ASP E 108 -15.23 2.12 19.35
N GLN E 109 -14.50 1.33 18.57
CA GLN E 109 -13.05 1.47 18.51
C GLN E 109 -12.65 2.89 18.14
N TYR E 110 -13.30 3.46 17.14
CA TYR E 110 -12.99 4.81 16.67
C TYR E 110 -13.94 5.86 17.23
N SER E 111 -14.88 5.48 18.09
CA SER E 111 -15.79 6.47 18.65
C SER E 111 -15.09 7.36 19.67
N GLN E 112 -14.26 6.77 20.53
CA GLN E 112 -13.55 7.51 21.58
C GLN E 112 -14.51 8.22 22.51
N GLY E 113 -15.58 7.52 22.90
CA GLY E 113 -16.51 8.00 23.91
C GLY E 113 -17.02 6.87 24.77
N LEU E 114 -17.03 7.06 26.08
CA LEU E 114 -17.48 6.01 26.99
C LEU E 114 -19.00 5.86 26.83
N GLY E 115 -19.41 4.81 26.12
CA GLY E 115 -20.81 4.59 25.88
C GLY E 115 -21.35 3.37 26.58
N TYR E 116 -20.48 2.39 26.82
CA TYR E 116 -20.85 1.12 27.43
C TYR E 116 -20.25 1.07 28.82
N TRP E 117 -21.09 1.27 29.84
CA TRP E 117 -20.65 1.38 31.21
C TRP E 117 -21.02 0.12 31.99
N GLY E 118 -20.35 -0.07 33.13
CA GLY E 118 -20.66 -1.16 34.01
C GLY E 118 -21.84 -0.87 34.90
N GLN E 119 -22.16 -1.85 35.76
CA GLN E 119 -23.28 -1.70 36.68
C GLN E 119 -22.93 -0.81 37.87
N GLY E 120 -21.65 -0.59 38.14
CA GLY E 120 -21.24 0.24 39.25
C GLY E 120 -20.95 -0.54 40.52
N THR E 121 -19.88 -0.17 41.21
CA THR E 121 -19.53 -0.77 42.49
C THR E 121 -19.38 0.34 43.53
N LEU E 122 -19.79 0.04 44.76
CA LEU E 122 -19.87 1.02 45.82
C LEU E 122 -18.88 0.64 46.92
N VAL E 123 -17.69 1.21 46.84
CA VAL E 123 -16.73 1.11 47.94
C VAL E 123 -17.07 2.20 48.94
N THR E 124 -17.15 1.82 50.20
CA THR E 124 -17.60 2.72 51.26
C THR E 124 -16.47 3.00 52.24
N VAL E 125 -16.41 4.24 52.70
CA VAL E 125 -15.45 4.65 53.71
C VAL E 125 -16.20 5.42 54.80
N CYS E 126 -15.78 5.21 56.04
CA CYS E 126 -16.36 5.93 57.17
C CYS E 126 -15.34 6.76 57.94
N SER E 127 -14.21 6.15 58.30
CA SER E 127 -13.09 6.79 59.00
C SER E 127 -13.46 7.16 60.43
N GLY E 128 -14.73 6.98 60.79
CA GLY E 128 -15.21 7.26 62.14
C GLY E 128 -14.90 8.64 62.65
N SER E 129 -15.15 8.86 63.95
CA SER E 129 -14.71 10.07 64.62
C SER E 129 -13.68 9.74 65.70
N ASP E 130 -14.03 8.88 66.66
CA ASP E 130 -13.07 8.34 67.62
C ASP E 130 -13.61 7.00 68.07
N TYR E 131 -13.12 5.91 67.46
CA TYR E 131 -13.65 4.59 67.75
C TYR E 131 -12.75 3.76 68.65
N GLU E 132 -11.43 3.93 68.56
CA GLU E 132 -10.55 3.28 69.52
C GLU E 132 -10.86 3.73 70.94
N PHE E 133 -11.33 4.96 71.11
CA PHE E 133 -11.89 5.40 72.38
C PHE E 133 -13.16 4.62 72.71
N LEU E 134 -13.99 4.37 71.70
CA LEU E 134 -15.24 3.63 71.93
C LEU E 134 -14.99 2.19 72.34
N LYS E 135 -13.85 1.61 71.94
CA LYS E 135 -13.56 0.23 72.29
C LYS E 135 -13.35 0.07 73.79
N SER E 136 -12.86 1.11 74.45
CA SER E 136 -12.47 0.99 75.86
C SER E 136 -13.67 0.72 76.76
N TRP E 137 -14.77 1.42 76.54
CA TRP E 137 -15.92 1.32 77.44
C TRP E 137 -17.26 1.13 76.74
N THR E 138 -17.41 1.53 75.48
CA THR E 138 -18.69 1.41 74.79
C THR E 138 -18.88 0.04 74.13
N VAL E 139 -17.85 -0.80 74.08
CA VAL E 139 -17.93 -2.07 73.38
C VAL E 139 -18.96 -3.00 74.01
N GLU E 140 -19.27 -2.81 75.29
CA GLU E 140 -20.23 -3.69 75.95
C GLU E 140 -21.64 -3.53 75.37
N ASP E 141 -22.05 -2.29 75.09
CA ASP E 141 -23.39 -2.00 74.59
C ASP E 141 -23.38 -1.51 73.15
N LEU E 142 -22.23 -1.54 72.48
CA LEU E 142 -22.16 -1.05 71.11
C LEU E 142 -22.99 -1.91 70.17
N GLN E 143 -22.95 -3.23 70.33
CA GLN E 143 -23.74 -4.11 69.49
C GLN E 143 -25.24 -3.95 69.75
N LYS E 144 -25.62 -3.76 71.01
CA LYS E 144 -27.02 -3.55 71.33
C LYS E 144 -27.53 -2.24 70.77
N ARG E 145 -26.70 -1.19 70.82
CA ARG E 145 -27.08 0.07 70.20
C ARG E 145 -27.26 -0.08 68.70
N LEU E 146 -26.46 -0.96 68.08
CA LEU E 146 -26.64 -1.23 66.65
C LEU E 146 -27.95 -1.94 66.38
N LEU E 147 -28.24 -3.01 67.14
CA LEU E 147 -29.42 -3.81 66.87
C LEU E 147 -30.69 -3.02 67.14
N ALA E 148 -30.67 -2.16 68.17
CA ALA E 148 -31.82 -1.31 68.45
C ALA E 148 -32.06 -0.31 67.32
N LEU E 149 -30.99 0.20 66.71
CA LEU E 149 -31.12 1.18 65.66
C LEU E 149 -31.50 0.56 64.31
N ASP E 150 -31.42 -0.78 64.21
CA ASP E 150 -31.73 -1.44 62.94
C ASP E 150 -33.14 -1.19 62.44
N PRO E 151 -34.21 -1.33 63.25
CA PRO E 151 -35.55 -1.04 62.74
C PRO E 151 -35.77 0.43 62.39
N MET E 152 -34.99 1.34 62.97
CA MET E 152 -35.21 2.77 62.73
C MET E 152 -35.00 3.11 61.27
N MET E 153 -33.95 2.58 60.66
CA MET E 153 -33.73 2.83 59.24
C MET E 153 -34.60 1.94 58.37
N GLU E 154 -35.12 0.84 58.92
CA GLU E 154 -36.04 0.00 58.15
C GLU E 154 -37.29 0.78 57.80
N GLN E 155 -37.81 1.57 58.75
CA GLN E 155 -38.89 2.49 58.45
C GLN E 155 -38.40 3.77 57.76
N GLU E 156 -37.08 4.00 57.72
CA GLU E 156 -36.55 5.05 56.87
C GLU E 156 -36.64 4.68 55.40
N ILE E 157 -36.46 3.40 55.07
CA ILE E 157 -36.85 2.93 53.74
C ILE E 157 -38.35 3.05 53.56
N GLU E 158 -39.11 2.80 54.63
CA GLU E 158 -40.55 3.07 54.58
C GLU E 158 -40.82 4.57 54.51
N GLU E 159 -39.93 5.39 55.09
CA GLU E 159 -40.09 6.83 54.97
C GLU E 159 -40.02 7.28 53.52
N ILE E 160 -39.04 6.77 52.77
CA ILE E 160 -38.99 7.07 51.34
C ILE E 160 -40.05 6.28 50.58
N ARG E 161 -40.57 5.19 51.15
CA ARG E 161 -41.77 4.58 50.60
C ARG E 161 -42.95 5.52 50.72
N GLN E 162 -43.07 6.22 51.86
CA GLN E 162 -44.11 7.23 52.00
C GLN E 162 -43.94 8.33 50.97
N LYS E 163 -42.69 8.74 50.73
CA LYS E 163 -42.42 9.66 49.63
C LYS E 163 -42.79 9.02 48.29
N TYR E 164 -42.52 7.72 48.13
CA TYR E 164 -42.90 7.03 46.91
C TYR E 164 -44.41 7.01 46.74
N GLN E 165 -45.15 6.73 47.82
CA GLN E 165 -46.61 6.80 47.75
C GLN E 165 -47.09 8.23 47.60
N SER E 166 -46.34 9.20 48.16
CA SER E 166 -46.72 10.60 48.01
C SER E 166 -46.64 11.04 46.56
N LYS E 167 -45.61 10.62 45.84
CA LYS E 167 -45.49 10.96 44.42
C LYS E 167 -46.34 10.06 43.53
N ARG E 168 -46.88 8.96 44.07
CA ARG E 168 -47.82 8.15 43.29
C ARG E 168 -49.13 8.89 43.08
N GLN E 169 -49.58 9.64 44.08
CA GLN E 169 -50.87 10.33 43.97
C GLN E 169 -50.94 11.28 42.78
N PRO E 170 -49.94 12.13 42.50
CA PRO E 170 -50.01 12.95 41.28
C PRO E 170 -50.10 12.13 40.00
N ILE E 171 -49.42 10.98 39.96
CA ILE E 171 -49.47 10.17 38.74
C ILE E 171 -50.79 9.41 38.64
N LEU E 172 -51.46 9.15 39.77
CA LEU E 172 -52.80 8.56 39.70
C LEU E 172 -53.77 9.53 39.05
N ASP E 173 -53.65 10.83 39.38
CA ASP E 173 -54.46 11.84 38.71
C ASP E 173 -54.08 11.96 37.24
N ALA E 174 -52.81 11.76 36.91
CA ALA E 174 -52.39 11.81 35.52
C ALA E 174 -53.01 10.69 34.70
N ILE E 175 -53.12 9.50 35.27
CA ILE E 175 -53.74 8.37 34.61
C ILE E 175 -55.23 8.62 34.40
N SER F 9 -7.72 19.66 35.55
CA SER F 9 -8.64 19.99 36.63
C SER F 9 -10.04 19.45 36.34
N ALA F 10 -11.00 20.36 36.18
CA ALA F 10 -12.38 20.00 35.89
C ALA F 10 -13.02 21.09 35.06
N LEU F 11 -13.84 20.70 34.10
CA LEU F 11 -14.54 21.68 33.27
C LEU F 11 -15.57 22.43 34.08
N THR F 12 -15.55 23.75 33.97
CA THR F 12 -16.54 24.57 34.67
C THR F 12 -17.88 24.47 33.94
N GLN F 13 -18.93 24.20 34.69
CA GLN F 13 -20.27 24.05 34.14
C GLN F 13 -21.27 24.85 34.97
N PRO F 14 -22.37 25.28 34.36
CA PRO F 14 -23.43 25.91 35.15
C PRO F 14 -23.98 24.94 36.18
N ALA F 15 -24.30 25.46 37.37
CA ALA F 15 -24.80 24.61 38.44
C ALA F 15 -26.13 23.97 38.05
N SER F 16 -27.04 24.74 37.46
CA SER F 16 -28.34 24.21 37.07
C SER F 16 -28.98 25.16 36.07
N VAL F 17 -29.52 24.61 35.00
CA VAL F 17 -30.28 25.37 34.01
C VAL F 17 -31.56 24.62 33.70
N SER F 18 -32.68 25.34 33.65
CA SER F 18 -33.99 24.75 33.48
C SER F 18 -34.75 25.45 32.37
N GLY F 19 -35.64 24.71 31.72
CA GLY F 19 -36.47 25.26 30.66
C GLY F 19 -37.78 24.53 30.58
N SER F 20 -38.81 25.26 30.17
CA SER F 20 -40.14 24.67 30.06
C SER F 20 -40.21 23.74 28.84
N PRO F 21 -41.07 22.72 28.90
CA PRO F 21 -41.25 21.84 27.74
C PRO F 21 -41.67 22.64 26.51
N GLY F 22 -41.05 22.33 25.38
CA GLY F 22 -41.38 22.98 24.13
C GLY F 22 -40.30 23.92 23.62
N GLN F 23 -39.69 24.69 24.51
CA GLN F 23 -38.64 25.63 24.14
C GLN F 23 -37.28 24.94 24.33
N SER F 24 -36.48 24.94 23.27
CA SER F 24 -35.20 24.25 23.31
C SER F 24 -34.25 24.89 24.31
N ILE F 25 -33.50 24.07 25.01
CA ILE F 25 -32.53 24.53 25.99
C ILE F 25 -31.12 24.23 25.47
N THR F 26 -30.16 24.99 25.99
CA THR F 26 -28.76 24.84 25.61
C THR F 26 -27.91 24.87 26.86
N ILE F 27 -27.07 23.83 27.03
CA ILE F 27 -26.16 23.72 28.16
C ILE F 27 -24.74 23.76 27.61
N SER F 28 -23.91 24.64 28.18
CA SER F 28 -22.57 24.86 27.69
C SER F 28 -21.53 24.32 28.67
N CYS F 29 -20.47 23.72 28.13
CA CYS F 29 -19.35 23.21 28.90
C CYS F 29 -18.12 24.06 28.58
N THR F 30 -17.46 24.55 29.63
CA THR F 30 -16.34 25.48 29.48
C THR F 30 -15.05 24.83 29.94
N GLY F 31 -13.96 25.15 29.25
CA GLY F 31 -12.66 24.64 29.61
C GLY F 31 -11.57 25.41 28.92
N THR F 32 -10.33 25.10 29.28
CA THR F 32 -9.17 25.77 28.70
C THR F 32 -8.86 25.20 27.32
N SER F 33 -7.86 25.79 26.67
CA SER F 33 -7.48 25.34 25.33
C SER F 33 -6.97 23.91 25.35
N SER F 34 -6.17 23.56 26.37
CA SER F 34 -5.64 22.20 26.45
C SER F 34 -6.74 21.17 26.65
N ASP F 35 -7.85 21.56 27.28
CA ASP F 35 -8.92 20.60 27.54
C ASP F 35 -9.84 20.43 26.34
N VAL F 36 -10.49 21.52 25.93
CA VAL F 36 -11.56 21.46 24.94
C VAL F 36 -11.12 22.01 23.60
N GLY F 37 -10.48 23.19 23.60
CA GLY F 37 -10.13 23.84 22.34
C GLY F 37 -9.08 23.07 21.55
N GLY F 38 -8.09 22.51 22.24
CA GLY F 38 -6.98 21.88 21.54
C GLY F 38 -7.39 20.63 20.77
N TYR F 39 -8.27 19.81 21.35
CA TYR F 39 -8.62 18.53 20.77
C TYR F 39 -10.11 18.48 20.45
N ASN F 40 -10.43 17.76 19.38
CA ASN F 40 -11.78 17.71 18.83
C ASN F 40 -12.67 16.67 19.49
N TYR F 41 -12.16 15.93 20.47
CA TYR F 41 -12.93 14.89 21.14
C TYR F 41 -13.49 15.43 22.44
N VAL F 42 -14.79 15.73 22.45
CA VAL F 42 -15.51 16.07 23.67
C VAL F 42 -16.76 15.20 23.72
N SER F 43 -17.01 14.61 24.89
CA SER F 43 -18.13 13.71 25.07
C SER F 43 -19.14 14.30 26.04
N TRP F 44 -20.40 14.29 25.64
CA TRP F 44 -21.51 14.83 26.43
C TRP F 44 -22.32 13.68 26.98
N TYR F 45 -22.69 13.77 28.26
CA TYR F 45 -23.25 12.63 28.96
C TYR F 45 -24.54 13.02 29.67
N GLN F 46 -25.22 12.00 30.19
CA GLN F 46 -26.46 12.17 30.94
C GLN F 46 -26.66 10.94 31.79
N GLN F 47 -27.01 11.15 33.06
CA GLN F 47 -27.07 10.10 34.06
C GLN F 47 -28.43 10.09 34.74
N HIS F 48 -29.19 9.03 34.54
CA HIS F 48 -30.36 8.82 35.38
C HIS F 48 -29.90 8.59 36.82
N PRO F 49 -30.64 9.10 37.81
CA PRO F 49 -30.16 8.98 39.20
C PRO F 49 -29.95 7.55 39.64
N GLY F 50 -30.76 6.61 39.16
CA GLY F 50 -30.58 5.21 39.51
C GLY F 50 -29.84 4.41 38.47
N LYS F 51 -30.00 4.76 37.20
CA LYS F 51 -29.40 4.02 36.10
C LYS F 51 -27.99 4.54 35.81
N ALA F 52 -27.23 3.72 35.09
CA ALA F 52 -25.90 4.10 34.68
C ALA F 52 -25.97 5.18 33.58
N PRO F 53 -25.01 6.09 33.55
CA PRO F 53 -24.99 7.08 32.47
C PRO F 53 -24.68 6.43 31.14
N LYS F 54 -25.22 7.01 30.07
CA LYS F 54 -24.93 6.57 28.72
C LYS F 54 -24.49 7.78 27.90
N LEU F 55 -24.29 7.57 26.60
CA LEU F 55 -23.64 8.54 25.73
C LEU F 55 -24.69 9.27 24.89
N MET F 56 -24.70 10.61 24.98
CA MET F 56 -25.47 11.45 24.08
C MET F 56 -24.65 11.89 22.88
N ILE F 57 -23.54 12.58 23.12
CA ILE F 57 -22.77 13.23 22.06
C ILE F 57 -21.30 12.90 22.25
N TYR F 58 -20.65 12.50 21.17
CA TYR F 58 -19.22 12.25 21.14
C TYR F 58 -18.65 12.84 19.85
N ASP F 59 -17.35 13.14 19.87
CA ASP F 59 -16.69 13.80 18.75
C ASP F 59 -17.40 15.10 18.38
N VAL F 60 -17.65 15.92 19.41
CA VAL F 60 -18.22 17.26 19.29
C VAL F 60 -19.67 17.20 18.82
N SER F 61 -19.93 16.54 17.69
CA SER F 61 -21.27 16.58 17.12
C SER F 61 -21.73 15.23 16.58
N LYS F 62 -20.97 14.16 16.75
CA LYS F 62 -21.36 12.85 16.28
C LYS F 62 -22.19 12.14 17.35
N ARG F 63 -23.20 11.41 16.91
CA ARG F 63 -24.20 10.86 17.82
C ARG F 63 -24.24 9.35 17.71
N PRO F 64 -24.08 8.63 18.82
CA PRO F 64 -24.17 7.16 18.75
C PRO F 64 -25.60 6.71 18.48
N SER F 65 -25.70 5.50 17.92
CA SER F 65 -27.01 4.93 17.65
C SER F 65 -27.72 4.57 18.96
N GLY F 66 -29.01 4.86 19.03
CA GLY F 66 -29.82 4.57 20.19
C GLY F 66 -30.26 5.77 21.00
N VAL F 67 -29.93 6.99 20.56
CA VAL F 67 -30.37 8.21 21.23
C VAL F 67 -31.00 9.13 20.18
N SER F 68 -32.09 9.79 20.56
CA SER F 68 -32.89 10.54 19.61
C SER F 68 -32.10 11.68 18.97
N ASN F 69 -32.52 12.05 17.76
CA ASN F 69 -31.83 13.07 16.97
C ASN F 69 -31.89 14.45 17.61
N ARG F 70 -32.79 14.67 18.56
CA ARG F 70 -32.96 15.99 19.14
C ARG F 70 -31.68 16.46 19.85
N PHE F 71 -30.98 15.55 20.54
CA PHE F 71 -29.74 15.92 21.18
C PHE F 71 -28.69 16.27 20.14
N SER F 72 -27.98 17.37 20.38
CA SER F 72 -26.96 17.83 19.44
C SER F 72 -25.97 18.70 20.18
N GLY F 73 -24.69 18.32 20.14
CA GLY F 73 -23.66 19.08 20.79
C GLY F 73 -22.79 19.84 19.80
N SER F 74 -22.11 20.88 20.27
CA SER F 74 -21.26 21.68 19.40
C SER F 74 -20.12 22.26 20.22
N LYS F 75 -19.04 22.63 19.52
CA LYS F 75 -17.88 23.26 20.12
C LYS F 75 -17.70 24.64 19.51
N SER F 76 -17.59 25.66 20.35
CA SER F 76 -17.41 27.04 19.92
C SER F 76 -16.16 27.59 20.60
N GLY F 77 -15.04 27.58 19.88
CA GLY F 77 -13.79 28.05 20.46
C GLY F 77 -13.39 27.18 21.62
N ASN F 78 -13.28 27.78 22.80
CA ASN F 78 -12.92 27.06 24.01
C ASN F 78 -14.15 26.58 24.80
N THR F 79 -15.35 26.76 24.26
CA THR F 79 -16.58 26.40 24.93
C THR F 79 -17.35 25.39 24.09
N ALA F 80 -17.81 24.32 24.73
CA ALA F 80 -18.64 23.30 24.09
C ALA F 80 -20.06 23.40 24.62
N SER F 81 -21.03 23.29 23.72
CA SER F 81 -22.44 23.46 24.08
C SER F 81 -23.25 22.27 23.60
N LEU F 82 -24.25 21.89 24.39
CA LEU F 82 -25.19 20.82 24.04
C LEU F 82 -26.57 21.45 23.90
N THR F 83 -27.28 21.11 22.84
CA THR F 83 -28.61 21.63 22.57
C THR F 83 -29.64 20.51 22.66
N ILE F 84 -30.69 20.74 23.44
CA ILE F 84 -31.82 19.83 23.55
C ILE F 84 -33.07 20.59 23.14
N SER F 85 -33.88 19.97 22.28
CA SER F 85 -35.05 20.63 21.70
C SER F 85 -36.33 19.93 22.13
N GLY F 86 -37.35 20.75 22.42
CA GLY F 86 -38.67 20.24 22.77
C GLY F 86 -38.69 19.35 23.98
N LEU F 87 -38.24 19.87 25.13
CA LEU F 87 -37.96 19.06 26.30
C LEU F 87 -39.23 18.39 26.83
N GLN F 88 -39.05 17.21 27.44
CA GLN F 88 -40.09 16.57 28.23
C GLN F 88 -39.48 16.14 29.55
N ALA F 89 -40.25 15.34 30.31
CA ALA F 89 -39.82 14.94 31.64
C ALA F 89 -38.64 13.97 31.58
N LYS F 90 -38.60 13.09 30.57
CA LYS F 90 -37.61 12.02 30.55
C LYS F 90 -36.18 12.54 30.41
N ASP F 91 -36.02 13.81 30.03
CA ASP F 91 -34.69 14.40 29.91
C ASP F 91 -34.16 14.92 31.25
N GLU F 92 -34.93 14.81 32.31
CA GLU F 92 -34.53 15.33 33.62
C GLU F 92 -33.42 14.46 34.18
N ALA F 93 -32.17 14.92 34.02
CA ALA F 93 -30.99 14.23 34.53
C ALA F 93 -29.81 15.18 34.41
N ASP F 94 -28.75 14.85 35.13
CA ASP F 94 -27.55 15.68 35.14
C ASP F 94 -26.70 15.39 33.91
N TYR F 95 -26.21 16.44 33.28
CA TYR F 95 -25.42 16.33 32.06
C TYR F 95 -23.96 16.59 32.37
N TYR F 96 -23.08 15.70 31.90
CA TYR F 96 -21.66 15.79 32.16
C TYR F 96 -20.89 15.90 30.85
N CYS F 97 -19.98 16.87 30.79
CA CYS F 97 -19.10 17.03 29.64
C CYS F 97 -17.72 16.50 29.98
N SER F 98 -17.07 15.89 28.99
CA SER F 98 -15.73 15.34 29.17
C SER F 98 -14.91 15.64 27.93
N SER F 99 -13.65 16.05 28.14
CA SER F 99 -12.75 16.38 27.06
C SER F 99 -11.40 15.72 27.30
N TYR F 100 -10.71 15.44 26.21
CA TYR F 100 -9.38 14.81 26.26
C TYR F 100 -8.35 15.91 26.55
N THR F 101 -7.78 15.88 27.75
CA THR F 101 -6.84 16.90 28.14
C THR F 101 -5.48 16.69 27.47
N SER F 102 -4.67 17.76 27.50
CA SER F 102 -3.34 17.67 26.93
C SER F 102 -2.41 16.75 27.71
N SER F 103 -2.78 16.40 28.94
CA SER F 103 -1.97 15.53 29.78
C SER F 103 -2.24 14.05 29.51
N SER F 104 -2.77 13.71 28.34
CA SER F 104 -3.12 12.34 27.98
C SER F 104 -4.14 11.74 28.95
N THR F 105 -5.04 12.58 29.46
CA THR F 105 -6.05 12.16 30.41
C THR F 105 -7.41 12.67 29.98
N TRP F 106 -8.45 11.96 30.40
CA TRP F 106 -9.83 12.39 30.22
C TRP F 106 -10.29 13.09 31.50
N VAL F 107 -10.86 14.27 31.36
CA VAL F 107 -11.30 15.07 32.50
C VAL F 107 -12.79 15.34 32.35
N PHE F 108 -13.54 15.08 33.42
CA PHE F 108 -14.98 15.24 33.44
C PHE F 108 -15.38 16.65 33.89
N GLY F 109 -16.57 17.06 33.49
CA GLY F 109 -17.09 18.35 33.89
C GLY F 109 -17.62 18.33 35.31
N GLY F 110 -17.99 19.53 35.78
CA GLY F 110 -18.52 19.66 37.13
C GLY F 110 -19.84 18.92 37.31
N GLY F 111 -20.70 18.97 36.31
CA GLY F 111 -22.00 18.32 36.39
C GLY F 111 -23.13 19.31 36.53
N THR F 112 -23.87 19.54 35.46
CA THR F 112 -24.98 20.47 35.45
C THR F 112 -26.29 19.74 35.79
N LYS F 113 -27.28 20.52 36.21
CA LYS F 113 -28.59 20.00 36.58
C LYS F 113 -29.65 20.65 35.71
N LEU F 114 -30.54 19.84 35.15
CA LEU F 114 -31.69 20.34 34.42
C LEU F 114 -32.95 19.68 34.93
N THR F 115 -33.95 20.50 35.28
CA THR F 115 -35.23 20.02 35.76
C THR F 115 -36.34 20.68 34.96
N VAL F 116 -37.28 19.88 34.47
CA VAL F 116 -38.44 20.42 33.77
C VAL F 116 -39.44 20.90 34.80
N LEU F 117 -39.69 22.21 34.81
CA LEU F 117 -40.61 22.80 35.78
C LEU F 117 -42.07 22.50 35.48
N GLY F 118 -42.36 21.92 34.31
CA GLY F 118 -43.73 21.55 34.01
C GLY F 118 -44.22 20.44 34.92
N GLY F 119 -45.54 20.43 35.15
CA GLY F 119 -46.15 19.48 36.05
C GLY F 119 -46.24 19.91 37.49
N SER F 120 -45.63 21.06 37.84
CA SER F 120 -45.73 21.55 39.20
C SER F 120 -47.17 21.94 39.55
N ASP F 121 -47.90 22.49 38.58
CA ASP F 121 -49.30 22.83 38.78
C ASP F 121 -50.19 21.61 38.92
N TYR F 122 -49.66 20.41 38.65
CA TYR F 122 -50.35 19.13 38.72
C TYR F 122 -51.40 18.94 37.62
N GLU F 123 -51.55 19.92 36.72
CA GLU F 123 -52.41 19.74 35.56
C GLU F 123 -51.64 19.24 34.34
N PHE F 124 -50.34 19.53 34.27
CA PHE F 124 -49.51 19.05 33.16
C PHE F 124 -49.15 17.58 33.27
N LEU F 125 -49.43 16.95 34.41
CA LEU F 125 -49.18 15.52 34.55
C LEU F 125 -49.99 14.71 33.54
N LYS F 126 -51.28 15.04 33.41
CA LYS F 126 -52.12 14.37 32.43
C LYS F 126 -51.76 14.76 31.00
N SER F 127 -51.10 15.91 30.82
CA SER F 127 -50.68 16.33 29.49
C SER F 127 -49.65 15.38 28.89
N TRP F 128 -48.92 14.64 29.72
CA TRP F 128 -47.97 13.66 29.20
C TRP F 128 -48.70 12.52 28.52
N THR F 129 -48.06 11.95 27.51
CA THR F 129 -48.64 10.83 26.78
C THR F 129 -48.66 9.58 27.68
N VAL F 130 -49.50 8.62 27.30
CA VAL F 130 -49.63 7.40 28.10
C VAL F 130 -48.28 6.68 28.18
N GLU F 131 -47.53 6.65 27.07
CA GLU F 131 -46.18 6.12 27.12
C GLU F 131 -45.29 6.99 28.00
N ASP F 132 -45.46 8.32 27.93
CA ASP F 132 -44.71 9.21 28.82
C ASP F 132 -45.06 8.96 30.27
N LEU F 133 -46.34 8.74 30.57
CA LEU F 133 -46.71 8.37 31.94
C LEU F 133 -46.14 7.01 32.30
N GLN F 134 -46.21 6.04 31.39
CA GLN F 134 -45.82 4.66 31.72
C GLN F 134 -44.36 4.57 32.13
N LYS F 135 -43.48 5.28 31.42
CA LYS F 135 -42.07 5.29 31.84
C LYS F 135 -41.90 6.00 33.17
N ARG F 136 -42.79 6.91 33.53
CA ARG F 136 -42.66 7.61 34.81
C ARG F 136 -42.95 6.68 35.98
N LEU F 137 -43.87 5.72 35.82
CA LEU F 137 -44.05 4.71 36.85
C LEU F 137 -42.79 3.86 37.02
N LEU F 138 -42.15 3.50 35.92
CA LEU F 138 -40.96 2.67 35.93
C LEU F 138 -39.67 3.47 36.10
N ALA F 139 -39.78 4.79 36.29
CA ALA F 139 -38.62 5.62 36.53
C ALA F 139 -38.47 6.05 37.99
N LEU F 140 -39.57 6.18 38.72
CA LEU F 140 -39.49 6.62 40.11
C LEU F 140 -39.08 5.51 41.08
N ASP F 141 -39.12 4.26 40.65
CA ASP F 141 -38.60 3.18 41.49
C ASP F 141 -37.08 3.06 41.39
N PRO F 142 -36.48 3.02 40.18
CA PRO F 142 -35.03 2.80 40.12
C PRO F 142 -34.19 3.87 40.81
N MET F 143 -34.56 5.15 40.73
CA MET F 143 -33.72 6.14 41.39
C MET F 143 -33.98 6.17 42.89
N MET F 144 -35.14 5.70 43.33
CA MET F 144 -35.34 5.43 44.76
C MET F 144 -34.50 4.24 45.19
N GLU F 145 -34.30 3.27 44.29
CA GLU F 145 -33.36 2.19 44.56
C GLU F 145 -31.95 2.74 44.72
N GLN F 146 -31.63 3.83 44.03
CA GLN F 146 -30.35 4.49 44.23
C GLN F 146 -30.24 5.06 45.64
N GLU F 147 -31.35 5.60 46.16
CA GLU F 147 -31.34 6.16 47.51
C GLU F 147 -31.04 5.09 48.55
N ILE F 148 -31.72 3.95 48.46
CA ILE F 148 -31.55 2.91 49.48
C ILE F 148 -30.15 2.33 49.40
N GLU F 149 -29.49 2.44 48.25
CA GLU F 149 -28.06 2.15 48.18
C GLU F 149 -27.29 2.99 49.18
N GLU F 150 -27.66 4.27 49.32
CA GLU F 150 -27.07 5.12 50.34
C GLU F 150 -27.57 4.77 51.74
N ILE F 151 -28.85 4.39 51.87
CA ILE F 151 -29.39 4.02 53.17
C ILE F 151 -28.74 2.73 53.67
N ARG F 152 -28.56 1.74 52.79
CA ARG F 152 -27.87 0.53 53.24
C ARG F 152 -26.39 0.77 53.51
N GLN F 153 -25.84 1.94 53.15
CA GLN F 153 -24.41 2.15 53.26
C GLN F 153 -23.97 3.23 54.25
N LYS F 154 -24.83 4.18 54.63
CA LYS F 154 -24.38 5.04 55.72
C LYS F 154 -24.29 4.26 57.02
N TYR F 155 -25.12 3.22 57.17
CA TYR F 155 -25.10 2.45 58.40
C TYR F 155 -24.14 1.26 58.33
N GLN F 156 -23.90 0.73 57.13
CA GLN F 156 -22.71 -0.11 56.93
C GLN F 156 -21.45 0.65 57.31
N CYS F 157 -21.46 1.97 57.15
CA CYS F 157 -20.32 2.79 57.54
C CYS F 157 -20.13 2.78 59.06
N LYS F 158 -21.19 3.06 59.81
CA LYS F 158 -21.07 3.07 61.27
C LYS F 158 -21.28 1.71 61.92
N ARG F 159 -21.74 0.70 61.17
CA ARG F 159 -21.70 -0.66 61.71
C ARG F 159 -20.29 -1.22 61.71
N GLN F 160 -19.44 -0.74 60.81
CA GLN F 160 -18.16 -1.39 60.55
C GLN F 160 -17.29 -1.53 61.79
N PRO F 161 -17.06 -0.50 62.61
CA PRO F 161 -16.13 -0.66 63.71
C PRO F 161 -16.70 -1.22 65.02
N ILE F 162 -17.93 -1.74 65.05
CA ILE F 162 -18.32 -2.56 66.18
C ILE F 162 -18.10 -4.04 65.87
N LEU F 163 -18.30 -4.43 64.61
CA LEU F 163 -17.92 -5.76 64.17
C LEU F 163 -16.45 -6.03 64.48
N ASP F 164 -15.61 -5.01 64.30
CA ASP F 164 -14.24 -5.09 64.77
C ASP F 164 -14.18 -5.04 66.30
N ALA F 165 -15.01 -4.20 66.91
CA ALA F 165 -15.02 -4.07 68.37
C ALA F 165 -15.47 -5.36 69.04
N ILE F 166 -16.48 -6.02 68.48
CA ILE F 166 -16.91 -7.31 69.02
C ILE F 166 -15.78 -8.33 68.89
N GLU F 167 -15.10 -8.34 67.74
CA GLU F 167 -13.92 -9.19 67.58
C GLU F 167 -12.81 -8.77 68.54
N ALA F 168 -12.61 -7.46 68.70
CA ALA F 168 -11.58 -6.96 69.60
C ALA F 168 -12.14 -6.70 70.98
N VAL G 47 22.56 29.28 -56.95
CA VAL G 47 21.41 30.13 -57.22
C VAL G 47 20.84 30.66 -55.89
N ASN G 48 20.46 31.93 -55.89
CA ASN G 48 19.97 32.59 -54.68
C ASN G 48 18.44 32.60 -54.71
N LEU G 49 17.85 31.44 -54.37
CA LEU G 49 16.41 31.37 -54.24
C LEU G 49 15.90 32.26 -53.11
N ILE G 50 16.60 32.26 -51.99
CA ILE G 50 16.22 33.07 -50.84
C ILE G 50 16.67 34.50 -51.07
N ASP G 51 15.85 35.45 -50.62
CA ASP G 51 16.20 36.85 -50.78
C ASP G 51 17.48 37.17 -50.00
N PRO G 52 18.37 37.97 -50.56
CA PRO G 52 19.63 38.27 -49.85
C PRO G 52 19.43 38.91 -48.49
N TRP G 53 18.35 39.67 -48.31
CA TRP G 53 18.11 40.29 -47.02
C TRP G 53 17.90 39.25 -45.93
N ILE G 54 17.17 38.18 -46.25
CA ILE G 54 16.87 37.16 -45.25
C ILE G 54 18.14 36.50 -44.75
N ILE G 55 19.11 36.29 -45.64
CA ILE G 55 20.36 35.65 -45.25
C ILE G 55 21.14 36.54 -44.29
N ASN G 56 21.22 37.84 -44.60
CA ASN G 56 22.11 38.73 -43.84
C ASN G 56 21.54 39.03 -42.47
N ASN G 57 20.26 39.35 -42.38
CA ASN G 57 19.68 39.81 -41.13
C ASN G 57 19.07 38.65 -40.34
N PHE G 58 18.91 38.87 -39.04
CA PHE G 58 18.39 37.87 -38.13
C PHE G 58 16.94 38.18 -37.79
N VAL G 59 16.13 37.14 -37.68
CA VAL G 59 14.72 37.26 -37.36
C VAL G 59 14.44 36.49 -36.08
N GLN G 60 13.47 36.95 -35.31
CA GLN G 60 13.17 36.33 -34.03
C GLN G 60 12.55 34.95 -34.23
N ALA G 61 12.94 34.02 -33.35
CA ALA G 61 12.37 32.69 -33.39
C ALA G 61 10.96 32.70 -32.83
N PRO G 62 10.10 31.76 -33.26
CA PRO G 62 8.73 31.74 -32.74
C PRO G 62 8.67 31.62 -31.22
N GLN G 63 9.50 30.78 -30.63
CA GLN G 63 9.67 30.73 -29.18
C GLN G 63 11.01 31.39 -28.88
N GLY G 64 11.00 32.72 -28.82
CA GLY G 64 12.22 33.46 -28.67
C GLY G 64 12.16 34.49 -27.57
N GLU G 65 11.47 34.17 -26.48
CA GLU G 65 11.35 35.08 -25.33
C GLU G 65 11.52 34.23 -24.08
N PHE G 66 12.76 34.09 -23.62
CA PHE G 66 13.07 33.41 -22.37
C PHE G 66 13.65 34.41 -21.39
N THR G 67 13.21 34.33 -20.14
CA THR G 67 13.63 35.24 -19.10
C THR G 67 14.31 34.46 -17.98
N ILE G 68 15.42 35.00 -17.49
CA ILE G 68 16.17 34.42 -16.39
C ILE G 68 15.88 35.23 -15.13
N SER G 69 15.48 34.55 -14.07
CA SER G 69 15.13 35.18 -12.81
C SER G 69 15.94 34.55 -11.69
N PRO G 70 16.15 35.26 -10.59
CA PRO G 70 16.91 34.67 -9.47
C PRO G 70 16.31 33.39 -8.95
N ASN G 71 14.98 33.24 -9.02
CA ASN G 71 14.35 32.00 -8.57
C ASN G 71 14.68 30.82 -9.47
N ASN G 72 15.13 31.07 -10.69
CA ASN G 72 15.50 29.97 -11.58
C ASN G 72 16.70 29.22 -11.01
N THR G 73 16.65 27.91 -11.11
CA THR G 73 17.73 27.09 -10.58
C THR G 73 18.59 26.54 -11.72
N PRO G 74 19.87 26.27 -11.47
CA PRO G 74 20.72 25.69 -12.51
C PRO G 74 20.16 24.36 -12.98
N GLY G 75 19.90 24.27 -14.28
CA GLY G 75 19.23 23.13 -14.86
C GLY G 75 17.86 23.44 -15.41
N ASP G 76 17.39 24.68 -15.30
CA ASP G 76 16.10 25.06 -15.82
C ASP G 76 16.21 25.32 -17.32
N VAL G 77 15.32 24.70 -18.09
CA VAL G 77 15.33 24.89 -19.53
C VAL G 77 14.84 26.30 -19.86
N LEU G 78 15.62 27.03 -20.65
CA LEU G 78 15.24 28.38 -21.03
C LEU G 78 14.48 28.39 -22.36
N PHE G 79 15.03 27.77 -23.39
CA PHE G 79 14.32 27.62 -24.65
C PHE G 79 14.83 26.38 -25.36
N ASP G 80 13.99 25.82 -26.22
CA ASP G 80 14.33 24.65 -27.01
C ASP G 80 13.98 24.95 -28.46
N LEU G 81 14.92 24.68 -29.36
CA LEU G 81 14.75 24.96 -30.77
C LEU G 81 14.99 23.69 -31.58
N GLN G 82 14.24 23.57 -32.67
CA GLN G 82 14.38 22.46 -33.60
C GLN G 82 14.62 23.02 -34.99
N LEU G 83 15.63 22.48 -35.68
CA LEU G 83 15.99 22.99 -36.98
C LEU G 83 14.86 22.83 -37.99
N GLY G 84 14.65 23.84 -38.81
CA GLY G 84 13.67 23.78 -39.86
C GLY G 84 13.34 25.15 -40.41
N PRO G 85 12.69 25.20 -41.57
CA PRO G 85 12.27 26.50 -42.12
C PRO G 85 11.23 27.20 -41.28
N HIS G 86 10.54 26.46 -40.39
CA HIS G 86 9.54 27.09 -39.53
C HIS G 86 10.15 28.05 -38.53
N LEU G 87 11.47 27.94 -38.27
CA LEU G 87 12.11 28.84 -37.33
C LEU G 87 12.08 30.29 -37.81
N ASN G 88 12.07 30.50 -39.13
CA ASN G 88 12.09 31.84 -39.69
C ASN G 88 10.76 32.11 -40.38
N PRO G 89 10.02 33.14 -39.97
CA PRO G 89 8.74 33.43 -40.65
C PRO G 89 8.91 33.68 -42.14
N PHE G 90 10.00 34.34 -42.54
CA PHE G 90 10.26 34.51 -43.96
C PHE G 90 10.52 33.18 -44.65
N LEU G 91 11.26 32.29 -43.98
CA LEU G 91 11.60 31.01 -44.58
C LEU G 91 10.40 30.07 -44.64
N SER G 92 9.49 30.15 -43.67
CA SER G 92 8.33 29.27 -43.69
C SER G 92 7.45 29.54 -44.90
N HIS G 93 7.22 30.81 -45.21
CA HIS G 93 6.40 31.16 -46.36
C HIS G 93 7.00 30.62 -47.65
N LEU G 94 8.32 30.72 -47.79
CA LEU G 94 8.98 30.13 -48.95
C LEU G 94 8.86 28.61 -48.94
N SER G 95 9.01 28.00 -47.77
CA SER G 95 8.95 26.55 -47.67
C SER G 95 7.58 26.01 -48.06
N GLN G 96 6.54 26.84 -47.89
CA GLN G 96 5.23 26.45 -48.40
C GLN G 96 5.27 26.24 -49.91
N MET G 97 6.07 27.05 -50.61
CA MET G 97 6.18 26.92 -52.06
C MET G 97 7.01 25.70 -52.44
N TYR G 98 8.12 25.47 -51.74
CA TYR G 98 9.05 24.42 -52.13
C TYR G 98 8.71 23.09 -51.45
N ASN G 99 9.38 22.03 -51.90
CA ASN G 99 9.10 20.69 -51.43
C ASN G 99 10.12 20.17 -50.43
N GLY G 100 11.37 20.57 -50.53
CA GLY G 100 12.40 20.10 -49.62
C GLY G 100 13.37 21.21 -49.29
N TRP G 101 13.90 21.15 -48.08
CA TRP G 101 14.84 22.14 -47.59
C TRP G 101 16.08 21.44 -47.05
N VAL G 102 17.21 22.12 -47.15
CA VAL G 102 18.47 21.59 -46.65
C VAL G 102 19.40 22.76 -46.35
N GLY G 103 20.30 22.56 -45.40
CA GLY G 103 21.27 23.57 -45.04
C GLY G 103 21.22 23.91 -43.55
N ASN G 104 22.19 24.72 -43.14
CA ASN G 104 22.33 25.14 -41.76
C ASN G 104 21.77 26.55 -41.59
N MET G 105 21.39 26.86 -40.35
CA MET G 105 20.97 28.21 -39.99
C MET G 105 21.73 28.68 -38.76
N ARG G 106 22.09 29.96 -38.77
CA ARG G 106 22.81 30.57 -37.66
C ARG G 106 21.82 31.07 -36.62
N VAL G 107 22.07 30.74 -35.37
CA VAL G 107 21.22 31.13 -34.26
C VAL G 107 22.01 32.03 -33.33
N ARG G 108 21.45 33.19 -33.00
CA ARG G 108 22.08 34.16 -32.12
C ARG G 108 21.17 34.43 -30.94
N VAL G 109 21.74 34.42 -29.75
CA VAL G 109 20.99 34.65 -28.50
C VAL G 109 21.42 35.99 -27.93
N VAL G 110 20.44 36.82 -27.60
CA VAL G 110 20.68 38.16 -27.11
C VAL G 110 20.23 38.20 -25.65
N LEU G 111 21.17 38.21 -24.73
CA LEU G 111 20.88 38.34 -23.31
C LEU G 111 21.06 39.80 -22.90
N ALA G 112 20.09 40.33 -22.17
CA ALA G 112 20.13 41.72 -21.71
C ALA G 112 20.54 41.74 -20.25
N GLY G 113 21.69 42.36 -19.97
CA GLY G 113 22.19 42.43 -18.61
C GLY G 113 23.25 43.51 -18.50
N ASN G 114 23.55 43.87 -17.27
CA ASN G 114 24.54 44.88 -16.96
C ASN G 114 25.75 44.23 -16.28
N ALA G 115 26.76 45.05 -16.01
CA ALA G 115 28.01 44.55 -15.47
C ALA G 115 27.86 44.01 -14.05
N PHE G 116 26.82 44.41 -13.33
CA PHE G 116 26.65 44.04 -11.93
C PHE G 116 25.86 42.75 -11.75
N THR G 117 25.87 41.88 -12.74
CA THR G 117 25.16 40.61 -12.65
C THR G 117 26.08 39.47 -13.04
N ALA G 118 25.84 38.31 -12.44
CA ALA G 118 26.57 37.10 -12.74
C ALA G 118 25.60 35.99 -13.07
N GLY G 119 26.07 35.02 -13.82
CA GLY G 119 25.26 33.90 -14.25
C GLY G 119 25.67 33.48 -15.64
N LYS G 120 25.54 32.18 -15.92
CA LYS G 120 25.93 31.63 -17.19
C LYS G 120 24.82 30.76 -17.74
N VAL G 121 24.70 30.75 -19.07
CA VAL G 121 23.75 29.90 -19.78
C VAL G 121 24.55 29.02 -20.73
N ILE G 122 24.12 27.77 -20.86
CA ILE G 122 24.79 26.80 -21.72
C ILE G 122 23.82 26.45 -22.85
N ILE G 123 24.31 26.54 -24.08
CA ILE G 123 23.52 26.24 -25.27
C ILE G 123 24.18 25.04 -25.95
N CYS G 124 23.52 23.89 -25.91
CA CYS G 124 24.07 22.66 -26.45
C CYS G 124 23.24 22.20 -27.64
N CYS G 125 23.92 21.68 -28.65
CA CYS G 125 23.28 21.21 -29.89
C CYS G 125 23.01 19.71 -29.75
N VAL G 126 21.76 19.36 -29.48
CA VAL G 126 21.35 17.98 -29.32
C VAL G 126 21.18 17.35 -30.70
N PRO G 127 21.85 16.24 -31.00
CA PRO G 127 21.73 15.64 -32.33
C PRO G 127 20.33 15.08 -32.54
N PRO G 128 19.87 15.01 -33.78
CA PRO G 128 18.53 14.45 -34.04
C PRO G 128 18.47 12.98 -33.67
N GLY G 129 17.29 12.56 -33.22
CA GLY G 129 17.08 11.19 -32.83
C GLY G 129 17.57 10.83 -31.45
N PHE G 130 18.19 11.76 -30.73
CA PHE G 130 18.61 11.52 -29.37
C PHE G 130 17.41 11.73 -28.45
N GLN G 131 16.91 10.65 -27.86
CA GLN G 131 15.71 10.70 -27.04
C GLN G 131 16.08 10.59 -25.57
N SER G 132 15.72 11.59 -24.79
CA SER G 132 15.89 11.56 -23.35
C SER G 132 14.90 12.55 -22.75
N ARG G 133 14.46 12.28 -21.52
CA ARG G 133 13.47 13.13 -20.88
C ARG G 133 14.02 14.53 -20.71
N THR G 134 15.01 14.69 -19.84
CA THR G 134 15.71 15.95 -19.65
C THR G 134 17.16 15.66 -19.28
N LEU G 135 18.04 16.54 -19.71
CA LEU G 135 19.46 16.45 -19.40
C LEU G 135 19.83 17.52 -18.39
N SER G 136 20.64 17.14 -17.40
CA SER G 136 21.08 18.07 -16.38
C SER G 136 22.14 19.00 -16.94
N ILE G 137 22.60 19.94 -16.11
CA ILE G 137 23.67 20.84 -16.55
C ILE G 137 24.93 20.07 -16.84
N ALA G 138 25.23 19.04 -16.04
CA ALA G 138 26.42 18.23 -16.28
C ALA G 138 26.34 17.52 -17.62
N GLN G 139 25.18 16.96 -17.94
CA GLN G 139 25.02 16.27 -19.22
C GLN G 139 25.01 17.24 -20.38
N ALA G 140 24.57 18.48 -20.15
CA ALA G 140 24.54 19.47 -21.22
C ALA G 140 25.95 19.78 -21.71
N THR G 141 26.92 19.83 -20.80
CA THR G 141 28.30 20.09 -21.18
C THR G 141 28.87 18.97 -22.04
N LEU G 142 28.28 17.78 -22.01
CA LEU G 142 28.79 16.67 -22.81
C LEU G 142 28.53 16.89 -24.30
N PHE G 143 27.46 17.59 -24.65
CA PHE G 143 27.21 17.96 -26.03
C PHE G 143 28.14 19.08 -26.46
N PRO G 144 28.34 19.27 -27.76
CA PRO G 144 29.02 20.49 -28.22
C PRO G 144 28.23 21.71 -27.81
N HIS G 145 28.79 22.52 -26.92
CA HIS G 145 28.05 23.57 -26.25
C HIS G 145 28.83 24.87 -26.25
N VAL G 146 28.12 25.95 -25.95
CA VAL G 146 28.71 27.26 -25.73
C VAL G 146 28.20 27.79 -24.40
N ILE G 147 29.11 28.06 -23.47
CA ILE G 147 28.75 28.61 -22.17
C ILE G 147 28.82 30.13 -22.29
N ALA G 148 27.66 30.78 -22.26
CA ALA G 148 27.56 32.21 -22.46
C ALA G 148 27.27 32.89 -21.13
N ASP G 149 28.10 33.86 -20.78
CA ASP G 149 27.88 34.64 -19.57
C ASP G 149 26.75 35.62 -19.78
N VAL G 150 26.01 35.88 -18.70
CA VAL G 150 24.86 36.76 -18.77
C VAL G 150 25.28 38.17 -19.15
N ARG G 151 26.37 38.66 -18.56
CA ARG G 151 26.80 40.03 -18.76
C ARG G 151 27.52 40.25 -20.09
N THR G 152 27.45 39.32 -21.03
CA THR G 152 28.09 39.52 -22.32
C THR G 152 27.41 40.64 -23.09
N LEU G 153 28.19 41.59 -23.57
CA LEU G 153 27.63 42.74 -24.27
C LEU G 153 27.11 42.34 -25.65
N ASP G 154 27.90 41.58 -26.40
CA ASP G 154 27.43 41.25 -27.73
C ASP G 154 26.68 39.92 -27.73
N PRO G 155 25.71 39.78 -28.62
CA PRO G 155 24.95 38.52 -28.67
C PRO G 155 25.85 37.35 -29.04
N VAL G 156 25.57 36.21 -28.43
CA VAL G 156 26.33 34.98 -28.69
C VAL G 156 25.69 34.24 -29.86
N GLU G 157 26.51 33.92 -30.87
CA GLU G 157 26.05 33.23 -32.06
C GLU G 157 26.41 31.75 -31.97
N VAL G 158 25.40 30.89 -32.12
CA VAL G 158 25.57 29.45 -32.04
C VAL G 158 25.13 28.86 -33.36
N PRO G 159 26.00 28.16 -34.09
CA PRO G 159 25.57 27.56 -35.36
C PRO G 159 24.69 26.34 -35.15
N LEU G 160 23.69 26.20 -36.01
CA LEU G 160 22.78 25.06 -35.99
C LEU G 160 23.04 24.25 -37.24
N GLU G 161 23.94 23.27 -37.14
CA GLU G 161 24.32 22.45 -38.28
C GLU G 161 23.21 21.45 -38.60
N ASP G 162 23.02 21.20 -39.89
CA ASP G 162 21.99 20.28 -40.37
C ASP G 162 22.55 18.86 -40.35
N VAL G 163 22.58 18.27 -39.17
CA VAL G 163 22.94 16.86 -39.03
C VAL G 163 21.72 16.06 -39.44
N ARG G 164 21.85 15.32 -40.54
CA ARG G 164 20.71 14.60 -41.10
C ARG G 164 21.17 13.25 -41.61
N ASN G 165 20.20 12.35 -41.75
CA ASN G 165 20.44 11.01 -42.28
C ASN G 165 20.13 10.90 -43.76
N VAL G 166 19.07 11.56 -44.22
CA VAL G 166 18.68 11.56 -45.63
C VAL G 166 19.49 12.60 -46.38
N LEU G 167 19.43 12.55 -47.71
CA LEU G 167 20.12 13.56 -48.52
C LEU G 167 19.55 14.95 -48.28
N TYR G 168 18.23 15.07 -48.23
CA TYR G 168 17.59 16.35 -47.97
C TYR G 168 16.31 16.10 -47.18
N HIS G 169 15.85 17.14 -46.49
CA HIS G 169 14.70 17.04 -45.61
C HIS G 169 13.41 17.25 -46.38
N ASN G 170 12.45 16.35 -46.20
CA ASN G 170 11.12 16.56 -46.71
C ASN G 170 10.31 17.43 -45.76
N ASN G 171 9.27 18.05 -46.29
CA ASN G 171 8.42 18.90 -45.47
C ASN G 171 7.52 18.05 -44.57
N ASP G 172 8.02 17.67 -43.40
CA ASP G 172 7.27 16.84 -42.48
C ASP G 172 7.81 17.08 -41.07
N THR G 173 7.43 16.22 -40.14
CA THR G 173 7.79 16.36 -38.73
C THR G 173 8.93 15.43 -38.34
N GLN G 174 9.84 15.12 -39.26
CA GLN G 174 11.00 14.32 -38.92
C GLN G 174 11.87 15.06 -37.92
N PRO G 175 12.41 14.38 -36.92
CA PRO G 175 13.27 15.07 -35.95
C PRO G 175 14.55 15.55 -36.61
N THR G 176 14.91 16.79 -36.32
CA THR G 176 16.11 17.41 -36.85
C THR G 176 17.01 17.83 -35.70
N MET G 177 18.10 18.52 -36.03
CA MET G 177 19.05 18.96 -35.02
C MET G 177 18.36 19.89 -34.03
N ARG G 178 18.56 19.63 -32.75
CA ARG G 178 17.86 20.33 -31.69
C ARG G 178 18.84 21.22 -30.92
N LEU G 179 18.51 22.50 -30.83
CA LEU G 179 19.28 23.44 -30.01
C LEU G 179 18.52 23.66 -28.72
N LEU G 180 19.18 23.40 -27.60
CA LEU G 180 18.55 23.46 -26.28
C LEU G 180 19.47 24.24 -25.35
N CYS G 181 18.91 25.26 -24.70
CA CYS G 181 19.67 26.13 -23.82
C CYS G 181 19.20 25.97 -22.38
N MET G 182 20.14 25.90 -21.45
CA MET G 182 19.85 25.68 -20.05
C MET G 182 20.62 26.69 -19.22
N LEU G 183 20.07 27.02 -18.05
CA LEU G 183 20.72 27.95 -17.13
C LEU G 183 21.84 27.21 -16.42
N TYR G 184 23.08 27.62 -16.67
CA TYR G 184 24.23 26.92 -16.10
C TYR G 184 24.45 27.31 -14.65
N THR G 185 24.70 28.58 -14.39
CA THR G 185 24.87 29.07 -13.03
C THR G 185 23.75 30.01 -12.66
N PRO G 186 23.31 30.01 -11.40
CA PRO G 186 22.18 30.87 -11.02
C PRO G 186 22.51 32.34 -11.19
N LEU G 187 21.48 33.12 -11.49
CA LEU G 187 21.64 34.56 -11.70
C LEU G 187 21.75 35.24 -10.35
N ARG G 188 22.97 35.60 -9.97
CA ARG G 188 23.25 36.24 -8.68
C ARG G 188 23.42 37.73 -8.94
N THR G 189 22.30 38.45 -8.97
CA THR G 189 22.35 39.88 -9.23
C THR G 189 22.86 40.63 -8.02
N GLY G 190 23.39 41.83 -8.26
CA GLY G 190 23.97 42.65 -7.22
C GLY G 190 23.03 43.72 -6.70
N GLY G 191 21.73 43.53 -6.90
CA GLY G 191 20.77 44.51 -6.44
C GLY G 191 20.75 44.63 -4.93
N ALA G 192 20.34 45.80 -4.45
CA ALA G 192 20.32 46.06 -3.01
C ALA G 192 19.30 45.19 -2.29
N SER G 193 18.21 44.82 -2.96
CA SER G 193 17.17 44.03 -2.32
C SER G 193 17.68 42.62 -2.02
N GLY G 194 17.34 42.13 -0.83
CA GLY G 194 17.69 40.77 -0.48
C GLY G 194 16.90 39.76 -1.29
N GLY G 195 17.56 38.65 -1.62
CA GLY G 195 16.93 37.64 -2.45
C GLY G 195 16.64 38.20 -3.83
N THR G 196 15.38 38.12 -4.24
CA THR G 196 14.97 38.64 -5.54
C THR G 196 14.91 40.15 -5.51
N ASP G 197 15.26 40.77 -6.65
CA ASP G 197 15.21 42.21 -6.81
C ASP G 197 14.28 42.62 -7.95
N SER G 198 13.40 41.71 -8.38
CA SER G 198 12.59 41.89 -9.58
C SER G 198 13.45 42.12 -10.82
N PHE G 199 14.71 41.69 -10.76
CA PHE G 199 15.64 41.83 -11.87
C PHE G 199 15.65 40.54 -12.67
N VAL G 200 15.31 40.63 -13.95
CA VAL G 200 15.23 39.48 -14.83
C VAL G 200 16.05 39.78 -16.08
N VAL G 201 16.85 38.81 -16.50
CA VAL G 201 17.62 38.90 -17.73
C VAL G 201 16.77 38.31 -18.85
N ALA G 202 16.28 39.17 -19.74
CA ALA G 202 15.42 38.74 -20.82
C ALA G 202 16.26 38.40 -22.04
N GLY G 203 16.09 37.18 -22.54
CA GLY G 203 16.83 36.70 -23.70
C GLY G 203 15.89 36.54 -24.90
N ARG G 204 16.36 37.03 -26.05
CA ARG G 204 15.64 36.91 -27.31
C ARG G 204 16.45 36.04 -28.25
N VAL G 205 15.83 35.00 -28.78
CA VAL G 205 16.50 34.08 -29.69
C VAL G 205 16.27 34.56 -31.11
N LEU G 206 17.35 34.82 -31.84
CA LEU G 206 17.29 35.29 -33.22
C LEU G 206 17.95 34.25 -34.12
N THR G 207 17.28 33.89 -35.21
CA THR G 207 17.80 32.92 -36.15
C THR G 207 17.78 33.49 -37.56
N CYS G 208 18.74 33.06 -38.37
CA CYS G 208 18.81 33.42 -39.78
C CYS G 208 19.35 32.22 -40.55
N PRO G 209 18.94 32.05 -41.80
CA PRO G 209 19.47 30.94 -42.60
C PRO G 209 20.94 31.15 -42.91
N GLY G 210 21.68 30.04 -42.95
CA GLY G 210 23.07 30.09 -43.29
C GLY G 210 23.28 30.20 -44.79
N PRO G 211 24.55 30.36 -45.18
CA PRO G 211 24.86 30.41 -46.62
C PRO G 211 24.49 29.14 -47.36
N ASP G 212 24.46 28.00 -46.68
CA ASP G 212 24.21 26.71 -47.31
C ASP G 212 22.74 26.33 -47.32
N PHE G 213 21.86 27.14 -46.75
CA PHE G 213 20.44 26.82 -46.77
C PHE G 213 19.92 26.87 -48.20
N ASN G 214 19.10 25.89 -48.57
CA ASN G 214 18.59 25.82 -49.92
C ASN G 214 17.29 25.04 -49.95
N PHE G 215 16.37 25.50 -50.80
CA PHE G 215 15.11 24.80 -51.04
C PHE G 215 15.25 23.96 -52.30
N LEU G 216 14.65 22.77 -52.27
CA LEU G 216 15.01 21.75 -53.25
C LEU G 216 14.09 21.76 -54.47
N PHE G 217 12.79 21.52 -54.29
CA PHE G 217 11.90 21.28 -55.40
C PHE G 217 10.69 22.21 -55.32
N LEU G 218 10.36 22.82 -56.46
CA LEU G 218 9.27 23.79 -56.52
C LEU G 218 7.94 23.06 -56.68
N VAL G 219 6.96 23.45 -55.86
CA VAL G 219 5.64 22.83 -55.87
C VAL G 219 4.60 23.94 -55.93
N PRO G 220 3.44 23.73 -56.54
CA PRO G 220 2.35 24.70 -56.44
C PRO G 220 2.06 25.02 -54.98
N PRO G 221 2.22 26.27 -54.58
CA PRO G 221 2.10 26.62 -53.16
C PRO G 221 0.69 26.45 -52.63
N THR G 222 0.61 26.11 -51.34
CA THR G 222 -0.65 25.99 -50.60
C THR G 222 -1.57 24.92 -51.17
N VAL G 223 -1.05 24.02 -51.99
CA VAL G 223 -1.82 22.88 -52.45
C VAL G 223 -1.47 21.60 -51.71
N GLU G 224 -0.34 21.56 -51.03
CA GLU G 224 0.09 20.38 -50.27
C GLU G 224 -0.29 20.59 -48.80
N GLN G 225 -1.01 19.60 -48.25
CA GLN G 225 -1.51 19.73 -46.89
C GLN G 225 -0.41 19.55 -45.85
N LYS G 226 0.74 19.02 -46.25
CA LYS G 226 1.82 18.78 -45.29
C LYS G 226 2.35 20.10 -44.72
N THR G 227 2.49 21.12 -45.57
CA THR G 227 3.06 22.40 -45.17
C THR G 227 1.99 23.47 -44.98
N ARG G 228 0.72 23.11 -44.98
CA ARG G 228 -0.35 24.08 -44.81
C ARG G 228 -0.33 24.63 -43.39
N PRO G 229 -0.21 25.94 -43.18
CA PRO G 229 -0.22 26.49 -41.83
C PRO G 229 -1.62 26.48 -41.23
N PHE G 230 -1.65 26.42 -39.91
CA PHE G 230 -2.91 26.46 -39.17
C PHE G 230 -3.02 27.73 -38.36
N THR G 231 -4.25 28.12 -38.07
CA THR G 231 -4.52 29.33 -37.30
C THR G 231 -5.87 29.19 -36.60
N VAL G 232 -6.02 29.94 -35.51
CA VAL G 232 -7.27 30.00 -34.77
C VAL G 232 -8.26 30.88 -35.53
N PRO G 233 -9.52 30.48 -35.67
CA PRO G 233 -10.48 31.31 -36.40
C PRO G 233 -10.62 32.68 -35.77
N ASN G 234 -10.71 33.71 -36.62
CA ASN G 234 -10.80 35.09 -36.17
C ASN G 234 -12.27 35.47 -36.09
N ILE G 235 -12.86 35.25 -34.91
CA ILE G 235 -14.27 35.60 -34.69
C ILE G 235 -14.41 36.20 -33.29
N PRO G 236 -15.04 37.36 -33.16
CA PRO G 236 -15.30 37.90 -31.82
C PRO G 236 -16.15 36.96 -30.98
N LEU G 237 -15.82 36.85 -29.71
CA LEU G 237 -16.42 35.86 -28.82
C LEU G 237 -17.79 36.29 -28.30
N LYS G 238 -18.21 37.53 -28.56
CA LYS G 238 -19.47 38.03 -27.99
C LYS G 238 -20.65 37.17 -28.44
N TYR G 239 -20.63 36.68 -29.67
CA TYR G 239 -21.71 35.89 -30.24
C TYR G 239 -21.24 34.51 -30.64
N LEU G 240 -20.48 33.86 -29.76
CA LEU G 240 -20.03 32.50 -29.99
C LEU G 240 -21.08 31.51 -29.47
N SER G 241 -20.93 30.25 -29.88
CA SER G 241 -21.91 29.21 -29.61
C SER G 241 -21.33 28.19 -28.63
N ASN G 242 -22.11 27.84 -27.62
CA ASN G 242 -21.75 26.77 -26.71
C ASN G 242 -21.78 25.43 -27.45
N SER G 243 -20.89 24.52 -27.05
CA SER G 243 -20.83 23.22 -27.71
C SER G 243 -22.02 22.35 -27.32
N ARG G 244 -22.36 22.31 -26.04
CA ARG G 244 -23.43 21.42 -25.59
C ARG G 244 -24.81 21.94 -25.94
N ILE G 245 -25.00 23.26 -25.95
CA ILE G 245 -26.31 23.86 -26.20
C ILE G 245 -26.19 24.87 -27.32
N PRO G 246 -27.15 24.94 -28.25
CA PRO G 246 -27.12 25.98 -29.28
C PRO G 246 -27.57 27.34 -28.77
N ASN G 247 -26.81 27.87 -27.81
CA ASN G 247 -27.10 29.15 -27.19
C ASN G 247 -25.84 30.00 -27.12
N PRO G 248 -25.98 31.32 -27.16
CA PRO G 248 -24.81 32.18 -27.04
C PRO G 248 -24.13 32.03 -25.69
N ILE G 249 -22.81 32.22 -25.69
CA ILE G 249 -22.03 32.08 -24.47
C ILE G 249 -22.40 33.19 -23.50
N GLU G 250 -22.65 32.82 -22.24
CA GLU G 250 -22.90 33.81 -21.20
C GLU G 250 -21.62 34.27 -20.51
N GLY G 251 -20.64 33.38 -20.36
CA GLY G 251 -19.39 33.75 -19.72
C GLY G 251 -18.43 32.58 -19.75
N MET G 252 -17.20 32.86 -19.34
CA MET G 252 -16.14 31.87 -19.28
C MET G 252 -15.76 31.64 -17.82
N SER G 253 -15.57 30.37 -17.46
CA SER G 253 -15.20 30.04 -16.09
C SER G 253 -14.43 28.72 -16.09
N LEU G 254 -13.69 28.51 -15.00
CA LEU G 254 -12.98 27.26 -14.77
C LEU G 254 -13.87 26.31 -13.97
N SER G 255 -13.29 25.23 -13.47
CA SER G 255 -14.03 24.31 -12.63
C SER G 255 -14.50 25.02 -11.36
N PRO G 256 -15.60 24.58 -10.76
CA PRO G 256 -16.08 25.22 -9.53
C PRO G 256 -15.03 25.26 -8.42
N ASP G 257 -14.22 24.21 -8.31
CA ASP G 257 -13.14 24.19 -7.33
C ASP G 257 -12.01 23.32 -7.87
N GLN G 258 -10.78 23.87 -7.83
CA GLN G 258 -9.56 23.18 -8.22
C GLN G 258 -9.77 22.59 -9.63
N THR G 259 -9.37 21.35 -9.88
CA THR G 259 -9.53 20.71 -11.18
C THR G 259 -10.22 19.36 -11.02
N GLN G 260 -10.98 18.99 -12.04
CA GLN G 260 -11.66 17.70 -12.07
C GLN G 260 -11.57 17.11 -13.48
N ASN G 261 -11.68 15.80 -13.56
CA ASN G 261 -11.70 15.13 -14.84
C ASN G 261 -13.10 15.25 -15.43
N VAL G 262 -13.21 15.93 -16.57
CA VAL G 262 -14.49 16.14 -17.25
C VAL G 262 -14.40 15.49 -18.63
N GLN G 263 -15.42 14.72 -18.98
CA GLN G 263 -15.47 13.99 -20.24
C GLN G 263 -16.67 14.52 -21.03
N PHE G 264 -16.40 15.39 -22.01
CA PHE G 264 -17.44 15.98 -22.83
C PHE G 264 -17.21 15.59 -24.28
N GLN G 265 -17.96 14.58 -24.75
CA GLN G 265 -17.88 14.18 -26.15
C GLN G 265 -18.42 15.24 -27.09
N ASN G 266 -19.40 16.04 -26.67
CA ASN G 266 -19.79 17.21 -27.46
C ASN G 266 -18.68 18.25 -27.44
N GLY G 267 -18.39 18.83 -28.60
CA GLY G 267 -17.29 19.76 -28.73
C GLY G 267 -15.94 19.11 -28.94
N ARG G 268 -15.88 17.78 -28.92
CA ARG G 268 -14.61 17.07 -29.12
C ARG G 268 -14.20 17.18 -30.59
N CYS G 269 -13.13 17.93 -30.84
CA CYS G 269 -12.60 18.05 -32.19
C CYS G 269 -11.10 18.26 -32.10
N THR G 270 -10.35 17.42 -32.81
CA THR G 270 -8.90 17.58 -32.86
C THR G 270 -8.55 18.88 -33.58
N ILE G 271 -7.38 19.43 -33.23
CA ILE G 271 -6.92 20.65 -33.88
C ILE G 271 -6.71 20.41 -35.37
N ASP G 272 -6.27 19.20 -35.74
CA ASP G 272 -6.13 18.86 -37.14
C ASP G 272 -7.46 18.92 -37.87
N GLY G 273 -8.57 18.64 -37.17
CA GLY G 273 -9.88 18.75 -37.78
C GLY G 273 -10.72 17.48 -37.74
N GLN G 274 -10.47 16.62 -36.76
CA GLN G 274 -11.23 15.38 -36.62
C GLN G 274 -12.16 15.48 -35.43
N PRO G 275 -13.47 15.58 -35.63
CA PRO G 275 -14.41 15.60 -34.50
C PRO G 275 -14.47 14.24 -33.84
N LEU G 276 -14.80 14.24 -32.55
CA LEU G 276 -14.89 13.02 -31.76
C LEU G 276 -16.24 12.98 -31.04
N GLY G 277 -16.73 11.76 -30.80
CA GLY G 277 -18.02 11.59 -30.21
C GLY G 277 -19.10 12.06 -31.17
N THR G 278 -20.30 12.26 -30.63
CA THR G 278 -21.40 12.84 -31.38
C THR G 278 -21.27 14.37 -31.37
N THR G 279 -20.28 14.85 -32.11
CA THR G 279 -20.06 16.27 -32.24
C THR G 279 -20.59 16.74 -33.58
N PRO G 280 -21.71 17.46 -33.60
CA PRO G 280 -22.27 17.92 -34.89
C PRO G 280 -21.33 18.88 -35.59
N VAL G 281 -21.39 18.85 -36.93
CA VAL G 281 -20.55 19.73 -37.74
C VAL G 281 -21.12 21.14 -37.85
N SER G 282 -22.26 21.41 -37.24
CA SER G 282 -22.88 22.73 -37.35
C SER G 282 -23.76 22.97 -36.12
N VAL G 283 -24.04 24.25 -35.88
CA VAL G 283 -24.95 24.62 -34.80
C VAL G 283 -26.36 24.14 -35.10
N SER G 284 -26.76 24.16 -36.38
CA SER G 284 -28.09 23.69 -36.74
C SER G 284 -28.30 22.24 -36.33
N GLN G 285 -27.25 21.43 -36.41
CA GLN G 285 -27.30 20.06 -35.93
C GLN G 285 -26.87 19.93 -34.47
N LEU G 286 -26.42 21.02 -33.84
CA LEU G 286 -25.96 20.97 -32.46
C LEU G 286 -27.14 20.72 -31.53
N CYS G 287 -26.99 19.71 -30.67
CA CYS G 287 -28.04 19.31 -29.72
C CYS G 287 -29.36 19.03 -30.43
N LYS G 288 -29.29 18.50 -31.64
CA LYS G 288 -30.46 18.17 -32.44
C LYS G 288 -30.37 16.71 -32.87
N PHE G 289 -31.45 15.97 -32.66
CA PHE G 289 -31.50 14.56 -33.00
C PHE G 289 -32.82 14.26 -33.69
N ARG G 290 -32.82 13.16 -34.43
CA ARG G 290 -34.01 12.77 -35.19
C ARG G 290 -34.08 11.25 -35.24
N GLY G 291 -35.27 10.75 -35.58
CA GLY G 291 -35.50 9.32 -35.67
C GLY G 291 -36.93 8.97 -35.98
N ARG G 292 -37.39 7.83 -35.47
CA ARG G 292 -38.76 7.39 -35.67
C ARG G 292 -39.40 7.10 -34.32
N ILE G 293 -40.72 7.19 -34.28
CA ILE G 293 -41.47 6.94 -33.06
C ILE G 293 -41.45 5.46 -32.71
N ARG G 298 -43.46 1.82 -29.01
CA ARG G 298 -43.31 3.12 -28.37
C ARG G 298 -41.86 3.39 -27.99
N VAL G 299 -40.94 2.82 -28.77
CA VAL G 299 -39.51 3.00 -28.57
C VAL G 299 -38.98 3.85 -29.73
N LEU G 300 -38.22 4.89 -29.40
CA LEU G 300 -37.74 5.83 -30.40
C LEU G 300 -36.43 5.35 -31.00
N ASN G 301 -36.31 5.48 -32.32
CA ASN G 301 -35.09 5.17 -33.04
C ASN G 301 -34.23 6.43 -33.18
N LEU G 302 -32.93 6.22 -33.34
CA LEU G 302 -31.97 7.32 -33.38
C LEU G 302 -31.14 7.32 -34.66
N THR G 303 -31.79 7.22 -35.81
CA THR G 303 -31.08 7.41 -37.07
C THR G 303 -30.45 8.80 -37.11
N GLU G 304 -29.45 8.95 -37.97
CA GLU G 304 -28.66 10.18 -37.98
C GLU G 304 -29.51 11.38 -38.38
N LEU G 305 -29.03 12.57 -38.02
CA LEU G 305 -29.76 13.80 -38.30
C LEU G 305 -29.97 13.97 -39.79
N ASP G 306 -28.98 13.61 -40.60
CA ASP G 306 -29.12 13.67 -42.05
C ASP G 306 -30.10 12.63 -42.59
N GLY G 307 -30.52 11.67 -41.76
CA GLY G 307 -31.43 10.63 -42.19
C GLY G 307 -30.75 9.33 -42.56
N SER G 308 -29.43 9.33 -42.73
CA SER G 308 -28.72 8.12 -43.08
C SER G 308 -28.70 7.16 -41.89
N PRO G 309 -28.61 5.86 -42.13
CA PRO G 309 -28.51 4.90 -41.03
C PRO G 309 -27.27 5.14 -40.20
N PHE G 310 -27.39 4.95 -38.89
CA PHE G 310 -26.32 5.19 -37.95
C PHE G 310 -25.66 3.87 -37.58
N MET G 311 -24.33 3.83 -37.64
CA MET G 311 -23.55 2.67 -37.24
C MET G 311 -22.87 2.97 -35.91
N ALA G 312 -23.13 2.14 -34.91
CA ALA G 312 -22.53 2.35 -33.59
C ALA G 312 -21.03 2.10 -33.59
N PHE G 313 -20.51 1.40 -34.60
CA PHE G 313 -19.08 1.13 -34.65
C PHE G 313 -18.28 2.43 -34.82
N ALA G 314 -18.77 3.33 -35.68
CA ALA G 314 -18.02 4.55 -35.97
C ALA G 314 -18.02 5.50 -34.78
N ALA G 315 -19.18 5.74 -34.18
CA ALA G 315 -19.30 6.73 -33.11
C ALA G 315 -20.08 6.14 -31.95
N PRO G 316 -19.78 6.57 -30.72
CA PRO G 316 -20.55 6.08 -29.56
C PRO G 316 -22.03 6.43 -29.64
N ALA G 317 -22.37 7.58 -30.20
CA ALA G 317 -23.76 8.01 -30.33
C ALA G 317 -23.94 8.69 -31.67
N PRO G 318 -25.16 8.69 -32.22
CA PRO G 318 -25.40 9.39 -33.48
C PRO G 318 -25.13 10.89 -33.34
N ALA G 319 -24.63 11.48 -34.43
CA ALA G 319 -24.26 12.89 -34.41
C ALA G 319 -25.46 13.75 -34.05
N GLY G 320 -25.23 14.74 -33.18
CA GLY G 320 -26.28 15.59 -32.68
C GLY G 320 -26.91 15.12 -31.38
N PHE G 321 -26.54 13.96 -30.88
CA PHE G 321 -27.11 13.46 -29.64
C PHE G 321 -26.64 14.33 -28.47
N PRO G 322 -27.54 14.78 -27.60
CA PRO G 322 -27.15 15.66 -26.50
C PRO G 322 -26.24 14.95 -25.50
N ASP G 323 -25.39 15.74 -24.85
CA ASP G 323 -24.43 15.23 -23.89
C ASP G 323 -24.76 15.64 -22.46
N LEU G 324 -25.95 16.18 -22.21
CA LEU G 324 -26.30 16.66 -20.88
C LEU G 324 -26.35 15.49 -19.89
N GLY G 325 -25.73 15.68 -18.74
CA GLY G 325 -25.51 14.59 -17.80
C GLY G 325 -26.59 14.43 -16.74
N SER G 326 -26.27 14.80 -15.50
CA SER G 326 -27.19 14.61 -14.38
C SER G 326 -28.32 15.63 -14.50
N CYS G 327 -29.23 15.36 -15.42
CA CYS G 327 -30.39 16.21 -15.68
C CYS G 327 -31.32 15.49 -16.64
N ASP G 328 -32.62 15.73 -16.46
CA ASP G 328 -33.64 15.18 -17.34
C ASP G 328 -33.92 16.14 -18.47
N TRP G 329 -34.09 15.61 -19.68
CA TRP G 329 -34.28 16.43 -20.87
C TRP G 329 -35.75 16.44 -21.26
N HIS G 330 -36.30 17.64 -21.41
CA HIS G 330 -37.64 17.84 -21.96
C HIS G 330 -37.49 18.15 -23.44
N ILE G 331 -37.37 17.09 -24.24
CA ILE G 331 -37.08 17.26 -25.65
C ILE G 331 -38.33 17.74 -26.39
N GLU G 332 -38.12 18.22 -27.61
CA GLU G 332 -39.19 18.63 -28.51
C GLU G 332 -39.18 17.65 -29.68
N MET G 333 -39.89 16.53 -29.50
CA MET G 333 -39.92 15.45 -30.49
C MET G 333 -40.91 15.84 -31.59
N SER G 334 -40.58 16.91 -32.30
CA SER G 334 -41.45 17.45 -33.34
C SER G 334 -41.43 16.55 -34.57
N LYS G 335 -42.59 16.39 -35.19
CA LYS G 335 -42.72 15.58 -36.39
C LYS G 335 -42.13 16.29 -37.60
N ILE G 346 -44.70 19.52 -33.50
CA ILE G 346 -44.72 20.16 -32.18
C ILE G 346 -45.22 19.15 -31.14
N VAL G 347 -44.33 18.31 -30.65
CA VAL G 347 -44.64 17.31 -29.64
C VAL G 347 -43.63 17.43 -28.51
N THR G 348 -44.12 17.69 -27.30
CA THR G 348 -43.27 17.84 -26.12
C THR G 348 -43.18 16.50 -25.39
N ASN G 349 -41.96 16.08 -25.09
CA ASN G 349 -41.73 14.82 -24.40
C ASN G 349 -40.52 14.97 -23.49
N SER G 350 -40.44 14.09 -22.49
CA SER G 350 -39.34 14.07 -21.54
C SER G 350 -38.54 12.79 -21.72
N VAL G 351 -37.22 12.91 -21.61
CA VAL G 351 -36.30 11.80 -21.78
C VAL G 351 -35.52 11.62 -20.48
N LYS G 352 -35.49 10.39 -19.97
CA LYS G 352 -34.79 10.09 -18.73
C LYS G 352 -33.47 9.41 -19.05
N PRO G 353 -32.33 10.07 -18.88
CA PRO G 353 -31.05 9.41 -19.14
C PRO G 353 -30.71 8.30 -18.17
N ASN G 354 -31.33 8.29 -16.99
CA ASN G 354 -31.09 7.23 -16.02
C ASN G 354 -31.80 5.94 -16.36
N SER G 355 -32.72 5.95 -17.34
CA SER G 355 -33.42 4.74 -17.73
C SER G 355 -32.44 3.74 -18.34
N GLN G 356 -32.67 2.46 -18.05
CA GLN G 356 -31.79 1.42 -18.57
C GLN G 356 -31.94 1.28 -20.07
N GLN G 357 -33.15 1.46 -20.60
CA GLN G 357 -33.39 1.33 -22.03
C GLN G 357 -32.61 2.36 -22.84
N PHE G 358 -32.28 3.50 -22.24
CA PHE G 358 -31.50 4.53 -22.93
C PHE G 358 -30.08 4.02 -23.18
N VAL G 359 -29.78 3.70 -24.44
CA VAL G 359 -28.47 3.21 -24.82
C VAL G 359 -28.04 3.94 -26.09
N PRO G 360 -26.95 4.70 -26.08
CA PRO G 360 -26.50 5.36 -27.31
C PRO G 360 -26.15 4.38 -28.42
N HIS G 361 -25.58 3.22 -28.08
CA HIS G 361 -25.20 2.26 -29.11
C HIS G 361 -26.42 1.64 -29.77
N LEU G 362 -27.38 1.20 -28.98
CA LEU G 362 -28.62 0.60 -29.47
C LEU G 362 -29.75 1.58 -29.22
N SER G 363 -30.25 2.19 -30.28
CA SER G 363 -31.22 3.28 -30.17
C SER G 363 -32.48 2.82 -29.46
N SER G 364 -32.72 3.38 -28.28
CA SER G 364 -33.94 3.09 -27.53
C SER G 364 -34.16 4.22 -26.54
N ILE G 365 -35.20 5.02 -26.76
CA ILE G 365 -35.51 6.18 -25.92
C ILE G 365 -36.94 6.08 -25.44
N THR G 366 -37.13 6.25 -24.13
CA THR G 366 -38.45 6.19 -23.53
C THR G 366 -39.22 7.50 -23.77
N LEU G 367 -40.53 7.41 -23.61
CA LEU G 367 -41.41 8.56 -23.73
C LEU G 367 -42.39 8.57 -22.56
N ASP G 368 -42.85 9.76 -22.20
CA ASP G 368 -43.80 9.90 -21.10
C ASP G 368 -44.64 11.16 -21.28
N TYR G 377 -39.48 12.80 -37.78
CA TYR G 377 -39.55 13.32 -36.43
C TYR G 377 -38.19 13.87 -35.98
N ILE G 378 -38.19 15.13 -35.54
CA ILE G 378 -36.98 15.83 -35.14
C ILE G 378 -37.07 16.14 -33.64
N GLY G 379 -35.96 15.98 -32.95
CA GLY G 379 -35.94 16.19 -31.51
C GLY G 379 -34.84 17.16 -31.08
N THR G 380 -35.19 18.05 -30.17
CA THR G 380 -34.24 18.97 -29.57
C THR G 380 -34.71 19.30 -28.16
N ILE G 381 -33.76 19.65 -27.31
CA ILE G 381 -34.04 19.88 -25.89
C ILE G 381 -34.74 21.23 -25.74
N GLN G 382 -36.02 21.19 -25.34
CA GLN G 382 -36.75 22.43 -25.09
C GLN G 382 -36.23 23.14 -23.85
N TRP G 383 -36.10 22.40 -22.74
CA TRP G 383 -35.55 22.94 -21.51
C TRP G 383 -35.11 21.77 -20.64
N THR G 384 -34.29 22.07 -19.64
CA THR G 384 -33.71 21.07 -18.77
C THR G 384 -34.39 21.09 -17.40
N SER G 385 -34.25 19.97 -16.69
CA SER G 385 -34.80 19.80 -15.35
C SER G 385 -33.81 18.99 -14.53
N PRO G 386 -33.89 19.07 -13.21
CA PRO G 386 -33.03 18.23 -12.39
C PRO G 386 -33.32 16.76 -12.63
N PRO G 387 -32.31 15.90 -12.51
CA PRO G 387 -32.52 14.48 -12.81
C PRO G 387 -33.51 13.85 -11.85
N SER G 388 -34.27 12.89 -12.36
CA SER G 388 -35.27 12.20 -11.57
C SER G 388 -35.41 10.74 -12.00
N ASN G 394 -28.27 20.14 -6.94
CA ASN G 394 -29.39 20.31 -7.87
C ASN G 394 -29.12 19.58 -9.19
N THR G 395 -28.44 20.28 -10.11
CA THR G 395 -28.12 19.73 -11.42
C THR G 395 -26.63 19.91 -11.67
N ASN G 396 -25.97 18.83 -12.10
CA ASN G 396 -24.54 18.83 -12.37
C ASN G 396 -24.32 18.42 -13.82
N PHE G 397 -23.87 19.36 -14.65
CA PHE G 397 -23.59 19.08 -16.05
C PHE G 397 -22.16 18.62 -16.29
N TRP G 398 -21.30 18.65 -15.27
CA TRP G 398 -19.91 18.30 -15.45
C TRP G 398 -19.70 16.81 -15.71
N LYS G 399 -20.71 15.99 -15.45
CA LYS G 399 -20.62 14.55 -15.63
C LYS G 399 -21.41 14.14 -16.87
N ILE G 400 -20.93 13.09 -17.53
CA ILE G 400 -21.48 12.64 -18.81
C ILE G 400 -22.50 11.53 -18.55
N PRO G 401 -23.57 11.45 -19.32
CA PRO G 401 -24.56 10.38 -19.09
C PRO G 401 -24.01 9.01 -19.44
N ASP G 402 -24.67 7.99 -18.92
CA ASP G 402 -24.25 6.62 -19.13
C ASP G 402 -24.35 6.24 -20.61
N TYR G 403 -23.41 5.44 -21.07
CA TYR G 403 -23.36 4.97 -22.45
C TYR G 403 -23.33 3.45 -22.47
N GLY G 404 -24.16 2.86 -23.32
CA GLY G 404 -24.22 1.42 -23.43
C GLY G 404 -23.04 0.80 -24.15
N SER G 411 -17.26 0.55 -25.80
CA SER G 411 -17.74 1.91 -26.00
C SER G 411 -16.62 2.83 -26.47
N GLN G 412 -16.78 3.39 -27.67
CA GLN G 412 -15.80 4.30 -28.25
C GLN G 412 -16.06 5.74 -27.82
N LEU G 413 -16.20 5.94 -26.51
CA LEU G 413 -16.52 7.26 -25.99
C LEU G 413 -15.32 8.20 -26.11
N ALA G 414 -15.63 9.49 -26.17
CA ALA G 414 -14.59 10.50 -26.19
C ALA G 414 -13.84 10.50 -24.85
N PRO G 415 -12.60 10.99 -24.83
CA PRO G 415 -11.80 10.94 -23.61
C PRO G 415 -11.80 12.15 -22.69
N ALA G 416 -11.86 11.83 -21.40
CA ALA G 416 -11.87 12.86 -20.37
C ALA G 416 -10.54 13.62 -20.35
N VAL G 417 -10.62 14.91 -20.06
CA VAL G 417 -9.47 15.80 -20.11
C VAL G 417 -8.98 16.08 -18.70
N TYR G 418 -7.68 15.87 -18.48
CA TYR G 418 -7.05 16.09 -17.20
C TYR G 418 -6.16 17.32 -17.28
N PRO G 419 -6.37 18.34 -16.46
CA PRO G 419 -5.46 19.49 -16.45
C PRO G 419 -4.05 19.05 -16.08
N PRO G 420 -3.10 19.16 -17.01
CA PRO G 420 -1.76 18.63 -16.78
C PRO G 420 -0.85 19.62 -16.07
N GLY G 421 0.03 19.06 -15.24
CA GLY G 421 1.00 19.87 -14.55
C GLY G 421 0.37 20.71 -13.45
N PHE G 422 1.19 21.62 -12.93
CA PHE G 422 0.74 22.51 -11.86
C PHE G 422 -0.24 23.53 -12.42
N ASN G 423 -1.37 23.71 -11.72
CA ASN G 423 -2.43 24.63 -12.11
C ASN G 423 -2.89 24.22 -13.51
N GLU G 424 -2.83 25.11 -14.51
CA GLU G 424 -3.22 24.79 -15.89
C GLU G 424 -4.65 24.25 -15.94
N VAL G 425 -5.55 24.93 -15.25
CA VAL G 425 -6.95 24.51 -15.24
C VAL G 425 -7.54 24.64 -16.65
N ILE G 426 -8.61 23.89 -16.88
CA ILE G 426 -9.29 23.88 -18.17
C ILE G 426 -10.47 24.83 -18.09
N VAL G 427 -10.50 25.80 -19.01
CA VAL G 427 -11.55 26.81 -19.00
C VAL G 427 -12.81 26.25 -19.65
N TYR G 428 -13.96 26.77 -19.23
CA TYR G 428 -15.25 26.33 -19.72
C TYR G 428 -16.06 27.55 -20.15
N PHE G 429 -16.90 27.36 -21.16
CA PHE G 429 -17.72 28.42 -21.73
C PHE G 429 -19.15 28.23 -21.22
N MET G 430 -19.48 28.93 -20.15
CA MET G 430 -20.81 28.80 -19.54
C MET G 430 -21.88 29.31 -20.48
N ALA G 431 -23.01 28.60 -20.52
CA ALA G 431 -24.19 29.03 -21.27
C ALA G 431 -25.43 28.74 -20.44
N SER G 432 -26.37 29.67 -20.48
CA SER G 432 -27.55 29.62 -19.63
C SER G 432 -28.73 29.02 -20.40
N ILE G 433 -29.44 28.12 -19.73
CA ILE G 433 -30.65 27.50 -20.27
C ILE G 433 -31.78 27.76 -19.28
N PRO G 434 -32.91 28.32 -19.72
CA PRO G 434 -34.02 28.56 -18.78
C PRO G 434 -34.58 27.26 -18.22
N GLY G 435 -35.05 27.34 -16.98
CA GLY G 435 -35.58 26.19 -16.28
C GLY G 435 -35.59 26.38 -14.78
N PRO G 436 -35.15 25.37 -14.05
CA PRO G 436 -35.06 25.50 -12.58
C PRO G 436 -33.94 26.47 -12.19
N ASN G 437 -34.18 27.20 -11.10
CA ASN G 437 -33.18 28.09 -10.54
C ASN G 437 -33.16 28.01 -9.03
N ASN G 443 -29.09 28.12 -13.92
CA ASN G 443 -28.53 27.08 -14.76
C ASN G 443 -27.46 27.64 -15.69
N LEU G 444 -26.28 27.00 -15.70
CA LEU G 444 -25.17 27.46 -16.54
C LEU G 444 -24.37 26.22 -16.94
N VAL G 445 -24.68 25.69 -18.13
CA VAL G 445 -23.99 24.51 -18.63
C VAL G 445 -22.59 24.91 -19.10
N PRO G 446 -21.59 24.03 -18.98
CA PRO G 446 -20.26 24.39 -19.46
C PRO G 446 -20.03 24.04 -20.91
N CYS G 447 -18.81 24.27 -21.40
CA CYS G 447 -18.44 23.95 -22.76
C CYS G 447 -16.93 23.76 -22.82
N LEU G 448 -16.47 23.18 -23.92
CA LEU G 448 -15.03 22.98 -24.11
C LEU G 448 -14.49 23.65 -25.36
N LEU G 449 -15.27 23.70 -26.45
CA LEU G 449 -14.83 24.35 -27.66
C LEU G 449 -16.04 24.88 -28.42
N PRO G 450 -15.97 26.09 -28.98
CA PRO G 450 -17.08 26.60 -29.78
C PRO G 450 -17.28 25.78 -31.04
N GLN G 451 -18.53 25.70 -31.48
CA GLN G 451 -18.84 24.94 -32.69
C GLN G 451 -18.18 25.56 -33.92
N GLU G 452 -18.11 26.90 -33.95
CA GLU G 452 -17.45 27.57 -35.06
C GLU G 452 -15.98 27.20 -35.13
N TYR G 453 -15.32 27.07 -33.98
CA TYR G 453 -13.94 26.62 -33.97
C TYR G 453 -13.83 25.20 -34.50
N ILE G 454 -14.79 24.34 -34.17
CA ILE G 454 -14.81 22.99 -34.70
C ILE G 454 -14.92 23.01 -36.22
N THR G 455 -15.81 23.86 -36.75
CA THR G 455 -15.95 23.97 -38.20
C THR G 455 -14.67 24.48 -38.84
N HIS G 456 -14.03 25.47 -38.23
CA HIS G 456 -12.78 25.99 -38.77
C HIS G 456 -11.69 24.92 -38.78
N PHE G 457 -11.61 24.14 -37.71
CA PHE G 457 -10.61 23.07 -37.64
C PHE G 457 -10.89 22.00 -38.69
N ILE G 458 -12.16 21.65 -38.88
CA ILE G 458 -12.53 20.64 -39.87
C ILE G 458 -12.19 21.13 -41.27
N SER G 459 -12.48 22.39 -41.57
CA SER G 459 -12.22 22.91 -42.91
C SER G 459 -10.74 22.90 -43.25
N GLU G 460 -9.89 23.29 -42.30
CA GLU G 460 -8.46 23.37 -42.51
C GLU G 460 -7.79 22.13 -41.91
N GLN G 461 -7.40 21.19 -42.77
CA GLN G 461 -6.73 19.98 -42.31
C GLN G 461 -5.21 20.18 -42.33
N ALA G 462 -4.75 20.94 -41.34
CA ALA G 462 -3.33 21.21 -41.19
C ALA G 462 -2.74 20.41 -40.04
N PRO G 463 -1.48 19.97 -40.15
CA PRO G 463 -0.90 19.15 -39.10
C PRO G 463 -0.62 19.95 -37.83
N ILE G 464 -0.52 19.24 -36.73
CA ILE G 464 -0.23 19.82 -35.42
C ILE G 464 1.26 19.68 -35.14
N GLN G 465 1.88 20.77 -34.71
CA GLN G 465 3.30 20.80 -34.40
C GLN G 465 3.51 20.91 -32.89
N GLY G 466 4.68 20.47 -32.44
CA GLY G 466 5.02 20.55 -31.03
C GLY G 466 4.08 19.71 -30.19
N GLU G 467 3.78 20.22 -28.99
CA GLU G 467 2.88 19.57 -28.06
C GLU G 467 1.58 20.33 -27.84
N ALA G 468 1.63 21.66 -27.85
CA ALA G 468 0.44 22.47 -27.61
C ALA G 468 0.58 23.79 -28.34
N ALA G 469 -0.56 24.41 -28.62
CA ALA G 469 -0.60 25.68 -29.34
C ALA G 469 -0.92 26.80 -28.36
N LEU G 470 -0.12 27.87 -28.40
CA LEU G 470 -0.33 29.01 -27.52
C LEU G 470 -1.24 30.02 -28.20
N LEU G 471 -2.22 30.52 -27.44
CA LEU G 471 -3.23 31.42 -27.96
C LEU G 471 -3.26 32.70 -27.15
N HIS G 472 -3.49 33.82 -27.82
CA HIS G 472 -3.75 35.09 -27.14
C HIS G 472 -5.24 35.39 -27.14
N TYR G 473 -5.74 35.90 -26.02
CA TYR G 473 -7.09 36.44 -25.95
C TYR G 473 -6.99 37.94 -26.19
N VAL G 474 -6.81 38.29 -27.45
CA VAL G 474 -6.56 39.67 -27.85
C VAL G 474 -7.89 40.38 -28.07
N ASP G 475 -7.94 41.65 -27.66
CA ASP G 475 -9.10 42.50 -27.86
C ASP G 475 -9.02 43.18 -29.21
N PRO G 476 -10.04 43.08 -30.05
CA PRO G 476 -9.99 43.77 -31.35
C PRO G 476 -9.93 45.29 -31.24
N ASP G 477 -10.30 45.85 -30.07
CA ASP G 477 -10.28 47.29 -29.89
C ASP G 477 -8.85 47.79 -29.72
N THR G 478 -8.18 47.37 -28.65
CA THR G 478 -6.84 47.85 -28.33
C THR G 478 -5.74 46.98 -28.90
N ASN G 479 -6.07 45.83 -29.48
CA ASN G 479 -5.08 44.90 -30.03
C ASN G 479 -4.03 44.52 -28.97
N ARG G 480 -4.49 44.34 -27.74
CA ARG G 480 -3.63 43.96 -26.63
C ARG G 480 -4.02 42.57 -26.13
N ASN G 481 -3.05 41.86 -25.60
CA ASN G 481 -3.27 40.50 -25.10
C ASN G 481 -3.63 40.57 -23.62
N LEU G 482 -4.93 40.66 -23.34
CA LEU G 482 -5.38 40.65 -21.96
C LEU G 482 -5.06 39.33 -21.29
N GLY G 483 -5.25 38.22 -22.00
CA GLY G 483 -4.96 36.92 -21.47
C GLY G 483 -4.41 36.00 -22.55
N GLU G 484 -3.69 34.98 -22.10
CA GLU G 484 -3.08 34.00 -23.00
C GLU G 484 -3.51 32.60 -22.59
N PHE G 485 -3.66 31.73 -23.58
CA PHE G 485 -4.16 30.38 -23.37
C PHE G 485 -3.34 29.40 -24.17
N LYS G 486 -3.30 28.15 -23.69
CA LYS G 486 -2.59 27.08 -24.35
C LYS G 486 -3.61 26.08 -24.90
N LEU G 487 -3.57 25.85 -26.20
CA LEU G 487 -4.52 24.98 -26.88
C LEU G 487 -3.87 23.63 -27.14
N TYR G 488 -4.59 22.55 -26.81
CA TYR G 488 -4.04 21.22 -26.95
C TYR G 488 -4.69 20.49 -28.12
N PRO G 489 -3.98 19.54 -28.73
CA PRO G 489 -4.59 18.76 -29.81
C PRO G 489 -5.79 17.93 -29.37
N GLY G 490 -5.93 17.66 -28.07
CA GLY G 490 -7.08 16.92 -27.58
C GLY G 490 -8.40 17.64 -27.76
N GLY G 491 -8.37 18.95 -28.02
CA GLY G 491 -9.59 19.70 -28.26
C GLY G 491 -10.11 20.43 -27.04
N TYR G 492 -9.21 21.09 -26.30
CA TYR G 492 -9.62 21.85 -25.13
C TYR G 492 -8.56 22.90 -24.83
N LEU G 493 -8.95 23.87 -24.01
CA LEU G 493 -8.13 25.03 -23.70
C LEU G 493 -7.73 25.00 -22.23
N THR G 494 -6.53 25.50 -21.95
CA THR G 494 -5.99 25.50 -20.59
C THR G 494 -5.41 26.87 -20.27
N CYS G 495 -5.40 27.20 -18.98
CA CYS G 495 -4.82 28.45 -18.51
C CYS G 495 -4.49 28.32 -17.03
N VAL G 496 -3.61 29.19 -16.56
CA VAL G 496 -3.16 29.22 -15.18
C VAL G 496 -3.76 30.46 -14.51
N PRO G 497 -4.64 30.30 -13.53
CA PRO G 497 -5.20 31.47 -12.85
C PRO G 497 -4.22 32.09 -11.87
N ASN G 498 -4.46 33.36 -11.57
CA ASN G 498 -3.66 34.03 -10.55
C ASN G 498 -3.87 33.42 -9.17
N SER G 499 -5.12 33.11 -8.83
CA SER G 499 -5.45 32.52 -7.54
C SER G 499 -6.62 31.57 -7.73
N SER G 500 -7.17 31.08 -6.62
CA SER G 500 -8.30 30.17 -6.69
C SER G 500 -9.53 30.84 -7.30
N SER G 501 -9.80 32.09 -6.91
CA SER G 501 -10.94 32.81 -7.44
C SER G 501 -10.59 33.59 -8.71
N THR G 502 -9.58 34.44 -8.64
CA THR G 502 -9.18 35.22 -9.81
C THR G 502 -8.57 34.31 -10.86
N GLY G 503 -9.04 34.47 -12.11
CA GLY G 503 -8.55 33.68 -13.20
C GLY G 503 -9.10 34.14 -14.54
N PRO G 504 -9.41 33.18 -15.42
CA PRO G 504 -9.95 33.54 -16.73
C PRO G 504 -11.31 34.21 -16.68
N GLN G 505 -12.05 34.05 -15.57
CA GLN G 505 -13.38 34.65 -15.48
C GLN G 505 -13.33 36.17 -15.55
N GLN G 506 -12.26 36.78 -15.02
CA GLN G 506 -12.15 38.23 -15.04
C GLN G 506 -11.92 38.78 -16.45
N LEU G 507 -11.53 37.94 -17.40
CA LEU G 507 -11.28 38.41 -18.75
C LEU G 507 -12.59 38.86 -19.40
N PRO G 508 -12.55 39.90 -20.23
CA PRO G 508 -13.77 40.37 -20.88
C PRO G 508 -14.28 39.37 -21.90
N LEU G 509 -15.58 39.47 -22.19
CA LEU G 509 -16.23 38.56 -23.13
C LEU G 509 -16.12 39.03 -24.58
N ASP G 510 -15.59 40.23 -24.82
CA ASP G 510 -15.53 40.80 -26.16
C ASP G 510 -14.22 40.48 -26.89
N GLY G 511 -13.31 39.73 -26.26
CA GLY G 511 -12.03 39.47 -26.87
C GLY G 511 -12.11 38.49 -28.02
N VAL G 512 -10.99 38.37 -28.74
CA VAL G 512 -10.86 37.49 -29.89
C VAL G 512 -9.67 36.58 -29.67
N PHE G 513 -9.84 35.31 -29.99
CA PHE G 513 -8.78 34.32 -29.86
C PHE G 513 -7.97 34.23 -31.14
N VAL G 514 -6.66 34.07 -31.01
CA VAL G 514 -5.75 33.94 -32.13
C VAL G 514 -4.75 32.82 -31.82
N PHE G 515 -3.92 32.51 -32.81
CA PHE G 515 -2.91 31.46 -32.69
C PHE G 515 -1.53 32.07 -32.87
N ALA G 516 -0.61 31.73 -31.97
CA ALA G 516 0.76 32.25 -32.02
C ALA G 516 1.75 31.24 -32.60
N SER G 517 1.87 30.09 -31.95
CA SER G 517 2.89 29.09 -32.30
C SER G 517 2.56 27.82 -31.53
N TRP G 518 3.44 26.83 -31.65
CA TRP G 518 3.26 25.54 -30.99
C TRP G 518 4.27 25.43 -29.86
N VAL G 519 3.78 25.18 -28.64
CA VAL G 519 4.61 25.11 -27.46
C VAL G 519 4.51 23.73 -26.83
N SER G 520 5.25 23.50 -25.74
CA SER G 520 5.26 22.21 -25.07
C SER G 520 5.00 22.38 -23.58
N ARG G 521 5.12 21.28 -22.82
CA ARG G 521 4.98 21.34 -21.37
C ARG G 521 6.09 22.17 -20.73
N PHE G 522 7.21 22.37 -21.42
CA PHE G 522 8.26 23.23 -20.91
C PHE G 522 7.76 24.66 -20.75
N TYR G 523 6.99 25.14 -21.72
CA TYR G 523 6.45 26.50 -21.69
C TYR G 523 5.31 26.56 -20.68
N GLN G 524 5.58 27.12 -19.51
CA GLN G 524 4.57 27.33 -18.49
C GLN G 524 4.03 28.74 -18.62
N LEU G 525 2.73 28.86 -18.89
CA LEU G 525 2.12 30.16 -19.11
C LEU G 525 2.15 31.00 -17.83
N LYS G 526 2.28 32.31 -18.00
CA LYS G 526 2.21 33.23 -16.89
C LYS G 526 0.77 33.27 -16.35
N PRO G 527 0.61 33.52 -15.05
CA PRO G 527 -0.73 33.43 -14.46
C PRO G 527 -1.71 34.41 -15.10
N VAL G 528 -2.94 33.96 -15.29
CA VAL G 528 -3.98 34.72 -15.96
C VAL G 528 -4.97 35.22 -14.92
N GLY G 529 -5.29 36.51 -14.99
CA GLY G 529 -6.23 37.10 -14.06
C GLY G 529 -5.70 38.33 -13.37
N THR G 530 -6.60 39.16 -12.85
CA THR G 530 -6.24 40.39 -12.14
C THR G 530 -6.56 40.19 -10.67
N ALA G 531 -5.53 40.18 -9.83
CA ALA G 531 -5.71 39.98 -8.40
C ALA G 531 -4.98 41.06 -7.61
#